data_3NI8
# 
_entry.id   3NI8 
# 
_audit_conform.dict_name       mmcif_pdbx.dic 
_audit_conform.dict_version    5.387 
_audit_conform.dict_location   http://mmcif.pdb.org/dictionaries/ascii/mmcif_pdbx.dic 
# 
loop_
_database_2.database_id 
_database_2.database_code 
_database_2.pdbx_database_accession 
_database_2.pdbx_DOI 
PDB   3NI8         pdb_00003ni8 10.2210/pdb3ni8/pdb 
RCSB  RCSB059861   ?            ?                   
WWPDB D_1000059861 ?            ?                   
# 
loop_
_pdbx_audit_revision_history.ordinal 
_pdbx_audit_revision_history.data_content_type 
_pdbx_audit_revision_history.major_revision 
_pdbx_audit_revision_history.minor_revision 
_pdbx_audit_revision_history.revision_date 
1 'Structure model' 1 0 2010-08-11 
2 'Structure model' 1 1 2011-07-13 
3 'Structure model' 1 2 2017-11-08 
4 'Structure model' 1 3 2024-02-21 
# 
_pdbx_audit_revision_details.ordinal             1 
_pdbx_audit_revision_details.revision_ordinal    1 
_pdbx_audit_revision_details.data_content_type   'Structure model' 
_pdbx_audit_revision_details.provider            repository 
_pdbx_audit_revision_details.type                'Initial release' 
_pdbx_audit_revision_details.description         ? 
_pdbx_audit_revision_details.details             ? 
# 
loop_
_pdbx_audit_revision_group.ordinal 
_pdbx_audit_revision_group.revision_ordinal 
_pdbx_audit_revision_group.data_content_type 
_pdbx_audit_revision_group.group 
1 2 'Structure model' 'Version format compliance' 
2 3 'Structure model' 'Refinement description'    
3 4 'Structure model' 'Data collection'           
4 4 'Structure model' 'Database references'       
5 4 'Structure model' 'Derived calculations'      
# 
loop_
_pdbx_audit_revision_category.ordinal 
_pdbx_audit_revision_category.revision_ordinal 
_pdbx_audit_revision_category.data_content_type 
_pdbx_audit_revision_category.category 
1 3 'Structure model' software           
2 4 'Structure model' chem_comp_atom     
3 4 'Structure model' chem_comp_bond     
4 4 'Structure model' database_2         
5 4 'Structure model' struct_ref_seq_dif 
6 4 'Structure model' struct_site        
# 
loop_
_pdbx_audit_revision_item.ordinal 
_pdbx_audit_revision_item.revision_ordinal 
_pdbx_audit_revision_item.data_content_type 
_pdbx_audit_revision_item.item 
1 4 'Structure model' '_database_2.pdbx_DOI'                
2 4 'Structure model' '_database_2.pdbx_database_accession' 
3 4 'Structure model' '_struct_ref_seq_dif.details'         
4 4 'Structure model' '_struct_site.pdbx_auth_asym_id'      
5 4 'Structure model' '_struct_site.pdbx_auth_comp_id'      
6 4 'Structure model' '_struct_site.pdbx_auth_seq_id'       
# 
_pdbx_database_status.entry_id                        3NI8 
_pdbx_database_status.deposit_site                    RCSB 
_pdbx_database_status.process_site                    RCSB 
_pdbx_database_status.recvd_initial_deposition_date   2010-06-15 
_pdbx_database_status.status_code                     REL 
_pdbx_database_status.status_code_sf                  REL 
_pdbx_database_status.status_code_mr                  ? 
_pdbx_database_status.SG_entry                        Y 
_pdbx_database_status.pdb_format_compatible           Y 
_pdbx_database_status.status_code_cs                  ? 
_pdbx_database_status.methods_development_category    ? 
_pdbx_database_status.status_code_nmr_data            ? 
# 
loop_
_audit_author.name 
_audit_author.pdbx_ordinal 
'Wernimont, A.K.'                      1  
'Hutchinson, A.'                       2  
'Sullivan, H.'                         3  
'MacKenzie, F.'                        4  
'Kozieradzki, I.'                      5  
'Cossar, D.'                           6  
'Bochkarev, A.'                        7  
'Arrowsmith, C.H.'                     8  
'Edwards, A.M.'                        9  
'Bountra, C.'                          10 
'Weigelt, J.'                          11 
'Hui, R.'                              12 
'Pizzaro, J.C.'                        13 
'Hills, T.'                            14 
'Structural Genomics Consortium (SGC)' 15 
# 
_citation.id                        primary 
_citation.title                     'Crystal Structure of PFC0360w, an HSP90 activator from plasmodium falciparum' 
_citation.journal_abbrev            'To be Published' 
_citation.journal_volume            ? 
_citation.page_first                ? 
_citation.page_last                 ? 
_citation.year                      ? 
_citation.journal_id_ASTM           ? 
_citation.country                   ? 
_citation.journal_id_ISSN           ? 
_citation.journal_id_CSD            0353 
_citation.book_publisher            ? 
_citation.pdbx_database_id_PubMed   ? 
_citation.pdbx_database_id_DOI      ? 
# 
loop_
_citation_author.citation_id 
_citation_author.name 
_citation_author.ordinal 
_citation_author.identifier_ORCID 
primary 'Wernimont, A.K.'  1  ? 
primary 'Hutchinson, A.'   2  ? 
primary 'Sullivan, H.'     3  ? 
primary 'MacKenzie, F.'    4  ? 
primary 'Kozieradzki, I.'  5  ? 
primary 'Cossar, D.'       6  ? 
primary 'Bochkarev, A.'    7  ? 
primary 'Arrowsmith, C.H.' 8  ? 
primary 'Edwards, A.M.'    9  ? 
primary 'Bountra, C.'      10 ? 
primary 'Weigelt, J.'      11 ? 
primary 'Hui, R.'          12 ? 
primary 'Pizzaro, J.C.'    13 ? 
primary 'Hills, T.'        14 ? 
# 
loop_
_entity.id 
_entity.type 
_entity.src_method 
_entity.pdbx_description 
_entity.formula_weight 
_entity.pdbx_number_of_molecules 
_entity.pdbx_ec 
_entity.pdbx_mutation 
_entity.pdbx_fragment 
_entity.details 
1 polymer     man 'PFC0360w protein'  18378.758 1  ? ? ? ? 
2 non-polymer syn 'ISOPROPYL ALCOHOL' 60.095    2  ? ? ? ? 
3 non-polymer syn GLYCEROL            92.094    1  ? ? ? ? 
4 water       nat water               18.015    59 ? ? ? ? 
# 
_entity_poly.entity_id                      1 
_entity_poly.type                           'polypeptide(L)' 
_entity_poly.nstd_linkage                   no 
_entity_poly.nstd_monomer                   no 
_entity_poly.pdbx_seq_one_letter_code       
;MHHHHHHSSGRENLYFQGMSFEITEEYYVPPEVLFNAFTDAYTLTRLSRGSLAEVDLKVGGKFSLFSGSILGEFTEITKP
HKIVEKWKFRDWNECDYSTVTVEFISVKENHTKLKLTHNNIPASNKYNEGGVLERCKNGWTQNFLHNIEVILGYPKKK
;
_entity_poly.pdbx_seq_one_letter_code_can   
;MHHHHHHSSGRENLYFQGMSFEITEEYYVPPEVLFNAFTDAYTLTRLSRGSLAEVDLKVGGKFSLFSGSILGEFTEITKP
HKIVEKWKFRDWNECDYSTVTVEFISVKENHTKLKLTHNNIPASNKYNEGGVLERCKNGWTQNFLHNIEVILGYPKKK
;
_entity_poly.pdbx_strand_id                 A 
_entity_poly.pdbx_target_identifier         ? 
# 
loop_
_pdbx_entity_nonpoly.entity_id 
_pdbx_entity_nonpoly.name 
_pdbx_entity_nonpoly.comp_id 
2 'ISOPROPYL ALCOHOL' IPA 
3 GLYCEROL            GOL 
4 water               HOH 
# 
loop_
_entity_poly_seq.entity_id 
_entity_poly_seq.num 
_entity_poly_seq.mon_id 
_entity_poly_seq.hetero 
1 1   MET n 
1 2   HIS n 
1 3   HIS n 
1 4   HIS n 
1 5   HIS n 
1 6   HIS n 
1 7   HIS n 
1 8   SER n 
1 9   SER n 
1 10  GLY n 
1 11  ARG n 
1 12  GLU n 
1 13  ASN n 
1 14  LEU n 
1 15  TYR n 
1 16  PHE n 
1 17  GLN n 
1 18  GLY n 
1 19  MET n 
1 20  SER n 
1 21  PHE n 
1 22  GLU n 
1 23  ILE n 
1 24  THR n 
1 25  GLU n 
1 26  GLU n 
1 27  TYR n 
1 28  TYR n 
1 29  VAL n 
1 30  PRO n 
1 31  PRO n 
1 32  GLU n 
1 33  VAL n 
1 34  LEU n 
1 35  PHE n 
1 36  ASN n 
1 37  ALA n 
1 38  PHE n 
1 39  THR n 
1 40  ASP n 
1 41  ALA n 
1 42  TYR n 
1 43  THR n 
1 44  LEU n 
1 45  THR n 
1 46  ARG n 
1 47  LEU n 
1 48  SER n 
1 49  ARG n 
1 50  GLY n 
1 51  SER n 
1 52  LEU n 
1 53  ALA n 
1 54  GLU n 
1 55  VAL n 
1 56  ASP n 
1 57  LEU n 
1 58  LYS n 
1 59  VAL n 
1 60  GLY n 
1 61  GLY n 
1 62  LYS n 
1 63  PHE n 
1 64  SER n 
1 65  LEU n 
1 66  PHE n 
1 67  SER n 
1 68  GLY n 
1 69  SER n 
1 70  ILE n 
1 71  LEU n 
1 72  GLY n 
1 73  GLU n 
1 74  PHE n 
1 75  THR n 
1 76  GLU n 
1 77  ILE n 
1 78  THR n 
1 79  LYS n 
1 80  PRO n 
1 81  HIS n 
1 82  LYS n 
1 83  ILE n 
1 84  VAL n 
1 85  GLU n 
1 86  LYS n 
1 87  TRP n 
1 88  LYS n 
1 89  PHE n 
1 90  ARG n 
1 91  ASP n 
1 92  TRP n 
1 93  ASN n 
1 94  GLU n 
1 95  CYS n 
1 96  ASP n 
1 97  TYR n 
1 98  SER n 
1 99  THR n 
1 100 VAL n 
1 101 THR n 
1 102 VAL n 
1 103 GLU n 
1 104 PHE n 
1 105 ILE n 
1 106 SER n 
1 107 VAL n 
1 108 LYS n 
1 109 GLU n 
1 110 ASN n 
1 111 HIS n 
1 112 THR n 
1 113 LYS n 
1 114 LEU n 
1 115 LYS n 
1 116 LEU n 
1 117 THR n 
1 118 HIS n 
1 119 ASN n 
1 120 ASN n 
1 121 ILE n 
1 122 PRO n 
1 123 ALA n 
1 124 SER n 
1 125 ASN n 
1 126 LYS n 
1 127 TYR n 
1 128 ASN n 
1 129 GLU n 
1 130 GLY n 
1 131 GLY n 
1 132 VAL n 
1 133 LEU n 
1 134 GLU n 
1 135 ARG n 
1 136 CYS n 
1 137 LYS n 
1 138 ASN n 
1 139 GLY n 
1 140 TRP n 
1 141 THR n 
1 142 GLN n 
1 143 ASN n 
1 144 PHE n 
1 145 LEU n 
1 146 HIS n 
1 147 ASN n 
1 148 ILE n 
1 149 GLU n 
1 150 VAL n 
1 151 ILE n 
1 152 LEU n 
1 153 GLY n 
1 154 TYR n 
1 155 PRO n 
1 156 LYS n 
1 157 LYS n 
1 158 LYS n 
# 
_entity_src_gen.entity_id                          1 
_entity_src_gen.pdbx_src_id                        1 
_entity_src_gen.pdbx_alt_source_flag               sample 
_entity_src_gen.pdbx_seq_type                      ? 
_entity_src_gen.pdbx_beg_seq_num                   ? 
_entity_src_gen.pdbx_end_seq_num                   ? 
_entity_src_gen.gene_src_common_name               ? 
_entity_src_gen.gene_src_genus                     ? 
_entity_src_gen.pdbx_gene_src_gene                 PFC0360w 
_entity_src_gen.gene_src_species                   ? 
_entity_src_gen.gene_src_strain                    ? 
_entity_src_gen.gene_src_tissue                    ? 
_entity_src_gen.gene_src_tissue_fraction           ? 
_entity_src_gen.gene_src_details                   ? 
_entity_src_gen.pdbx_gene_src_fragment             ? 
_entity_src_gen.pdbx_gene_src_scientific_name      'Plasmodium falciparum' 
_entity_src_gen.pdbx_gene_src_ncbi_taxonomy_id     5833 
_entity_src_gen.pdbx_gene_src_variant              ? 
_entity_src_gen.pdbx_gene_src_cell_line            ? 
_entity_src_gen.pdbx_gene_src_atcc                 ? 
_entity_src_gen.pdbx_gene_src_organ                ? 
_entity_src_gen.pdbx_gene_src_organelle            ? 
_entity_src_gen.pdbx_gene_src_cell                 ? 
_entity_src_gen.pdbx_gene_src_cellular_location    ? 
_entity_src_gen.host_org_common_name               ? 
_entity_src_gen.pdbx_host_org_scientific_name      'Escherichia coli' 
_entity_src_gen.pdbx_host_org_ncbi_taxonomy_id     562 
_entity_src_gen.host_org_genus                     ? 
_entity_src_gen.pdbx_host_org_gene                 ? 
_entity_src_gen.pdbx_host_org_organ                ? 
_entity_src_gen.host_org_species                   ? 
_entity_src_gen.pdbx_host_org_tissue               ? 
_entity_src_gen.pdbx_host_org_tissue_fraction      ? 
_entity_src_gen.pdbx_host_org_strain               dh5a 
_entity_src_gen.pdbx_host_org_variant              ? 
_entity_src_gen.pdbx_host_org_cell_line            ? 
_entity_src_gen.pdbx_host_org_atcc                 ? 
_entity_src_gen.pdbx_host_org_culture_collection   ? 
_entity_src_gen.pdbx_host_org_cell                 ? 
_entity_src_gen.pdbx_host_org_organelle            ? 
_entity_src_gen.pdbx_host_org_cellular_location    ? 
_entity_src_gen.pdbx_host_org_vector_type          plasmid 
_entity_src_gen.pdbx_host_org_vector               ? 
_entity_src_gen.host_org_details                   ? 
_entity_src_gen.expression_system_id               ? 
_entity_src_gen.plasmid_name                       pet15mlh 
_entity_src_gen.plasmid_details                    ? 
_entity_src_gen.pdbx_description                   ? 
# 
loop_
_chem_comp.id 
_chem_comp.type 
_chem_comp.mon_nstd_flag 
_chem_comp.name 
_chem_comp.pdbx_synonyms 
_chem_comp.formula 
_chem_comp.formula_weight 
ALA 'L-peptide linking' y ALANINE             ?                               'C3 H7 N O2'     89.093  
ARG 'L-peptide linking' y ARGININE            ?                               'C6 H15 N4 O2 1' 175.209 
ASN 'L-peptide linking' y ASPARAGINE          ?                               'C4 H8 N2 O3'    132.118 
ASP 'L-peptide linking' y 'ASPARTIC ACID'     ?                               'C4 H7 N O4'     133.103 
CYS 'L-peptide linking' y CYSTEINE            ?                               'C3 H7 N O2 S'   121.158 
GLN 'L-peptide linking' y GLUTAMINE           ?                               'C5 H10 N2 O3'   146.144 
GLU 'L-peptide linking' y 'GLUTAMIC ACID'     ?                               'C5 H9 N O4'     147.129 
GLY 'peptide linking'   y GLYCINE             ?                               'C2 H5 N O2'     75.067  
GOL non-polymer         . GLYCEROL            'GLYCERIN; PROPANE-1,2,3-TRIOL' 'C3 H8 O3'       92.094  
HIS 'L-peptide linking' y HISTIDINE           ?                               'C6 H10 N3 O2 1' 156.162 
HOH non-polymer         . WATER               ?                               'H2 O'           18.015  
ILE 'L-peptide linking' y ISOLEUCINE          ?                               'C6 H13 N O2'    131.173 
IPA non-polymer         . 'ISOPROPYL ALCOHOL' 2-PROPANOL                      'C3 H8 O'        60.095  
LEU 'L-peptide linking' y LEUCINE             ?                               'C6 H13 N O2'    131.173 
LYS 'L-peptide linking' y LYSINE              ?                               'C6 H15 N2 O2 1' 147.195 
MET 'L-peptide linking' y METHIONINE          ?                               'C5 H11 N O2 S'  149.211 
PHE 'L-peptide linking' y PHENYLALANINE       ?                               'C9 H11 N O2'    165.189 
PRO 'L-peptide linking' y PROLINE             ?                               'C5 H9 N O2'     115.130 
SER 'L-peptide linking' y SERINE              ?                               'C3 H7 N O3'     105.093 
THR 'L-peptide linking' y THREONINE           ?                               'C4 H9 N O3'     119.119 
TRP 'L-peptide linking' y TRYPTOPHAN          ?                               'C11 H12 N2 O2'  204.225 
TYR 'L-peptide linking' y TYROSINE            ?                               'C9 H11 N O3'    181.189 
VAL 'L-peptide linking' y VALINE              ?                               'C5 H11 N O2'    117.146 
# 
loop_
_pdbx_poly_seq_scheme.asym_id 
_pdbx_poly_seq_scheme.entity_id 
_pdbx_poly_seq_scheme.seq_id 
_pdbx_poly_seq_scheme.mon_id 
_pdbx_poly_seq_scheme.ndb_seq_num 
_pdbx_poly_seq_scheme.pdb_seq_num 
_pdbx_poly_seq_scheme.auth_seq_num 
_pdbx_poly_seq_scheme.pdb_mon_id 
_pdbx_poly_seq_scheme.auth_mon_id 
_pdbx_poly_seq_scheme.pdb_strand_id 
_pdbx_poly_seq_scheme.pdb_ins_code 
_pdbx_poly_seq_scheme.hetero 
A 1 1   MET 1   1   ?   ?   ?   A . n 
A 1 2   HIS 2   2   ?   ?   ?   A . n 
A 1 3   HIS 3   3   ?   ?   ?   A . n 
A 1 4   HIS 4   4   ?   ?   ?   A . n 
A 1 5   HIS 5   5   ?   ?   ?   A . n 
A 1 6   HIS 6   6   ?   ?   ?   A . n 
A 1 7   HIS 7   7   ?   ?   ?   A . n 
A 1 8   SER 8   8   ?   ?   ?   A . n 
A 1 9   SER 9   9   ?   ?   ?   A . n 
A 1 10  GLY 10  10  ?   ?   ?   A . n 
A 1 11  ARG 11  11  ?   ?   ?   A . n 
A 1 12  GLU 12  12  ?   ?   ?   A . n 
A 1 13  ASN 13  13  ?   ?   ?   A . n 
A 1 14  LEU 14  14  ?   ?   ?   A . n 
A 1 15  TYR 15  15  ?   ?   ?   A . n 
A 1 16  PHE 16  16  ?   ?   ?   A . n 
A 1 17  GLN 17  17  ?   ?   ?   A . n 
A 1 18  GLY 18  18  18  GLY GLY A . n 
A 1 19  MET 19  19  19  MET MET A . n 
A 1 20  SER 20  20  20  SER SER A . n 
A 1 21  PHE 21  21  21  PHE PHE A . n 
A 1 22  GLU 22  22  22  GLU GLU A . n 
A 1 23  ILE 23  23  23  ILE ILE A . n 
A 1 24  THR 24  24  24  THR THR A . n 
A 1 25  GLU 25  25  25  GLU GLU A . n 
A 1 26  GLU 26  26  26  GLU GLU A . n 
A 1 27  TYR 27  27  27  TYR TYR A . n 
A 1 28  TYR 28  28  28  TYR TYR A . n 
A 1 29  VAL 29  29  29  VAL VAL A . n 
A 1 30  PRO 30  30  30  PRO PRO A . n 
A 1 31  PRO 31  31  31  PRO PRO A . n 
A 1 32  GLU 32  32  32  GLU GLU A . n 
A 1 33  VAL 33  33  33  VAL VAL A . n 
A 1 34  LEU 34  34  34  LEU LEU A . n 
A 1 35  PHE 35  35  35  PHE PHE A . n 
A 1 36  ASN 36  36  36  ASN ASN A . n 
A 1 37  ALA 37  37  37  ALA ALA A . n 
A 1 38  PHE 38  38  38  PHE PHE A . n 
A 1 39  THR 39  39  39  THR THR A . n 
A 1 40  ASP 40  40  40  ASP ASP A . n 
A 1 41  ALA 41  41  41  ALA ALA A . n 
A 1 42  TYR 42  42  42  TYR TYR A . n 
A 1 43  THR 43  43  43  THR THR A . n 
A 1 44  LEU 44  44  44  LEU LEU A . n 
A 1 45  THR 45  45  45  THR THR A . n 
A 1 46  ARG 46  46  46  ARG ARG A . n 
A 1 47  LEU 47  47  47  LEU LEU A . n 
A 1 48  SER 48  48  48  SER SER A . n 
A 1 49  ARG 49  49  49  ARG ARG A . n 
A 1 50  GLY 50  50  50  GLY GLY A . n 
A 1 51  SER 51  51  51  SER SER A . n 
A 1 52  LEU 52  52  52  LEU LEU A . n 
A 1 53  ALA 53  53  53  ALA ALA A . n 
A 1 54  GLU 54  54  54  GLU GLU A . n 
A 1 55  VAL 55  55  55  VAL VAL A . n 
A 1 56  ASP 56  56  56  ASP ASP A . n 
A 1 57  LEU 57  57  57  LEU LEU A . n 
A 1 58  LYS 58  58  58  LYS LYS A . n 
A 1 59  VAL 59  59  59  VAL VAL A . n 
A 1 60  GLY 60  60  60  GLY GLY A . n 
A 1 61  GLY 61  61  61  GLY GLY A . n 
A 1 62  LYS 62  62  62  LYS LYS A . n 
A 1 63  PHE 63  63  63  PHE PHE A . n 
A 1 64  SER 64  64  64  SER SER A . n 
A 1 65  LEU 65  65  65  LEU LEU A . n 
A 1 66  PHE 66  66  66  PHE PHE A . n 
A 1 67  SER 67  67  67  SER SER A . n 
A 1 68  GLY 68  68  68  GLY GLY A . n 
A 1 69  SER 69  69  69  SER SER A . n 
A 1 70  ILE 70  70  70  ILE ILE A . n 
A 1 71  LEU 71  71  71  LEU LEU A . n 
A 1 72  GLY 72  72  72  GLY GLY A . n 
A 1 73  GLU 73  73  73  GLU GLU A . n 
A 1 74  PHE 74  74  74  PHE PHE A . n 
A 1 75  THR 75  75  75  THR THR A . n 
A 1 76  GLU 76  76  76  GLU GLU A . n 
A 1 77  ILE 77  77  77  ILE ILE A . n 
A 1 78  THR 78  78  78  THR THR A . n 
A 1 79  LYS 79  79  79  LYS LYS A . n 
A 1 80  PRO 80  80  80  PRO PRO A . n 
A 1 81  HIS 81  81  81  HIS HIS A . n 
A 1 82  LYS 82  82  82  LYS LYS A . n 
A 1 83  ILE 83  83  83  ILE ILE A . n 
A 1 84  VAL 84  84  84  VAL VAL A . n 
A 1 85  GLU 85  85  85  GLU GLU A . n 
A 1 86  LYS 86  86  86  LYS LYS A . n 
A 1 87  TRP 87  87  87  TRP TRP A . n 
A 1 88  LYS 88  88  88  LYS LYS A . n 
A 1 89  PHE 89  89  89  PHE PHE A . n 
A 1 90  ARG 90  90  90  ARG ARG A . n 
A 1 91  ASP 91  91  91  ASP ASP A . n 
A 1 92  TRP 92  92  92  TRP TRP A . n 
A 1 93  ASN 93  93  93  ASN ASN A . n 
A 1 94  GLU 94  94  94  GLU GLU A . n 
A 1 95  CYS 95  95  95  CYS CYS A . n 
A 1 96  ASP 96  96  96  ASP ASP A . n 
A 1 97  TYR 97  97  97  TYR TYR A . n 
A 1 98  SER 98  98  98  SER SER A . n 
A 1 99  THR 99  99  99  THR THR A . n 
A 1 100 VAL 100 100 100 VAL VAL A . n 
A 1 101 THR 101 101 101 THR THR A . n 
A 1 102 VAL 102 102 102 VAL VAL A . n 
A 1 103 GLU 103 103 103 GLU GLU A . n 
A 1 104 PHE 104 104 104 PHE PHE A . n 
A 1 105 ILE 105 105 105 ILE ILE A . n 
A 1 106 SER 106 106 106 SER SER A . n 
A 1 107 VAL 107 107 107 VAL VAL A . n 
A 1 108 LYS 108 108 108 LYS LYS A . n 
A 1 109 GLU 109 109 109 GLU GLU A . n 
A 1 110 ASN 110 110 110 ASN ASN A . n 
A 1 111 HIS 111 111 111 HIS HIS A . n 
A 1 112 THR 112 112 112 THR THR A . n 
A 1 113 LYS 113 113 113 LYS LYS A . n 
A 1 114 LEU 114 114 114 LEU LEU A . n 
A 1 115 LYS 115 115 115 LYS LYS A . n 
A 1 116 LEU 116 116 116 LEU LEU A . n 
A 1 117 THR 117 117 117 THR THR A . n 
A 1 118 HIS 118 118 118 HIS HIS A . n 
A 1 119 ASN 119 119 119 ASN ASN A . n 
A 1 120 ASN 120 120 120 ASN ASN A . n 
A 1 121 ILE 121 121 121 ILE ILE A . n 
A 1 122 PRO 122 122 122 PRO PRO A . n 
A 1 123 ALA 123 123 123 ALA ALA A . n 
A 1 124 SER 124 124 124 SER SER A . n 
A 1 125 ASN 125 125 125 ASN ASN A . n 
A 1 126 LYS 126 126 126 LYS LYS A . n 
A 1 127 TYR 127 127 127 TYR TYR A . n 
A 1 128 ASN 128 128 128 ASN ASN A . n 
A 1 129 GLU 129 129 129 GLU GLU A . n 
A 1 130 GLY 130 130 130 GLY GLY A . n 
A 1 131 GLY 131 131 131 GLY GLY A . n 
A 1 132 VAL 132 132 132 VAL VAL A . n 
A 1 133 LEU 133 133 133 LEU LEU A . n 
A 1 134 GLU 134 134 134 GLU GLU A . n 
A 1 135 ARG 135 135 135 ARG ARG A . n 
A 1 136 CYS 136 136 136 CYS CYS A . n 
A 1 137 LYS 137 137 137 LYS LYS A . n 
A 1 138 ASN 138 138 138 ASN ASN A . n 
A 1 139 GLY 139 139 139 GLY GLY A . n 
A 1 140 TRP 140 140 140 TRP TRP A . n 
A 1 141 THR 141 141 141 THR THR A . n 
A 1 142 GLN 142 142 142 GLN GLN A . n 
A 1 143 ASN 143 143 143 ASN ASN A . n 
A 1 144 PHE 144 144 144 PHE PHE A . n 
A 1 145 LEU 145 145 145 LEU LEU A . n 
A 1 146 HIS 146 146 146 HIS HIS A . n 
A 1 147 ASN 147 147 147 ASN ASN A . n 
A 1 148 ILE 148 148 148 ILE ILE A . n 
A 1 149 GLU 149 149 149 GLU GLU A . n 
A 1 150 VAL 150 150 150 VAL VAL A . n 
A 1 151 ILE 151 151 151 ILE ILE A . n 
A 1 152 LEU 152 152 152 LEU LEU A . n 
A 1 153 GLY 153 153 153 GLY GLY A . n 
A 1 154 TYR 154 154 154 TYR TYR A . n 
A 1 155 PRO 155 155 155 PRO PRO A . n 
A 1 156 LYS 156 156 156 LYS LYS A . n 
A 1 157 LYS 157 157 157 LYS LYS A . n 
A 1 158 LYS 158 158 ?   ?   ?   A . n 
# 
loop_
_pdbx_nonpoly_scheme.asym_id 
_pdbx_nonpoly_scheme.entity_id 
_pdbx_nonpoly_scheme.mon_id 
_pdbx_nonpoly_scheme.ndb_seq_num 
_pdbx_nonpoly_scheme.pdb_seq_num 
_pdbx_nonpoly_scheme.auth_seq_num 
_pdbx_nonpoly_scheme.pdb_mon_id 
_pdbx_nonpoly_scheme.auth_mon_id 
_pdbx_nonpoly_scheme.pdb_strand_id 
_pdbx_nonpoly_scheme.pdb_ins_code 
B 2 IPA 1  159 1   IPA IPA A . 
C 2 IPA 1  160 1   IPA IPA A . 
D 3 GOL 1  161 1   GOL GOL A . 
E 4 HOH 1  162 1   HOH HOH A . 
E 4 HOH 2  163 2   HOH HOH A . 
E 4 HOH 3  164 3   HOH HOH A . 
E 4 HOH 4  165 4   HOH HOH A . 
E 4 HOH 5  166 7   HOH HOH A . 
E 4 HOH 6  167 10  HOH HOH A . 
E 4 HOH 7  168 11  HOH HOH A . 
E 4 HOH 8  169 13  HOH HOH A . 
E 4 HOH 9  170 14  HOH HOH A . 
E 4 HOH 10 171 17  HOH HOH A . 
E 4 HOH 11 172 26  HOH HOH A . 
E 4 HOH 12 173 27  HOH HOH A . 
E 4 HOH 13 174 31  HOH HOH A . 
E 4 HOH 14 175 32  HOH HOH A . 
E 4 HOH 15 176 35  HOH HOH A . 
E 4 HOH 16 177 37  HOH HOH A . 
E 4 HOH 17 178 38  HOH HOH A . 
E 4 HOH 18 179 41  HOH HOH A . 
E 4 HOH 19 180 43  HOH HOH A . 
E 4 HOH 20 181 46  HOH HOH A . 
E 4 HOH 21 182 48  HOH HOH A . 
E 4 HOH 22 183 55  HOH HOH A . 
E 4 HOH 23 184 58  HOH HOH A . 
E 4 HOH 24 185 59  HOH HOH A . 
E 4 HOH 25 186 61  HOH HOH A . 
E 4 HOH 26 187 62  HOH HOH A . 
E 4 HOH 27 188 66  HOH HOH A . 
E 4 HOH 28 189 72  HOH HOH A . 
E 4 HOH 29 190 74  HOH HOH A . 
E 4 HOH 30 191 86  HOH HOH A . 
E 4 HOH 31 192 88  HOH HOH A . 
E 4 HOH 32 193 89  HOH HOH A . 
E 4 HOH 33 194 90  HOH HOH A . 
E 4 HOH 34 195 91  HOH HOH A . 
E 4 HOH 35 196 92  HOH HOH A . 
E 4 HOH 36 197 93  HOH HOH A . 
E 4 HOH 37 198 94  HOH HOH A . 
E 4 HOH 38 199 96  HOH HOH A . 
E 4 HOH 39 200 97  HOH HOH A . 
E 4 HOH 40 201 99  HOH HOH A . 
E 4 HOH 41 202 100 HOH HOH A . 
E 4 HOH 42 203 101 HOH HOH A . 
E 4 HOH 43 204 103 HOH HOH A . 
E 4 HOH 44 205 104 HOH HOH A . 
E 4 HOH 45 206 105 HOH HOH A . 
E 4 HOH 46 207 106 HOH HOH A . 
E 4 HOH 47 208 107 HOH HOH A . 
E 4 HOH 48 209 108 HOH HOH A . 
E 4 HOH 49 210 109 HOH HOH A . 
E 4 HOH 50 211 110 HOH HOH A . 
E 4 HOH 51 212 111 HOH HOH A . 
E 4 HOH 52 213 112 HOH HOH A . 
E 4 HOH 53 214 113 HOH HOH A . 
E 4 HOH 54 215 114 HOH HOH A . 
E 4 HOH 55 216 115 HOH HOH A . 
E 4 HOH 56 217 116 HOH HOH A . 
E 4 HOH 57 218 117 HOH HOH A . 
E 4 HOH 58 219 118 HOH HOH A . 
E 4 HOH 59 220 119 HOH HOH A . 
# 
loop_
_software.pdbx_ordinal 
_software.name 
_software.version 
_software.date 
_software.type 
_software.contact_author 
_software.contact_author_email 
_software.classification 
_software.location 
_software.language 
_software.citation_id 
1 DENZO       .     ?               package 'Zbyszek Otwinowski' hkl@hkl-xray.com            'data reduction'  
http://www.hkl-xray.com/                     ?          ? 
2 SCALEPACK   .     ?               package 'Zbyszek Otwinowski' hkl@hkl-xray.com            'data scaling'    
http://www.hkl-xray.com/                     ?          ? 
3 PHASER      .     ?               program 'Randy J. Read'      cimr-phaser@lists.cam.ac.uk phasing           
http://www-structmed.cimr.cam.ac.uk/phaser/  ?          ? 
4 REFMAC      .     ?               program 'Garib N. Murshudov' garib@ysbl.york.ac.uk       refinement        
http://www.ccp4.ac.uk/dist/html/refmac5.html Fortran_77 ? 
5 PDB_EXTRACT 3.100 'May. 21, 2010' package PDB                  help@deposit.rcsb.org       'data extraction' 
http://sw-tools.pdb.org/apps/PDB_EXTRACT/    C++        ? 
# 
_cell.length_a           96.658 
_cell.length_b           96.658 
_cell.length_c           44.288 
_cell.angle_alpha        90.000 
_cell.angle_beta         90.000 
_cell.angle_gamma        120.000 
_cell.entry_id           3NI8 
_cell.pdbx_unique_axis   ? 
_cell.Z_PDB              6 
_cell.length_a_esd       ? 
_cell.length_b_esd       ? 
_cell.length_c_esd       ? 
_cell.angle_alpha_esd    ? 
_cell.angle_beta_esd     ? 
_cell.angle_gamma_esd    ? 
# 
_symmetry.space_group_name_H-M             'P 31 2 1' 
_symmetry.entry_id                         3NI8 
_symmetry.Int_Tables_number                152 
_symmetry.pdbx_full_space_group_name_H-M   ? 
_symmetry.cell_setting                     ? 
_symmetry.space_group_name_Hall            ? 
# 
_exptl.crystals_number   1 
_exptl.entry_id          3NI8 
_exptl.method            'X-RAY DIFFRACTION' 
# 
_exptl_crystal.id                    1 
_exptl_crystal.density_Matthews      3.25 
_exptl_crystal.density_meas          ? 
_exptl_crystal.density_percent_sol   62.15 
_exptl_crystal.description           ? 
_exptl_crystal.F_000                 ? 
_exptl_crystal.preparation           ? 
# 
_exptl_crystal_grow.crystal_id      1 
_exptl_crystal_grow.method          'VAPOR DIFFUSION, SITTING DROP' 
_exptl_crystal_grow.pH              5.6 
_exptl_crystal_grow.temp            293 
_exptl_crystal_grow.temp_details    ? 
_exptl_crystal_grow.pdbx_details    
'20% isopropanol, 20% PEG 4000, 0.1M Na Citrate pH 5.6, VAPOR DIFFUSION, SITTING DROP, temperature 293K' 
_exptl_crystal_grow.pdbx_pH_range   ? 
# 
_diffrn.id                     1 
_diffrn.ambient_temp           100 
_diffrn.ambient_temp_details   ? 
_diffrn.crystal_id             1 
# 
_diffrn_detector.diffrn_id              1 
_diffrn_detector.detector               CCD 
_diffrn_detector.type                   'RIGAKU SATURN A200' 
_diffrn_detector.pdbx_collection_date   2010-05-20 
_diffrn_detector.details                ? 
# 
_diffrn_radiation.diffrn_id                        1 
_diffrn_radiation.wavelength_id                    1 
_diffrn_radiation.pdbx_diffrn_protocol             'SINGLE WAVELENGTH' 
_diffrn_radiation.monochromator                    ? 
_diffrn_radiation.pdbx_monochromatic_or_laue_m_l   M 
_diffrn_radiation.pdbx_scattering_type             x-ray 
# 
_diffrn_radiation_wavelength.id           1 
_diffrn_radiation_wavelength.wavelength   1.5418 
_diffrn_radiation_wavelength.wt           1.0 
# 
_diffrn_source.diffrn_id                   1 
_diffrn_source.source                      'ROTATING ANODE' 
_diffrn_source.type                        'RIGAKU FR-E+ SUPERBRIGHT' 
_diffrn_source.pdbx_wavelength             ? 
_diffrn_source.pdbx_wavelength_list        1.5418 
_diffrn_source.pdbx_synchrotron_site       ? 
_diffrn_source.pdbx_synchrotron_beamline   ? 
# 
_reflns.entry_id                     3NI8 
_reflns.d_resolution_high            2.500 
_reflns.d_resolution_low             32.7 
_reflns.number_obs                   8517 
_reflns.pdbx_Rmerge_I_obs            0.159 
_reflns.pdbx_netI_over_sigmaI        2.800 
_reflns.pdbx_chi_squared             0.378 
_reflns.pdbx_redundancy              10.600 
_reflns.percent_possible_obs         99.900 
_reflns.observed_criterion_sigma_F   1 
_reflns.observed_criterion_sigma_I   1 
_reflns.number_all                   8525 
_reflns.pdbx_Rsym_value              .124 
_reflns.B_iso_Wilson_estimate        48.5 
_reflns.R_free_details               ? 
_reflns.limit_h_max                  ? 
_reflns.limit_h_min                  ? 
_reflns.limit_k_max                  ? 
_reflns.limit_k_min                  ? 
_reflns.limit_l_max                  ? 
_reflns.limit_l_min                  ? 
_reflns.observed_criterion_F_max     ? 
_reflns.observed_criterion_F_min     ? 
_reflns.pdbx_scaling_rejects         ? 
_reflns.pdbx_diffrn_id               1 
_reflns.pdbx_ordinal                 1 
# 
_reflns_shell.d_res_high             2.50 
_reflns_shell.d_res_low              2.54 
_reflns_shell.number_measured_obs    ? 
_reflns_shell.number_measured_all    ? 
_reflns_shell.number_unique_obs      ? 
_reflns_shell.Rmerge_I_obs           0.836 
_reflns_shell.meanI_over_sigI_obs    1.42 
_reflns_shell.pdbx_Rsym_value        ? 
_reflns_shell.pdbx_chi_squared       0.258 
_reflns_shell.pdbx_redundancy        9.00 
_reflns_shell.percent_possible_obs   ? 
_reflns_shell.number_unique_all      410 
_reflns_shell.percent_possible_all   98.60 
_reflns_shell.pdbx_diffrn_id         ? 
_reflns_shell.pdbx_ordinal           1 
# 
_refine.entry_id                                 3NI8 
_refine.ls_d_res_high                            2.500 
_refine.ls_d_res_low                             32.7 
_refine.pdbx_ls_sigma_F                          0.00 
_refine.pdbx_data_cutoff_high_absF               ? 
_refine.pdbx_data_cutoff_low_absF                ? 
_refine.ls_percent_reflns_obs                    98.780 
_refine.ls_number_reflns_obs                     8402 
_refine.ls_number_reflns_all                     8505 
_refine.pdbx_ls_cross_valid_method               THROUGHOUT 
_refine.pdbx_R_Free_selection_details            RANDOM 
_refine.details                                  
'HYDROGENS HAVE BEEN ADDED IN THE RIDING POSITIONS U VALUES      : REFINED INDIVIDUALLY' 
_refine.ls_R_factor_all                          .226 
_refine.ls_R_factor_obs                          0.226 
_refine.ls_R_factor_R_work                       0.224 
_refine.ls_wR_factor_R_work                      0.188 
_refine.ls_R_factor_R_free                       0.261 
_refine.ls_wR_factor_R_free                      0.213 
_refine.ls_percent_reflns_R_free                 4.700 
_refine.ls_number_reflns_R_free                  394 
_refine.ls_R_factor_R_free_error                 ? 
_refine.B_iso_mean                               29.609 
_refine.solvent_model_param_bsol                 ? 
_refine.solvent_model_param_ksol                 ? 
_refine.pdbx_isotropic_thermal_model             ? 
_refine.aniso_B[1][1]                            -0.130 
_refine.aniso_B[2][2]                            -0.130 
_refine.aniso_B[3][3]                            0.200 
_refine.aniso_B[1][2]                            -0.070 
_refine.aniso_B[1][3]                            0.000 
_refine.aniso_B[2][3]                            0.000 
_refine.correlation_coeff_Fo_to_Fc               0.914 
_refine.correlation_coeff_Fo_to_Fc_free          0.892 
_refine.overall_SU_R_Cruickshank_DPI             0.380 
_refine.overall_SU_R_free                        0.266 
_refine.pdbx_overall_ESU_R_Free                  0.266 
_refine.overall_SU_ML                            0.205 
_refine.overall_SU_B                             8.811 
_refine.solvent_model_details                    MASK 
_refine.pdbx_solvent_vdw_probe_radii             1.400 
_refine.pdbx_solvent_ion_probe_radii             0.800 
_refine.pdbx_solvent_shrinkage_radii             0.800 
_refine.ls_number_parameters                     ? 
_refine.ls_number_restraints                     ? 
_refine.pdbx_starting_model                      ? 
_refine.pdbx_method_to_determine_struct          'MOLECULAR REPLACEMENT' 
_refine.pdbx_stereochemistry_target_values       'MAXIMUM LIKELIHOOD' 
_refine.pdbx_stereochem_target_val_spec_case     ? 
_refine.overall_FOM_work_R_set                   0.792 
_refine.B_iso_max                                62.81 
_refine.B_iso_min                                15.43 
_refine.occupancy_max                            1.00 
_refine.occupancy_min                            0.50 
_refine.pdbx_ls_sigma_I                          ? 
_refine.ls_redundancy_reflns_obs                 ? 
_refine.ls_R_factor_R_free_error_details         ? 
_refine.pdbx_data_cutoff_high_rms_absF           ? 
_refine.overall_FOM_free_R_set                   ? 
_refine.pdbx_overall_phase_error                 ? 
_refine.pdbx_refine_id                           'X-RAY DIFFRACTION' 
_refine.pdbx_overall_ESU_R                       ? 
_refine.pdbx_diffrn_id                           1 
_refine.pdbx_TLS_residual_ADP_flag               ? 
_refine.pdbx_overall_SU_R_free_Cruickshank_DPI   ? 
_refine.pdbx_overall_SU_R_Blow_DPI               ? 
_refine.pdbx_overall_SU_R_free_Blow_DPI          ? 
# 
_refine_hist.pdbx_refine_id                   'X-RAY DIFFRACTION' 
_refine_hist.cycle_id                         LAST 
_refine_hist.pdbx_number_atoms_protein        1137 
_refine_hist.pdbx_number_atoms_nucleic_acid   0 
_refine_hist.pdbx_number_atoms_ligand         14 
_refine_hist.number_atoms_solvent             59 
_refine_hist.number_atoms_total               1210 
_refine_hist.d_res_high                       2.500 
_refine_hist.d_res_low                        32.7 
# 
loop_
_refine_ls_restr.type 
_refine_ls_restr.number 
_refine_ls_restr.dev_ideal 
_refine_ls_restr.dev_ideal_target 
_refine_ls_restr.weight 
_refine_ls_restr.pdbx_refine_id 
_refine_ls_restr.pdbx_restraint_function 
r_bond_refined_d       1256 0.012  0.022  ? 'X-RAY DIFFRACTION' ? 
r_angle_refined_deg    1708 1.392  1.944  ? 'X-RAY DIFFRACTION' ? 
r_dihedral_angle_1_deg 155  6.739  5.000  ? 'X-RAY DIFFRACTION' ? 
r_dihedral_angle_2_deg 61   37.376 24.754 ? 'X-RAY DIFFRACTION' ? 
r_dihedral_angle_3_deg 216  16.642 15.000 ? 'X-RAY DIFFRACTION' ? 
r_dihedral_angle_4_deg 4    27.167 15.000 ? 'X-RAY DIFFRACTION' ? 
r_chiral_restr         179  0.103  0.200  ? 'X-RAY DIFFRACTION' ? 
r_gen_planes_refined   971  0.005  0.021  ? 'X-RAY DIFFRACTION' ? 
r_mcbond_it            742  0.609  1.500  ? 'X-RAY DIFFRACTION' ? 
r_mcangle_it           1215 1.201  2.000  ? 'X-RAY DIFFRACTION' ? 
r_scbond_it            514  1.851  3.000  ? 'X-RAY DIFFRACTION' ? 
r_scangle_it           493  3.175  4.500  ? 'X-RAY DIFFRACTION' ? 
# 
_refine_ls_shell.d_res_high                       2.500 
_refine_ls_shell.d_res_low                        2.562 
_refine_ls_shell.pdbx_total_number_of_bins_used   20 
_refine_ls_shell.percent_reflns_obs               99.840 
_refine_ls_shell.number_reflns_R_work             587 
_refine_ls_shell.R_factor_all                     ? 
_refine_ls_shell.R_factor_R_work                  0.291 
_refine_ls_shell.R_factor_R_free                  0.378 
_refine_ls_shell.percent_reflns_R_free            ? 
_refine_ls_shell.number_reflns_R_free             27 
_refine_ls_shell.R_factor_R_free_error            ? 
_refine_ls_shell.number_reflns_all                614 
_refine_ls_shell.number_reflns_obs                ? 
_refine_ls_shell.redundancy_reflns_obs            ? 
_refine_ls_shell.pdbx_refine_id                   'X-RAY DIFFRACTION' 
# 
_struct.entry_id                  3NI8 
_struct.title                     'Crystal Structure of PFC0360w, an HSP90 activator from plasmodium falciparum' 
_struct.pdbx_model_details        ? 
_struct.pdbx_CASP_flag            ? 
_struct.pdbx_model_type_details   ? 
# 
_struct_keywords.entry_id        3NI8 
_struct_keywords.pdbx_keywords   'UNKNOWN FUNCTION' 
_struct_keywords.text            'heat shock, malaria, ATPase, Structural Genomics Consortium, SGC, UNKNOWN FUNCTION' 
# 
loop_
_struct_asym.id 
_struct_asym.pdbx_blank_PDB_chainid_flag 
_struct_asym.pdbx_modified 
_struct_asym.entity_id 
_struct_asym.details 
A N N 1 ? 
B N N 2 ? 
C N N 2 ? 
D N N 3 ? 
E N N 4 ? 
# 
_struct_ref.id                         1 
_struct_ref.db_name                    UNP 
_struct_ref.db_code                    Q689C4_PLAFA 
_struct_ref.pdbx_db_accession          Q689C4 
_struct_ref.entity_id                  1 
_struct_ref.pdbx_seq_one_letter_code   
;MSFEITEEYYVPPEVLFNAFTDAYTLTRLSRGSLAEVDLKVGGKFSLFSGSILGEFTEITKPHKIVEKWKFRDWNECDYS
TVTVEFISVKENHTKLKLTHNNIPASNKYNEGGVLERCKNGWTQNFLHNIEVILGYPKKK
;
_struct_ref.pdbx_align_begin           1 
_struct_ref.pdbx_db_isoform            ? 
# 
_struct_ref_seq.align_id                      1 
_struct_ref_seq.ref_id                        1 
_struct_ref_seq.pdbx_PDB_id_code              3NI8 
_struct_ref_seq.pdbx_strand_id                A 
_struct_ref_seq.seq_align_beg                 19 
_struct_ref_seq.pdbx_seq_align_beg_ins_code   ? 
_struct_ref_seq.seq_align_end                 158 
_struct_ref_seq.pdbx_seq_align_end_ins_code   ? 
_struct_ref_seq.pdbx_db_accession             Q689C4 
_struct_ref_seq.db_align_beg                  1 
_struct_ref_seq.pdbx_db_align_beg_ins_code    ? 
_struct_ref_seq.db_align_end                  140 
_struct_ref_seq.pdbx_db_align_end_ins_code    ? 
_struct_ref_seq.pdbx_auth_seq_align_beg       19 
_struct_ref_seq.pdbx_auth_seq_align_end       158 
# 
loop_
_struct_ref_seq_dif.align_id 
_struct_ref_seq_dif.pdbx_pdb_id_code 
_struct_ref_seq_dif.mon_id 
_struct_ref_seq_dif.pdbx_pdb_strand_id 
_struct_ref_seq_dif.seq_num 
_struct_ref_seq_dif.pdbx_pdb_ins_code 
_struct_ref_seq_dif.pdbx_seq_db_name 
_struct_ref_seq_dif.pdbx_seq_db_accession_code 
_struct_ref_seq_dif.db_mon_id 
_struct_ref_seq_dif.pdbx_seq_db_seq_num 
_struct_ref_seq_dif.details 
_struct_ref_seq_dif.pdbx_auth_seq_num 
_struct_ref_seq_dif.pdbx_ordinal 
1 3NI8 MET A 1  ? UNP Q689C4 ? ? 'expression tag' 1  1  
1 3NI8 HIS A 2  ? UNP Q689C4 ? ? 'expression tag' 2  2  
1 3NI8 HIS A 3  ? UNP Q689C4 ? ? 'expression tag' 3  3  
1 3NI8 HIS A 4  ? UNP Q689C4 ? ? 'expression tag' 4  4  
1 3NI8 HIS A 5  ? UNP Q689C4 ? ? 'expression tag' 5  5  
1 3NI8 HIS A 6  ? UNP Q689C4 ? ? 'expression tag' 6  6  
1 3NI8 HIS A 7  ? UNP Q689C4 ? ? 'expression tag' 7  7  
1 3NI8 SER A 8  ? UNP Q689C4 ? ? 'expression tag' 8  8  
1 3NI8 SER A 9  ? UNP Q689C4 ? ? 'expression tag' 9  9  
1 3NI8 GLY A 10 ? UNP Q689C4 ? ? 'expression tag' 10 10 
1 3NI8 ARG A 11 ? UNP Q689C4 ? ? 'expression tag' 11 11 
1 3NI8 GLU A 12 ? UNP Q689C4 ? ? 'expression tag' 12 12 
1 3NI8 ASN A 13 ? UNP Q689C4 ? ? 'expression tag' 13 13 
1 3NI8 LEU A 14 ? UNP Q689C4 ? ? 'expression tag' 14 14 
1 3NI8 TYR A 15 ? UNP Q689C4 ? ? 'expression tag' 15 15 
1 3NI8 PHE A 16 ? UNP Q689C4 ? ? 'expression tag' 16 16 
1 3NI8 GLN A 17 ? UNP Q689C4 ? ? 'expression tag' 17 17 
1 3NI8 GLY A 18 ? UNP Q689C4 ? ? 'expression tag' 18 18 
# 
_pdbx_struct_assembly.id                   1 
_pdbx_struct_assembly.details              author_defined_assembly 
_pdbx_struct_assembly.method_details       ? 
_pdbx_struct_assembly.oligomeric_details   monomeric 
_pdbx_struct_assembly.oligomeric_count     1 
# 
_pdbx_struct_assembly_gen.assembly_id       1 
_pdbx_struct_assembly_gen.oper_expression   1 
_pdbx_struct_assembly_gen.asym_id_list      A,B,C,D,E 
# 
_pdbx_struct_oper_list.id                   1 
_pdbx_struct_oper_list.type                 'identity operation' 
_pdbx_struct_oper_list.name                 1_555 
_pdbx_struct_oper_list.symmetry_operation   x,y,z 
_pdbx_struct_oper_list.matrix[1][1]         1.0000000000 
_pdbx_struct_oper_list.matrix[1][2]         0.0000000000 
_pdbx_struct_oper_list.matrix[1][3]         0.0000000000 
_pdbx_struct_oper_list.vector[1]            0.0000000000 
_pdbx_struct_oper_list.matrix[2][1]         0.0000000000 
_pdbx_struct_oper_list.matrix[2][2]         1.0000000000 
_pdbx_struct_oper_list.matrix[2][3]         0.0000000000 
_pdbx_struct_oper_list.vector[2]            0.0000000000 
_pdbx_struct_oper_list.matrix[3][1]         0.0000000000 
_pdbx_struct_oper_list.matrix[3][2]         0.0000000000 
_pdbx_struct_oper_list.matrix[3][3]         1.0000000000 
_pdbx_struct_oper_list.vector[3]            0.0000000000 
# 
_struct_biol.id        1 
_struct_biol.details   ? 
# 
loop_
_struct_conf.conf_type_id 
_struct_conf.id 
_struct_conf.pdbx_PDB_helix_id 
_struct_conf.beg_label_comp_id 
_struct_conf.beg_label_asym_id 
_struct_conf.beg_label_seq_id 
_struct_conf.pdbx_beg_PDB_ins_code 
_struct_conf.end_label_comp_id 
_struct_conf.end_label_asym_id 
_struct_conf.end_label_seq_id 
_struct_conf.pdbx_end_PDB_ins_code 
_struct_conf.beg_auth_comp_id 
_struct_conf.beg_auth_asym_id 
_struct_conf.beg_auth_seq_id 
_struct_conf.end_auth_comp_id 
_struct_conf.end_auth_asym_id 
_struct_conf.end_auth_seq_id 
_struct_conf.pdbx_PDB_helix_class 
_struct_conf.details 
_struct_conf.pdbx_PDB_helix_length 
HELX_P HELX_P1 1 PRO A 30  ? ASP A 40  ? PRO A 30  ASP A 40  1 ? 11 
HELX_P HELX_P2 2 ASP A 40  ? SER A 48  ? ASP A 40  SER A 48  1 ? 9  
HELX_P HELX_P3 3 GLY A 131 ? ASN A 143 ? GLY A 131 ASN A 143 1 ? 13 
HELX_P HELX_P4 4 ASN A 143 ? ILE A 151 ? ASN A 143 ILE A 151 1 ? 9  
# 
_struct_conf_type.id          HELX_P 
_struct_conf_type.criteria    ? 
_struct_conf_type.reference   ? 
# 
_struct_mon_prot_cis.pdbx_id                1 
_struct_mon_prot_cis.label_comp_id          LYS 
_struct_mon_prot_cis.label_seq_id           79 
_struct_mon_prot_cis.label_asym_id          A 
_struct_mon_prot_cis.label_alt_id           . 
_struct_mon_prot_cis.pdbx_PDB_ins_code      ? 
_struct_mon_prot_cis.auth_comp_id           LYS 
_struct_mon_prot_cis.auth_seq_id            79 
_struct_mon_prot_cis.auth_asym_id           A 
_struct_mon_prot_cis.pdbx_label_comp_id_2   PRO 
_struct_mon_prot_cis.pdbx_label_seq_id_2    80 
_struct_mon_prot_cis.pdbx_label_asym_id_2   A 
_struct_mon_prot_cis.pdbx_PDB_ins_code_2    ? 
_struct_mon_prot_cis.pdbx_auth_comp_id_2    PRO 
_struct_mon_prot_cis.pdbx_auth_seq_id_2     80 
_struct_mon_prot_cis.pdbx_auth_asym_id_2    A 
_struct_mon_prot_cis.pdbx_PDB_model_num     1 
_struct_mon_prot_cis.pdbx_omega_angle       -3.84 
# 
_struct_sheet.id               A 
_struct_sheet.type             ? 
_struct_sheet.number_strands   7 
_struct_sheet.details          ? 
# 
loop_
_struct_sheet_order.sheet_id 
_struct_sheet_order.range_id_1 
_struct_sheet_order.range_id_2 
_struct_sheet_order.offset 
_struct_sheet_order.sense 
A 1 2 ? anti-parallel 
A 2 3 ? anti-parallel 
A 3 4 ? anti-parallel 
A 4 5 ? anti-parallel 
A 5 6 ? anti-parallel 
A 6 7 ? anti-parallel 
# 
loop_
_struct_sheet_range.sheet_id 
_struct_sheet_range.id 
_struct_sheet_range.beg_label_comp_id 
_struct_sheet_range.beg_label_asym_id 
_struct_sheet_range.beg_label_seq_id 
_struct_sheet_range.pdbx_beg_PDB_ins_code 
_struct_sheet_range.end_label_comp_id 
_struct_sheet_range.end_label_asym_id 
_struct_sheet_range.end_label_seq_id 
_struct_sheet_range.pdbx_end_PDB_ins_code 
_struct_sheet_range.beg_auth_comp_id 
_struct_sheet_range.beg_auth_asym_id 
_struct_sheet_range.beg_auth_seq_id 
_struct_sheet_range.end_auth_comp_id 
_struct_sheet_range.end_auth_asym_id 
_struct_sheet_range.end_auth_seq_id 
A 1 PHE A 21  ? TYR A 27  ? PHE A 21  TYR A 27  
A 2 HIS A 111 ? ASN A 119 ? HIS A 111 ASN A 119 
A 3 SER A 98  ? LYS A 108 ? SER A 98  LYS A 108 
A 4 LYS A 82  ? PHE A 89  ? LYS A 82  PHE A 89  
A 5 ILE A 70  ? THR A 78  ? ILE A 70  THR A 78  
A 6 LYS A 62  ? LEU A 65  ? LYS A 62  LEU A 65  
A 7 GLU A 54  ? VAL A 55  ? GLU A 54  VAL A 55  
# 
loop_
_pdbx_struct_sheet_hbond.sheet_id 
_pdbx_struct_sheet_hbond.range_id_1 
_pdbx_struct_sheet_hbond.range_id_2 
_pdbx_struct_sheet_hbond.range_1_label_atom_id 
_pdbx_struct_sheet_hbond.range_1_label_comp_id 
_pdbx_struct_sheet_hbond.range_1_label_asym_id 
_pdbx_struct_sheet_hbond.range_1_label_seq_id 
_pdbx_struct_sheet_hbond.range_1_PDB_ins_code 
_pdbx_struct_sheet_hbond.range_1_auth_atom_id 
_pdbx_struct_sheet_hbond.range_1_auth_comp_id 
_pdbx_struct_sheet_hbond.range_1_auth_asym_id 
_pdbx_struct_sheet_hbond.range_1_auth_seq_id 
_pdbx_struct_sheet_hbond.range_2_label_atom_id 
_pdbx_struct_sheet_hbond.range_2_label_comp_id 
_pdbx_struct_sheet_hbond.range_2_label_asym_id 
_pdbx_struct_sheet_hbond.range_2_label_seq_id 
_pdbx_struct_sheet_hbond.range_2_PDB_ins_code 
_pdbx_struct_sheet_hbond.range_2_auth_atom_id 
_pdbx_struct_sheet_hbond.range_2_auth_comp_id 
_pdbx_struct_sheet_hbond.range_2_auth_asym_id 
_pdbx_struct_sheet_hbond.range_2_auth_seq_id 
A 1 2 N GLU A 25  ? N GLU A 25  O LEU A 114 ? O LEU A 114 
A 2 3 O LYS A 113 ? O LYS A 113 N ILE A 105 ? N ILE A 105 
A 3 4 O SER A 98  ? O SER A 98  N TRP A 87  ? N TRP A 87  
A 4 5 O LYS A 88  ? O LYS A 88  N LEU A 71  ? N LEU A 71  
A 5 6 O ILE A 70  ? O ILE A 70  N LEU A 65  ? N LEU A 65  
A 6 7 O SER A 64  ? O SER A 64  N GLU A 54  ? N GLU A 54  
# 
loop_
_struct_site.id 
_struct_site.pdbx_evidence_code 
_struct_site.pdbx_auth_asym_id 
_struct_site.pdbx_auth_comp_id 
_struct_site.pdbx_auth_seq_id 
_struct_site.pdbx_auth_ins_code 
_struct_site.pdbx_num_residues 
_struct_site.details 
AC1 Software A IPA 159 ? 2 'BINDING SITE FOR RESIDUE IPA A 159' 
AC2 Software A IPA 160 ? 2 'BINDING SITE FOR RESIDUE IPA A 160' 
AC3 Software A GOL 161 ? 5 'BINDING SITE FOR RESIDUE GOL A 161' 
# 
loop_
_struct_site_gen.id 
_struct_site_gen.site_id 
_struct_site_gen.pdbx_num_res 
_struct_site_gen.label_comp_id 
_struct_site_gen.label_asym_id 
_struct_site_gen.label_seq_id 
_struct_site_gen.pdbx_auth_ins_code 
_struct_site_gen.auth_comp_id 
_struct_site_gen.auth_asym_id 
_struct_site_gen.auth_seq_id 
_struct_site_gen.label_atom_id 
_struct_site_gen.label_alt_id 
_struct_site_gen.symmetry 
_struct_site_gen.details 
1 AC1 2 PHE A 38  ? PHE A 38  . ? 1_555 ? 
2 AC1 2 GLU A 85  ? GLU A 85  . ? 1_555 ? 
3 AC2 2 PHE A 21  ? PHE A 21  . ? 1_555 ? 
4 AC2 2 LYS A 137 ? LYS A 137 . ? 1_555 ? 
5 AC3 5 TYR A 42  ? TYR A 42  . ? 3_655 ? 
6 AC3 5 ARG A 46  ? ARG A 46  . ? 2_545 ? 
7 AC3 5 ARG A 49  ? ARG A 49  . ? 2_545 ? 
8 AC3 5 HIS A 146 ? HIS A 146 . ? 1_555 ? 
9 AC3 5 ILE A 151 ? ILE A 151 . ? 2_545 ? 
# 
_pdbx_validate_close_contact.id               1 
_pdbx_validate_close_contact.PDB_model_num    1 
_pdbx_validate_close_contact.auth_atom_id_1   ND1 
_pdbx_validate_close_contact.auth_asym_id_1   A 
_pdbx_validate_close_contact.auth_comp_id_1   HIS 
_pdbx_validate_close_contact.auth_seq_id_1    81 
_pdbx_validate_close_contact.PDB_ins_code_1   ? 
_pdbx_validate_close_contact.label_alt_id_1   A 
_pdbx_validate_close_contact.auth_atom_id_2   O 
_pdbx_validate_close_contact.auth_asym_id_2   A 
_pdbx_validate_close_contact.auth_comp_id_2   HOH 
_pdbx_validate_close_contact.auth_seq_id_2    198 
_pdbx_validate_close_contact.PDB_ins_code_2   ? 
_pdbx_validate_close_contact.label_alt_id_2   ? 
_pdbx_validate_close_contact.dist             2.19 
# 
_pdbx_validate_torsion.id              1 
_pdbx_validate_torsion.PDB_model_num   1 
_pdbx_validate_torsion.auth_comp_id    ASN 
_pdbx_validate_torsion.auth_asym_id    A 
_pdbx_validate_torsion.auth_seq_id     143 
_pdbx_validate_torsion.PDB_ins_code    ? 
_pdbx_validate_torsion.label_alt_id    ? 
_pdbx_validate_torsion.phi             -115.39 
_pdbx_validate_torsion.psi             -74.15 
# 
_pdbx_validate_peptide_omega.id               1 
_pdbx_validate_peptide_omega.PDB_model_num    1 
_pdbx_validate_peptide_omega.auth_comp_id_1   GLU 
_pdbx_validate_peptide_omega.auth_asym_id_1   A 
_pdbx_validate_peptide_omega.auth_seq_id_1    85 
_pdbx_validate_peptide_omega.PDB_ins_code_1   ? 
_pdbx_validate_peptide_omega.label_alt_id_1   ? 
_pdbx_validate_peptide_omega.auth_comp_id_2   LYS 
_pdbx_validate_peptide_omega.auth_asym_id_2   A 
_pdbx_validate_peptide_omega.auth_seq_id_2    86 
_pdbx_validate_peptide_omega.PDB_ins_code_2   ? 
_pdbx_validate_peptide_omega.label_alt_id_2   ? 
_pdbx_validate_peptide_omega.omega            149.37 
# 
_pdbx_SG_project.id                    1 
_pdbx_SG_project.project_name          ? 
_pdbx_SG_project.full_name_of_center   'Structural Genomics Consortium' 
_pdbx_SG_project.initial_of_center     SGC 
# 
_phasing.method   MR 
# 
loop_
_pdbx_unobs_or_zero_occ_residues.id 
_pdbx_unobs_or_zero_occ_residues.PDB_model_num 
_pdbx_unobs_or_zero_occ_residues.polymer_flag 
_pdbx_unobs_or_zero_occ_residues.occupancy_flag 
_pdbx_unobs_or_zero_occ_residues.auth_asym_id 
_pdbx_unobs_or_zero_occ_residues.auth_comp_id 
_pdbx_unobs_or_zero_occ_residues.auth_seq_id 
_pdbx_unobs_or_zero_occ_residues.PDB_ins_code 
_pdbx_unobs_or_zero_occ_residues.label_asym_id 
_pdbx_unobs_or_zero_occ_residues.label_comp_id 
_pdbx_unobs_or_zero_occ_residues.label_seq_id 
1  1 Y 1 A MET 1   ? A MET 1   
2  1 Y 1 A HIS 2   ? A HIS 2   
3  1 Y 1 A HIS 3   ? A HIS 3   
4  1 Y 1 A HIS 4   ? A HIS 4   
5  1 Y 1 A HIS 5   ? A HIS 5   
6  1 Y 1 A HIS 6   ? A HIS 6   
7  1 Y 1 A HIS 7   ? A HIS 7   
8  1 Y 1 A SER 8   ? A SER 8   
9  1 Y 1 A SER 9   ? A SER 9   
10 1 Y 1 A GLY 10  ? A GLY 10  
11 1 Y 1 A ARG 11  ? A ARG 11  
12 1 Y 1 A GLU 12  ? A GLU 12  
13 1 Y 1 A ASN 13  ? A ASN 13  
14 1 Y 1 A LEU 14  ? A LEU 14  
15 1 Y 1 A TYR 15  ? A TYR 15  
16 1 Y 1 A PHE 16  ? A PHE 16  
17 1 Y 1 A GLN 17  ? A GLN 17  
18 1 Y 1 A LYS 158 ? A LYS 158 
# 
loop_
_chem_comp_atom.comp_id 
_chem_comp_atom.atom_id 
_chem_comp_atom.type_symbol 
_chem_comp_atom.pdbx_aromatic_flag 
_chem_comp_atom.pdbx_stereo_config 
_chem_comp_atom.pdbx_ordinal 
ALA N    N N N 1   
ALA CA   C N S 2   
ALA C    C N N 3   
ALA O    O N N 4   
ALA CB   C N N 5   
ALA OXT  O N N 6   
ALA H    H N N 7   
ALA H2   H N N 8   
ALA HA   H N N 9   
ALA HB1  H N N 10  
ALA HB2  H N N 11  
ALA HB3  H N N 12  
ALA HXT  H N N 13  
ARG N    N N N 14  
ARG CA   C N S 15  
ARG C    C N N 16  
ARG O    O N N 17  
ARG CB   C N N 18  
ARG CG   C N N 19  
ARG CD   C N N 20  
ARG NE   N N N 21  
ARG CZ   C N N 22  
ARG NH1  N N N 23  
ARG NH2  N N N 24  
ARG OXT  O N N 25  
ARG H    H N N 26  
ARG H2   H N N 27  
ARG HA   H N N 28  
ARG HB2  H N N 29  
ARG HB3  H N N 30  
ARG HG2  H N N 31  
ARG HG3  H N N 32  
ARG HD2  H N N 33  
ARG HD3  H N N 34  
ARG HE   H N N 35  
ARG HH11 H N N 36  
ARG HH12 H N N 37  
ARG HH21 H N N 38  
ARG HH22 H N N 39  
ARG HXT  H N N 40  
ASN N    N N N 41  
ASN CA   C N S 42  
ASN C    C N N 43  
ASN O    O N N 44  
ASN CB   C N N 45  
ASN CG   C N N 46  
ASN OD1  O N N 47  
ASN ND2  N N N 48  
ASN OXT  O N N 49  
ASN H    H N N 50  
ASN H2   H N N 51  
ASN HA   H N N 52  
ASN HB2  H N N 53  
ASN HB3  H N N 54  
ASN HD21 H N N 55  
ASN HD22 H N N 56  
ASN HXT  H N N 57  
ASP N    N N N 58  
ASP CA   C N S 59  
ASP C    C N N 60  
ASP O    O N N 61  
ASP CB   C N N 62  
ASP CG   C N N 63  
ASP OD1  O N N 64  
ASP OD2  O N N 65  
ASP OXT  O N N 66  
ASP H    H N N 67  
ASP H2   H N N 68  
ASP HA   H N N 69  
ASP HB2  H N N 70  
ASP HB3  H N N 71  
ASP HD2  H N N 72  
ASP HXT  H N N 73  
CYS N    N N N 74  
CYS CA   C N R 75  
CYS C    C N N 76  
CYS O    O N N 77  
CYS CB   C N N 78  
CYS SG   S N N 79  
CYS OXT  O N N 80  
CYS H    H N N 81  
CYS H2   H N N 82  
CYS HA   H N N 83  
CYS HB2  H N N 84  
CYS HB3  H N N 85  
CYS HG   H N N 86  
CYS HXT  H N N 87  
GLN N    N N N 88  
GLN CA   C N S 89  
GLN C    C N N 90  
GLN O    O N N 91  
GLN CB   C N N 92  
GLN CG   C N N 93  
GLN CD   C N N 94  
GLN OE1  O N N 95  
GLN NE2  N N N 96  
GLN OXT  O N N 97  
GLN H    H N N 98  
GLN H2   H N N 99  
GLN HA   H N N 100 
GLN HB2  H N N 101 
GLN HB3  H N N 102 
GLN HG2  H N N 103 
GLN HG3  H N N 104 
GLN HE21 H N N 105 
GLN HE22 H N N 106 
GLN HXT  H N N 107 
GLU N    N N N 108 
GLU CA   C N S 109 
GLU C    C N N 110 
GLU O    O N N 111 
GLU CB   C N N 112 
GLU CG   C N N 113 
GLU CD   C N N 114 
GLU OE1  O N N 115 
GLU OE2  O N N 116 
GLU OXT  O N N 117 
GLU H    H N N 118 
GLU H2   H N N 119 
GLU HA   H N N 120 
GLU HB2  H N N 121 
GLU HB3  H N N 122 
GLU HG2  H N N 123 
GLU HG3  H N N 124 
GLU HE2  H N N 125 
GLU HXT  H N N 126 
GLY N    N N N 127 
GLY CA   C N N 128 
GLY C    C N N 129 
GLY O    O N N 130 
GLY OXT  O N N 131 
GLY H    H N N 132 
GLY H2   H N N 133 
GLY HA2  H N N 134 
GLY HA3  H N N 135 
GLY HXT  H N N 136 
GOL C1   C N N 137 
GOL O1   O N N 138 
GOL C2   C N N 139 
GOL O2   O N N 140 
GOL C3   C N N 141 
GOL O3   O N N 142 
GOL H11  H N N 143 
GOL H12  H N N 144 
GOL HO1  H N N 145 
GOL H2   H N N 146 
GOL HO2  H N N 147 
GOL H31  H N N 148 
GOL H32  H N N 149 
GOL HO3  H N N 150 
HIS N    N N N 151 
HIS CA   C N S 152 
HIS C    C N N 153 
HIS O    O N N 154 
HIS CB   C N N 155 
HIS CG   C Y N 156 
HIS ND1  N Y N 157 
HIS CD2  C Y N 158 
HIS CE1  C Y N 159 
HIS NE2  N Y N 160 
HIS OXT  O N N 161 
HIS H    H N N 162 
HIS H2   H N N 163 
HIS HA   H N N 164 
HIS HB2  H N N 165 
HIS HB3  H N N 166 
HIS HD1  H N N 167 
HIS HD2  H N N 168 
HIS HE1  H N N 169 
HIS HE2  H N N 170 
HIS HXT  H N N 171 
HOH O    O N N 172 
HOH H1   H N N 173 
HOH H2   H N N 174 
ILE N    N N N 175 
ILE CA   C N S 176 
ILE C    C N N 177 
ILE O    O N N 178 
ILE CB   C N S 179 
ILE CG1  C N N 180 
ILE CG2  C N N 181 
ILE CD1  C N N 182 
ILE OXT  O N N 183 
ILE H    H N N 184 
ILE H2   H N N 185 
ILE HA   H N N 186 
ILE HB   H N N 187 
ILE HG12 H N N 188 
ILE HG13 H N N 189 
ILE HG21 H N N 190 
ILE HG22 H N N 191 
ILE HG23 H N N 192 
ILE HD11 H N N 193 
ILE HD12 H N N 194 
ILE HD13 H N N 195 
ILE HXT  H N N 196 
IPA C1   C N N 197 
IPA C2   C N N 198 
IPA C3   C N N 199 
IPA O2   O N N 200 
IPA H11  H N N 201 
IPA H12  H N N 202 
IPA H13  H N N 203 
IPA H2   H N N 204 
IPA H31  H N N 205 
IPA H32  H N N 206 
IPA H33  H N N 207 
IPA HO2  H N N 208 
LEU N    N N N 209 
LEU CA   C N S 210 
LEU C    C N N 211 
LEU O    O N N 212 
LEU CB   C N N 213 
LEU CG   C N N 214 
LEU CD1  C N N 215 
LEU CD2  C N N 216 
LEU OXT  O N N 217 
LEU H    H N N 218 
LEU H2   H N N 219 
LEU HA   H N N 220 
LEU HB2  H N N 221 
LEU HB3  H N N 222 
LEU HG   H N N 223 
LEU HD11 H N N 224 
LEU HD12 H N N 225 
LEU HD13 H N N 226 
LEU HD21 H N N 227 
LEU HD22 H N N 228 
LEU HD23 H N N 229 
LEU HXT  H N N 230 
LYS N    N N N 231 
LYS CA   C N S 232 
LYS C    C N N 233 
LYS O    O N N 234 
LYS CB   C N N 235 
LYS CG   C N N 236 
LYS CD   C N N 237 
LYS CE   C N N 238 
LYS NZ   N N N 239 
LYS OXT  O N N 240 
LYS H    H N N 241 
LYS H2   H N N 242 
LYS HA   H N N 243 
LYS HB2  H N N 244 
LYS HB3  H N N 245 
LYS HG2  H N N 246 
LYS HG3  H N N 247 
LYS HD2  H N N 248 
LYS HD3  H N N 249 
LYS HE2  H N N 250 
LYS HE3  H N N 251 
LYS HZ1  H N N 252 
LYS HZ2  H N N 253 
LYS HZ3  H N N 254 
LYS HXT  H N N 255 
MET N    N N N 256 
MET CA   C N S 257 
MET C    C N N 258 
MET O    O N N 259 
MET CB   C N N 260 
MET CG   C N N 261 
MET SD   S N N 262 
MET CE   C N N 263 
MET OXT  O N N 264 
MET H    H N N 265 
MET H2   H N N 266 
MET HA   H N N 267 
MET HB2  H N N 268 
MET HB3  H N N 269 
MET HG2  H N N 270 
MET HG3  H N N 271 
MET HE1  H N N 272 
MET HE2  H N N 273 
MET HE3  H N N 274 
MET HXT  H N N 275 
PHE N    N N N 276 
PHE CA   C N S 277 
PHE C    C N N 278 
PHE O    O N N 279 
PHE CB   C N N 280 
PHE CG   C Y N 281 
PHE CD1  C Y N 282 
PHE CD2  C Y N 283 
PHE CE1  C Y N 284 
PHE CE2  C Y N 285 
PHE CZ   C Y N 286 
PHE OXT  O N N 287 
PHE H    H N N 288 
PHE H2   H N N 289 
PHE HA   H N N 290 
PHE HB2  H N N 291 
PHE HB3  H N N 292 
PHE HD1  H N N 293 
PHE HD2  H N N 294 
PHE HE1  H N N 295 
PHE HE2  H N N 296 
PHE HZ   H N N 297 
PHE HXT  H N N 298 
PRO N    N N N 299 
PRO CA   C N S 300 
PRO C    C N N 301 
PRO O    O N N 302 
PRO CB   C N N 303 
PRO CG   C N N 304 
PRO CD   C N N 305 
PRO OXT  O N N 306 
PRO H    H N N 307 
PRO HA   H N N 308 
PRO HB2  H N N 309 
PRO HB3  H N N 310 
PRO HG2  H N N 311 
PRO HG3  H N N 312 
PRO HD2  H N N 313 
PRO HD3  H N N 314 
PRO HXT  H N N 315 
SER N    N N N 316 
SER CA   C N S 317 
SER C    C N N 318 
SER O    O N N 319 
SER CB   C N N 320 
SER OG   O N N 321 
SER OXT  O N N 322 
SER H    H N N 323 
SER H2   H N N 324 
SER HA   H N N 325 
SER HB2  H N N 326 
SER HB3  H N N 327 
SER HG   H N N 328 
SER HXT  H N N 329 
THR N    N N N 330 
THR CA   C N S 331 
THR C    C N N 332 
THR O    O N N 333 
THR CB   C N R 334 
THR OG1  O N N 335 
THR CG2  C N N 336 
THR OXT  O N N 337 
THR H    H N N 338 
THR H2   H N N 339 
THR HA   H N N 340 
THR HB   H N N 341 
THR HG1  H N N 342 
THR HG21 H N N 343 
THR HG22 H N N 344 
THR HG23 H N N 345 
THR HXT  H N N 346 
TRP N    N N N 347 
TRP CA   C N S 348 
TRP C    C N N 349 
TRP O    O N N 350 
TRP CB   C N N 351 
TRP CG   C Y N 352 
TRP CD1  C Y N 353 
TRP CD2  C Y N 354 
TRP NE1  N Y N 355 
TRP CE2  C Y N 356 
TRP CE3  C Y N 357 
TRP CZ2  C Y N 358 
TRP CZ3  C Y N 359 
TRP CH2  C Y N 360 
TRP OXT  O N N 361 
TRP H    H N N 362 
TRP H2   H N N 363 
TRP HA   H N N 364 
TRP HB2  H N N 365 
TRP HB3  H N N 366 
TRP HD1  H N N 367 
TRP HE1  H N N 368 
TRP HE3  H N N 369 
TRP HZ2  H N N 370 
TRP HZ3  H N N 371 
TRP HH2  H N N 372 
TRP HXT  H N N 373 
TYR N    N N N 374 
TYR CA   C N S 375 
TYR C    C N N 376 
TYR O    O N N 377 
TYR CB   C N N 378 
TYR CG   C Y N 379 
TYR CD1  C Y N 380 
TYR CD2  C Y N 381 
TYR CE1  C Y N 382 
TYR CE2  C Y N 383 
TYR CZ   C Y N 384 
TYR OH   O N N 385 
TYR OXT  O N N 386 
TYR H    H N N 387 
TYR H2   H N N 388 
TYR HA   H N N 389 
TYR HB2  H N N 390 
TYR HB3  H N N 391 
TYR HD1  H N N 392 
TYR HD2  H N N 393 
TYR HE1  H N N 394 
TYR HE2  H N N 395 
TYR HH   H N N 396 
TYR HXT  H N N 397 
VAL N    N N N 398 
VAL CA   C N S 399 
VAL C    C N N 400 
VAL O    O N N 401 
VAL CB   C N N 402 
VAL CG1  C N N 403 
VAL CG2  C N N 404 
VAL OXT  O N N 405 
VAL H    H N N 406 
VAL H2   H N N 407 
VAL HA   H N N 408 
VAL HB   H N N 409 
VAL HG11 H N N 410 
VAL HG12 H N N 411 
VAL HG13 H N N 412 
VAL HG21 H N N 413 
VAL HG22 H N N 414 
VAL HG23 H N N 415 
VAL HXT  H N N 416 
# 
loop_
_chem_comp_bond.comp_id 
_chem_comp_bond.atom_id_1 
_chem_comp_bond.atom_id_2 
_chem_comp_bond.value_order 
_chem_comp_bond.pdbx_aromatic_flag 
_chem_comp_bond.pdbx_stereo_config 
_chem_comp_bond.pdbx_ordinal 
ALA N   CA   sing N N 1   
ALA N   H    sing N N 2   
ALA N   H2   sing N N 3   
ALA CA  C    sing N N 4   
ALA CA  CB   sing N N 5   
ALA CA  HA   sing N N 6   
ALA C   O    doub N N 7   
ALA C   OXT  sing N N 8   
ALA CB  HB1  sing N N 9   
ALA CB  HB2  sing N N 10  
ALA CB  HB3  sing N N 11  
ALA OXT HXT  sing N N 12  
ARG N   CA   sing N N 13  
ARG N   H    sing N N 14  
ARG N   H2   sing N N 15  
ARG CA  C    sing N N 16  
ARG CA  CB   sing N N 17  
ARG CA  HA   sing N N 18  
ARG C   O    doub N N 19  
ARG C   OXT  sing N N 20  
ARG CB  CG   sing N N 21  
ARG CB  HB2  sing N N 22  
ARG CB  HB3  sing N N 23  
ARG CG  CD   sing N N 24  
ARG CG  HG2  sing N N 25  
ARG CG  HG3  sing N N 26  
ARG CD  NE   sing N N 27  
ARG CD  HD2  sing N N 28  
ARG CD  HD3  sing N N 29  
ARG NE  CZ   sing N N 30  
ARG NE  HE   sing N N 31  
ARG CZ  NH1  sing N N 32  
ARG CZ  NH2  doub N N 33  
ARG NH1 HH11 sing N N 34  
ARG NH1 HH12 sing N N 35  
ARG NH2 HH21 sing N N 36  
ARG NH2 HH22 sing N N 37  
ARG OXT HXT  sing N N 38  
ASN N   CA   sing N N 39  
ASN N   H    sing N N 40  
ASN N   H2   sing N N 41  
ASN CA  C    sing N N 42  
ASN CA  CB   sing N N 43  
ASN CA  HA   sing N N 44  
ASN C   O    doub N N 45  
ASN C   OXT  sing N N 46  
ASN CB  CG   sing N N 47  
ASN CB  HB2  sing N N 48  
ASN CB  HB3  sing N N 49  
ASN CG  OD1  doub N N 50  
ASN CG  ND2  sing N N 51  
ASN ND2 HD21 sing N N 52  
ASN ND2 HD22 sing N N 53  
ASN OXT HXT  sing N N 54  
ASP N   CA   sing N N 55  
ASP N   H    sing N N 56  
ASP N   H2   sing N N 57  
ASP CA  C    sing N N 58  
ASP CA  CB   sing N N 59  
ASP CA  HA   sing N N 60  
ASP C   O    doub N N 61  
ASP C   OXT  sing N N 62  
ASP CB  CG   sing N N 63  
ASP CB  HB2  sing N N 64  
ASP CB  HB3  sing N N 65  
ASP CG  OD1  doub N N 66  
ASP CG  OD2  sing N N 67  
ASP OD2 HD2  sing N N 68  
ASP OXT HXT  sing N N 69  
CYS N   CA   sing N N 70  
CYS N   H    sing N N 71  
CYS N   H2   sing N N 72  
CYS CA  C    sing N N 73  
CYS CA  CB   sing N N 74  
CYS CA  HA   sing N N 75  
CYS C   O    doub N N 76  
CYS C   OXT  sing N N 77  
CYS CB  SG   sing N N 78  
CYS CB  HB2  sing N N 79  
CYS CB  HB3  sing N N 80  
CYS SG  HG   sing N N 81  
CYS OXT HXT  sing N N 82  
GLN N   CA   sing N N 83  
GLN N   H    sing N N 84  
GLN N   H2   sing N N 85  
GLN CA  C    sing N N 86  
GLN CA  CB   sing N N 87  
GLN CA  HA   sing N N 88  
GLN C   O    doub N N 89  
GLN C   OXT  sing N N 90  
GLN CB  CG   sing N N 91  
GLN CB  HB2  sing N N 92  
GLN CB  HB3  sing N N 93  
GLN CG  CD   sing N N 94  
GLN CG  HG2  sing N N 95  
GLN CG  HG3  sing N N 96  
GLN CD  OE1  doub N N 97  
GLN CD  NE2  sing N N 98  
GLN NE2 HE21 sing N N 99  
GLN NE2 HE22 sing N N 100 
GLN OXT HXT  sing N N 101 
GLU N   CA   sing N N 102 
GLU N   H    sing N N 103 
GLU N   H2   sing N N 104 
GLU CA  C    sing N N 105 
GLU CA  CB   sing N N 106 
GLU CA  HA   sing N N 107 
GLU C   O    doub N N 108 
GLU C   OXT  sing N N 109 
GLU CB  CG   sing N N 110 
GLU CB  HB2  sing N N 111 
GLU CB  HB3  sing N N 112 
GLU CG  CD   sing N N 113 
GLU CG  HG2  sing N N 114 
GLU CG  HG3  sing N N 115 
GLU CD  OE1  doub N N 116 
GLU CD  OE2  sing N N 117 
GLU OE2 HE2  sing N N 118 
GLU OXT HXT  sing N N 119 
GLY N   CA   sing N N 120 
GLY N   H    sing N N 121 
GLY N   H2   sing N N 122 
GLY CA  C    sing N N 123 
GLY CA  HA2  sing N N 124 
GLY CA  HA3  sing N N 125 
GLY C   O    doub N N 126 
GLY C   OXT  sing N N 127 
GLY OXT HXT  sing N N 128 
GOL C1  O1   sing N N 129 
GOL C1  C2   sing N N 130 
GOL C1  H11  sing N N 131 
GOL C1  H12  sing N N 132 
GOL O1  HO1  sing N N 133 
GOL C2  O2   sing N N 134 
GOL C2  C3   sing N N 135 
GOL C2  H2   sing N N 136 
GOL O2  HO2  sing N N 137 
GOL C3  O3   sing N N 138 
GOL C3  H31  sing N N 139 
GOL C3  H32  sing N N 140 
GOL O3  HO3  sing N N 141 
HIS N   CA   sing N N 142 
HIS N   H    sing N N 143 
HIS N   H2   sing N N 144 
HIS CA  C    sing N N 145 
HIS CA  CB   sing N N 146 
HIS CA  HA   sing N N 147 
HIS C   O    doub N N 148 
HIS C   OXT  sing N N 149 
HIS CB  CG   sing N N 150 
HIS CB  HB2  sing N N 151 
HIS CB  HB3  sing N N 152 
HIS CG  ND1  sing Y N 153 
HIS CG  CD2  doub Y N 154 
HIS ND1 CE1  doub Y N 155 
HIS ND1 HD1  sing N N 156 
HIS CD2 NE2  sing Y N 157 
HIS CD2 HD2  sing N N 158 
HIS CE1 NE2  sing Y N 159 
HIS CE1 HE1  sing N N 160 
HIS NE2 HE2  sing N N 161 
HIS OXT HXT  sing N N 162 
HOH O   H1   sing N N 163 
HOH O   H2   sing N N 164 
ILE N   CA   sing N N 165 
ILE N   H    sing N N 166 
ILE N   H2   sing N N 167 
ILE CA  C    sing N N 168 
ILE CA  CB   sing N N 169 
ILE CA  HA   sing N N 170 
ILE C   O    doub N N 171 
ILE C   OXT  sing N N 172 
ILE CB  CG1  sing N N 173 
ILE CB  CG2  sing N N 174 
ILE CB  HB   sing N N 175 
ILE CG1 CD1  sing N N 176 
ILE CG1 HG12 sing N N 177 
ILE CG1 HG13 sing N N 178 
ILE CG2 HG21 sing N N 179 
ILE CG2 HG22 sing N N 180 
ILE CG2 HG23 sing N N 181 
ILE CD1 HD11 sing N N 182 
ILE CD1 HD12 sing N N 183 
ILE CD1 HD13 sing N N 184 
ILE OXT HXT  sing N N 185 
IPA C1  C2   sing N N 186 
IPA C1  H11  sing N N 187 
IPA C1  H12  sing N N 188 
IPA C1  H13  sing N N 189 
IPA C2  C3   sing N N 190 
IPA C2  O2   sing N N 191 
IPA C2  H2   sing N N 192 
IPA C3  H31  sing N N 193 
IPA C3  H32  sing N N 194 
IPA C3  H33  sing N N 195 
IPA O2  HO2  sing N N 196 
LEU N   CA   sing N N 197 
LEU N   H    sing N N 198 
LEU N   H2   sing N N 199 
LEU CA  C    sing N N 200 
LEU CA  CB   sing N N 201 
LEU CA  HA   sing N N 202 
LEU C   O    doub N N 203 
LEU C   OXT  sing N N 204 
LEU CB  CG   sing N N 205 
LEU CB  HB2  sing N N 206 
LEU CB  HB3  sing N N 207 
LEU CG  CD1  sing N N 208 
LEU CG  CD2  sing N N 209 
LEU CG  HG   sing N N 210 
LEU CD1 HD11 sing N N 211 
LEU CD1 HD12 sing N N 212 
LEU CD1 HD13 sing N N 213 
LEU CD2 HD21 sing N N 214 
LEU CD2 HD22 sing N N 215 
LEU CD2 HD23 sing N N 216 
LEU OXT HXT  sing N N 217 
LYS N   CA   sing N N 218 
LYS N   H    sing N N 219 
LYS N   H2   sing N N 220 
LYS CA  C    sing N N 221 
LYS CA  CB   sing N N 222 
LYS CA  HA   sing N N 223 
LYS C   O    doub N N 224 
LYS C   OXT  sing N N 225 
LYS CB  CG   sing N N 226 
LYS CB  HB2  sing N N 227 
LYS CB  HB3  sing N N 228 
LYS CG  CD   sing N N 229 
LYS CG  HG2  sing N N 230 
LYS CG  HG3  sing N N 231 
LYS CD  CE   sing N N 232 
LYS CD  HD2  sing N N 233 
LYS CD  HD3  sing N N 234 
LYS CE  NZ   sing N N 235 
LYS CE  HE2  sing N N 236 
LYS CE  HE3  sing N N 237 
LYS NZ  HZ1  sing N N 238 
LYS NZ  HZ2  sing N N 239 
LYS NZ  HZ3  sing N N 240 
LYS OXT HXT  sing N N 241 
MET N   CA   sing N N 242 
MET N   H    sing N N 243 
MET N   H2   sing N N 244 
MET CA  C    sing N N 245 
MET CA  CB   sing N N 246 
MET CA  HA   sing N N 247 
MET C   O    doub N N 248 
MET C   OXT  sing N N 249 
MET CB  CG   sing N N 250 
MET CB  HB2  sing N N 251 
MET CB  HB3  sing N N 252 
MET CG  SD   sing N N 253 
MET CG  HG2  sing N N 254 
MET CG  HG3  sing N N 255 
MET SD  CE   sing N N 256 
MET CE  HE1  sing N N 257 
MET CE  HE2  sing N N 258 
MET CE  HE3  sing N N 259 
MET OXT HXT  sing N N 260 
PHE N   CA   sing N N 261 
PHE N   H    sing N N 262 
PHE N   H2   sing N N 263 
PHE CA  C    sing N N 264 
PHE CA  CB   sing N N 265 
PHE CA  HA   sing N N 266 
PHE C   O    doub N N 267 
PHE C   OXT  sing N N 268 
PHE CB  CG   sing N N 269 
PHE CB  HB2  sing N N 270 
PHE CB  HB3  sing N N 271 
PHE CG  CD1  doub Y N 272 
PHE CG  CD2  sing Y N 273 
PHE CD1 CE1  sing Y N 274 
PHE CD1 HD1  sing N N 275 
PHE CD2 CE2  doub Y N 276 
PHE CD2 HD2  sing N N 277 
PHE CE1 CZ   doub Y N 278 
PHE CE1 HE1  sing N N 279 
PHE CE2 CZ   sing Y N 280 
PHE CE2 HE2  sing N N 281 
PHE CZ  HZ   sing N N 282 
PHE OXT HXT  sing N N 283 
PRO N   CA   sing N N 284 
PRO N   CD   sing N N 285 
PRO N   H    sing N N 286 
PRO CA  C    sing N N 287 
PRO CA  CB   sing N N 288 
PRO CA  HA   sing N N 289 
PRO C   O    doub N N 290 
PRO C   OXT  sing N N 291 
PRO CB  CG   sing N N 292 
PRO CB  HB2  sing N N 293 
PRO CB  HB3  sing N N 294 
PRO CG  CD   sing N N 295 
PRO CG  HG2  sing N N 296 
PRO CG  HG3  sing N N 297 
PRO CD  HD2  sing N N 298 
PRO CD  HD3  sing N N 299 
PRO OXT HXT  sing N N 300 
SER N   CA   sing N N 301 
SER N   H    sing N N 302 
SER N   H2   sing N N 303 
SER CA  C    sing N N 304 
SER CA  CB   sing N N 305 
SER CA  HA   sing N N 306 
SER C   O    doub N N 307 
SER C   OXT  sing N N 308 
SER CB  OG   sing N N 309 
SER CB  HB2  sing N N 310 
SER CB  HB3  sing N N 311 
SER OG  HG   sing N N 312 
SER OXT HXT  sing N N 313 
THR N   CA   sing N N 314 
THR N   H    sing N N 315 
THR N   H2   sing N N 316 
THR CA  C    sing N N 317 
THR CA  CB   sing N N 318 
THR CA  HA   sing N N 319 
THR C   O    doub N N 320 
THR C   OXT  sing N N 321 
THR CB  OG1  sing N N 322 
THR CB  CG2  sing N N 323 
THR CB  HB   sing N N 324 
THR OG1 HG1  sing N N 325 
THR CG2 HG21 sing N N 326 
THR CG2 HG22 sing N N 327 
THR CG2 HG23 sing N N 328 
THR OXT HXT  sing N N 329 
TRP N   CA   sing N N 330 
TRP N   H    sing N N 331 
TRP N   H2   sing N N 332 
TRP CA  C    sing N N 333 
TRP CA  CB   sing N N 334 
TRP CA  HA   sing N N 335 
TRP C   O    doub N N 336 
TRP C   OXT  sing N N 337 
TRP CB  CG   sing N N 338 
TRP CB  HB2  sing N N 339 
TRP CB  HB3  sing N N 340 
TRP CG  CD1  doub Y N 341 
TRP CG  CD2  sing Y N 342 
TRP CD1 NE1  sing Y N 343 
TRP CD1 HD1  sing N N 344 
TRP CD2 CE2  doub Y N 345 
TRP CD2 CE3  sing Y N 346 
TRP NE1 CE2  sing Y N 347 
TRP NE1 HE1  sing N N 348 
TRP CE2 CZ2  sing Y N 349 
TRP CE3 CZ3  doub Y N 350 
TRP CE3 HE3  sing N N 351 
TRP CZ2 CH2  doub Y N 352 
TRP CZ2 HZ2  sing N N 353 
TRP CZ3 CH2  sing Y N 354 
TRP CZ3 HZ3  sing N N 355 
TRP CH2 HH2  sing N N 356 
TRP OXT HXT  sing N N 357 
TYR N   CA   sing N N 358 
TYR N   H    sing N N 359 
TYR N   H2   sing N N 360 
TYR CA  C    sing N N 361 
TYR CA  CB   sing N N 362 
TYR CA  HA   sing N N 363 
TYR C   O    doub N N 364 
TYR C   OXT  sing N N 365 
TYR CB  CG   sing N N 366 
TYR CB  HB2  sing N N 367 
TYR CB  HB3  sing N N 368 
TYR CG  CD1  doub Y N 369 
TYR CG  CD2  sing Y N 370 
TYR CD1 CE1  sing Y N 371 
TYR CD1 HD1  sing N N 372 
TYR CD2 CE2  doub Y N 373 
TYR CD2 HD2  sing N N 374 
TYR CE1 CZ   doub Y N 375 
TYR CE1 HE1  sing N N 376 
TYR CE2 CZ   sing Y N 377 
TYR CE2 HE2  sing N N 378 
TYR CZ  OH   sing N N 379 
TYR OH  HH   sing N N 380 
TYR OXT HXT  sing N N 381 
VAL N   CA   sing N N 382 
VAL N   H    sing N N 383 
VAL N   H2   sing N N 384 
VAL CA  C    sing N N 385 
VAL CA  CB   sing N N 386 
VAL CA  HA   sing N N 387 
VAL C   O    doub N N 388 
VAL C   OXT  sing N N 389 
VAL CB  CG1  sing N N 390 
VAL CB  CG2  sing N N 391 
VAL CB  HB   sing N N 392 
VAL CG1 HG11 sing N N 393 
VAL CG1 HG12 sing N N 394 
VAL CG1 HG13 sing N N 395 
VAL CG2 HG21 sing N N 396 
VAL CG2 HG22 sing N N 397 
VAL CG2 HG23 sing N N 398 
VAL OXT HXT  sing N N 399 
# 
_atom_sites.entry_id                    3NI8 
_atom_sites.fract_transf_matrix[1][1]   -0.00807091 
_atom_sites.fract_transf_matrix[1][2]   -0.00780819 
_atom_sites.fract_transf_matrix[1][3]   -0.00407542 
_atom_sites.fract_transf_matrix[2][1]   -0.00765743 
_atom_sites.fract_transf_matrix[2][2]   0.00325148 
_atom_sites.fract_transf_matrix[2][3]   -0.00857313 
_atom_sites.fract_transf_matrix[3][1]   0.01465006 
_atom_sites.fract_transf_matrix[3][2]   -0.00693953 
_atom_sites.fract_transf_matrix[3][3]   -0.01571719 
_atom_sites.fract_transf_vector[1]      0.399046 
_atom_sites.fract_transf_vector[2]      -0.157278 
_atom_sites.fract_transf_vector[3]      0.306754 
# 
loop_
_atom_type.symbol 
C 
N 
O 
S 
# 
loop_
_atom_site.group_PDB 
_atom_site.id 
_atom_site.type_symbol 
_atom_site.label_atom_id 
_atom_site.label_alt_id 
_atom_site.label_comp_id 
_atom_site.label_asym_id 
_atom_site.label_entity_id 
_atom_site.label_seq_id 
_atom_site.pdbx_PDB_ins_code 
_atom_site.Cartn_x 
_atom_site.Cartn_y 
_atom_site.Cartn_z 
_atom_site.occupancy 
_atom_site.B_iso_or_equiv 
_atom_site.pdbx_formal_charge 
_atom_site.auth_seq_id 
_atom_site.auth_comp_id 
_atom_site.auth_asym_id 
_atom_site.auth_atom_id 
_atom_site.pdbx_PDB_model_num 
ATOM   1    N N   . GLY A 1 18  ? 3.845   -1.065  -18.201 1.00 34.80 ? 18  GLY A N   1 
ATOM   2    C CA  . GLY A 1 18  ? 4.375   0.302   -18.505 1.00 33.27 ? 18  GLY A CA  1 
ATOM   3    C C   . GLY A 1 18  ? 3.964   1.271   -17.402 1.00 32.79 ? 18  GLY A C   1 
ATOM   4    O O   . GLY A 1 18  ? 4.823   1.892   -16.771 1.00 32.84 ? 18  GLY A O   1 
ATOM   5    N N   . MET A 1 19  ? 2.659   1.411   -17.165 1.00 31.62 ? 19  MET A N   1 
ATOM   6    C CA  . MET A 1 19  ? 2.184   2.369   -16.155 1.00 30.84 ? 19  MET A CA  1 
ATOM   7    C C   . MET A 1 19  ? 1.339   1.697   -15.061 1.00 30.23 ? 19  MET A C   1 
ATOM   8    O O   . MET A 1 19  ? 1.001   2.307   -14.056 1.00 30.65 ? 19  MET A O   1 
ATOM   9    C CB  . MET A 1 19  ? 1.457   3.564   -16.797 1.00 30.58 ? 19  MET A CB  1 
ATOM   10   C CG  . MET A 1 19  ? 2.331   4.466   -17.685 1.00 32.19 ? 19  MET A CG  1 
ATOM   11   S SD  . MET A 1 19  ? 1.386   5.895   -18.344 1.00 37.15 ? 19  MET A SD  1 
ATOM   12   C CE  . MET A 1 19  ? 2.672   6.963   -19.022 1.00 37.36 ? 19  MET A CE  1 
ATOM   13   N N   . SER A 1 20  ? 1.009   0.435   -15.247 1.00 29.41 ? 20  SER A N   1 
ATOM   14   C CA  . SER A 1 20  ? 0.354   -0.297  -14.189 1.00 29.49 ? 20  SER A CA  1 
ATOM   15   C C   . SER A 1 20  ? 1.022   -1.628  -13.863 1.00 28.99 ? 20  SER A C   1 
ATOM   16   O O   . SER A 1 20  ? 1.758   -2.192  -14.686 1.00 29.30 ? 20  SER A O   1 
ATOM   17   C CB  . SER A 1 20  ? -1.102  -0.542  -14.567 1.00 29.56 ? 20  SER A CB  1 
ATOM   18   O OG  . SER A 1 20  ? -1.141  -1.062  -15.869 1.00 30.63 ? 20  SER A OG  1 
ATOM   19   N N   . PHE A 1 21  ? 0.756   -2.117  -12.651 1.00 27.85 ? 21  PHE A N   1 
ATOM   20   C CA  . PHE A 1 21  ? 0.997   -3.514  -12.306 1.00 26.79 ? 21  PHE A CA  1 
ATOM   21   C C   . PHE A 1 21  ? 0.023   -4.006  -11.245 1.00 27.35 ? 21  PHE A C   1 
ATOM   22   O O   . PHE A 1 21  ? -0.547  -3.224  -10.470 1.00 26.72 ? 21  PHE A O   1 
ATOM   23   C CB  . PHE A 1 21  ? 2.449   -3.769  -11.871 1.00 26.16 ? 21  PHE A CB  1 
ATOM   24   C CG  . PHE A 1 21  ? 2.829   -3.078  -10.588 1.00 23.60 ? 21  PHE A CG  1 
ATOM   25   C CD1 . PHE A 1 21  ? 2.502   -3.636  -9.361  1.00 19.89 ? 21  PHE A CD1 1 
ATOM   26   C CD2 . PHE A 1 21  ? 3.516   -1.873  -10.613 1.00 20.34 ? 21  PHE A CD2 1 
ATOM   27   C CE1 . PHE A 1 21  ? 2.833   -3.014  -8.203  1.00 16.81 ? 21  PHE A CE1 1 
ATOM   28   C CE2 . PHE A 1 21  ? 3.856   -1.250  -9.443  1.00 18.82 ? 21  PHE A CE2 1 
ATOM   29   C CZ  . PHE A 1 21  ? 3.515   -1.814  -8.239  1.00 17.09 ? 21  PHE A CZ  1 
ATOM   30   N N   . GLU A 1 22  ? -0.134  -5.324  -11.210 1.00 28.41 ? 22  GLU A N   1 
ATOM   31   C CA  . GLU A 1 22  ? -1.008  -5.984  -10.255 1.00 29.51 ? 22  GLU A CA  1 
ATOM   32   C C   . GLU A 1 22  ? -0.215  -7.026  -9.439  1.00 29.22 ? 22  GLU A C   1 
ATOM   33   O O   . GLU A 1 22  ? 0.544   -7.843  -9.998  1.00 29.33 ? 22  GLU A O   1 
ATOM   34   C CB  . GLU A 1 22  ? -2.165  -6.639  -11.010 1.00 29.77 ? 22  GLU A CB  1 
ATOM   35   C CG  . GLU A 1 22  ? -3.370  -7.001  -10.162 1.00 34.62 ? 22  GLU A CG  1 
ATOM   36   C CD  . GLU A 1 22  ? -4.398  -7.846  -10.933 1.00 42.04 ? 22  GLU A CD  1 
ATOM   37   O OE1 . GLU A 1 22  ? -4.033  -8.940  -11.458 1.00 42.74 ? 22  GLU A OE1 1 
ATOM   38   O OE2 . GLU A 1 22  ? -5.578  -7.409  -11.015 1.00 45.81 ? 22  GLU A OE2 1 
ATOM   39   N N   . ILE A 1 23  ? -0.383  -6.986  -8.120  1.00 28.92 ? 23  ILE A N   1 
ATOM   40   C CA  . ILE A 1 23  ? 0.170   -8.026  -7.245  1.00 28.59 ? 23  ILE A CA  1 
ATOM   41   C C   . ILE A 1 23  ? -0.960  -8.735  -6.506  1.00 28.49 ? 23  ILE A C   1 
ATOM   42   O O   . ILE A 1 23  ? -1.804  -8.093  -5.870  1.00 27.95 ? 23  ILE A O   1 
ATOM   43   C CB  . ILE A 1 23  ? 1.170   -7.468  -6.197  1.00 28.60 ? 23  ILE A CB  1 
ATOM   44   C CG1 . ILE A 1 23  ? 2.301   -6.699  -6.876  1.00 28.13 ? 23  ILE A CG1 1 
ATOM   45   C CG2 . ILE A 1 23  ? 1.732   -8.603  -5.333  1.00 28.57 ? 23  ILE A CG2 1 
ATOM   46   C CD1 . ILE A 1 23  ? 2.966   -5.643  -5.969  1.00 27.65 ? 23  ILE A CD1 1 
ATOM   47   N N   . THR A 1 24  ? -0.950  -10.064 -6.573  1.00 28.53 ? 24  THR A N   1 
ATOM   48   C CA  . THR A 1 24  ? -1.972  -10.872 -5.908  1.00 28.68 ? 24  THR A CA  1 
ATOM   49   C C   . THR A 1 24  ? -1.291  -11.819 -4.933  1.00 28.26 ? 24  THR A C   1 
ATOM   50   O O   . THR A 1 24  ? -0.308  -12.477 -5.297  1.00 28.34 ? 24  THR A O   1 
ATOM   51   C CB  . THR A 1 24  ? -2.839  -11.651 -6.946  1.00 28.91 ? 24  THR A CB  1 
ATOM   52   O OG1 . THR A 1 24  ? -3.593  -10.710 -7.739  1.00 30.92 ? 24  THR A OG1 1 
ATOM   53   C CG2 . THR A 1 24  ? -3.803  -12.584 -6.261  1.00 29.07 ? 24  THR A CG2 1 
ATOM   54   N N   A GLU A 1 25  ? -1.785  -11.852 -3.689  0.50 28.10 ? 25  GLU A N   1 
ATOM   55   N N   B GLU A 1 25  ? -1.814  -11.885 -3.714  0.50 28.07 ? 25  GLU A N   1 
ATOM   56   C CA  A GLU A 1 25  ? -1.247  -12.702 -2.604  0.50 28.07 ? 25  GLU A CA  1 
ATOM   57   C CA  B GLU A 1 25  ? -1.343  -12.836 -2.720  0.50 28.04 ? 25  GLU A CA  1 
ATOM   58   C C   A GLU A 1 25  ? -2.358  -13.147 -1.638  0.50 28.27 ? 25  GLU A C   1 
ATOM   59   C C   B GLU A 1 25  ? -2.512  -13.351 -1.907  0.50 28.23 ? 25  GLU A C   1 
ATOM   60   O O   A GLU A 1 25  ? -3.296  -12.391 -1.383  0.50 28.23 ? 25  GLU A O   1 
ATOM   61   O O   B GLU A 1 25  ? -3.632  -12.850 -2.026  0.50 28.26 ? 25  GLU A O   1 
ATOM   62   C CB  A GLU A 1 25  ? -0.178  -11.954 -1.797  0.50 27.93 ? 25  GLU A CB  1 
ATOM   63   C CB  B GLU A 1 25  ? -0.330  -12.185 -1.790  0.50 27.82 ? 25  GLU A CB  1 
ATOM   64   C CG  A GLU A 1 25  ? 1.069   -11.534 -2.556  0.50 27.79 ? 25  GLU A CG  1 
ATOM   65   C CG  B GLU A 1 25  ? 1.069   -12.159 -2.324  0.50 27.58 ? 25  GLU A CG  1 
ATOM   66   C CD  A GLU A 1 25  ? 1.886   -12.715 -3.031  0.50 28.08 ? 25  GLU A CD  1 
ATOM   67   C CD  B GLU A 1 25  ? 1.894   -11.100 -1.656  0.50 27.54 ? 25  GLU A CD  1 
ATOM   68   O OE1 A GLU A 1 25  ? 1.631   -13.840 -2.546  0.50 27.40 ? 25  GLU A OE1 1 
ATOM   69   O OE1 B GLU A 1 25  ? 1.344   -10.378 -0.795  0.50 27.39 ? 25  GLU A OE1 1 
ATOM   70   O OE2 A GLU A 1 25  ? 2.772   -12.523 -3.896  0.50 27.40 ? 25  GLU A OE2 1 
ATOM   71   O OE2 B GLU A 1 25  ? 3.088   -10.983 -1.992  0.50 27.83 ? 25  GLU A OE2 1 
ATOM   72   N N   . GLU A 1 26  ? -2.241  -14.352 -1.079  1.00 28.21 ? 26  GLU A N   1 
ATOM   73   C CA  . GLU A 1 26  ? -3.234  -14.845 -0.122  1.00 28.54 ? 26  GLU A CA  1 
ATOM   74   C C   . GLU A 1 26  ? -2.619  -15.060 1.255   1.00 28.66 ? 26  GLU A C   1 
ATOM   75   O O   . GLU A 1 26  ? -1.490  -15.564 1.388   1.00 28.30 ? 26  GLU A O   1 
ATOM   76   C CB  . GLU A 1 26  ? -3.919  -16.129 -0.631  1.00 28.83 ? 26  GLU A CB  1 
ATOM   77   C CG  . GLU A 1 26  ? -4.712  -15.939 -1.928  1.00 29.33 ? 26  GLU A CG  1 
ATOM   78   C CD  . GLU A 1 26  ? -5.202  -17.240 -2.535  1.00 31.70 ? 26  GLU A CD  1 
ATOM   79   O OE1 . GLU A 1 26  ? -5.735  -18.093 -1.786  1.00 33.83 ? 26  GLU A OE1 1 
ATOM   80   O OE2 . GLU A 1 26  ? -5.067  -17.409 -3.768  1.00 31.42 ? 26  GLU A OE2 1 
ATOM   81   N N   . TYR A 1 27  ? -3.368  -14.674 2.277   1.00 28.83 ? 27  TYR A N   1 
ATOM   82   C CA  . TYR A 1 27  ? -2.889  -14.776 3.647   1.00 29.59 ? 27  TYR A CA  1 
ATOM   83   C C   . TYR A 1 27  ? -3.890  -15.544 4.491   1.00 29.97 ? 27  TYR A C   1 
ATOM   84   O O   . TYR A 1 27  ? -5.102  -15.417 4.284   1.00 30.57 ? 27  TYR A O   1 
ATOM   85   C CB  . TYR A 1 27  ? -2.654  -13.381 4.238   1.00 29.57 ? 27  TYR A CB  1 
ATOM   86   C CG  . TYR A 1 27  ? -1.504  -12.630 3.579   1.00 29.48 ? 27  TYR A CG  1 
ATOM   87   C CD1 . TYR A 1 27  ? -0.239  -12.653 4.134   1.00 29.22 ? 27  TYR A CD1 1 
ATOM   88   C CD2 . TYR A 1 27  ? -1.691  -11.905 2.394   1.00 27.97 ? 27  TYR A CD2 1 
ATOM   89   C CE1 . TYR A 1 27  ? 0.816   -11.982 3.537   1.00 29.65 ? 27  TYR A CE1 1 
ATOM   90   C CE2 . TYR A 1 27  ? -0.645  -11.236 1.790   1.00 27.71 ? 27  TYR A CE2 1 
ATOM   91   C CZ  . TYR A 1 27  ? 0.607   -11.275 2.366   1.00 28.68 ? 27  TYR A CZ  1 
ATOM   92   O OH  . TYR A 1 27  ? 1.669   -10.603 1.797   1.00 27.63 ? 27  TYR A OH  1 
ATOM   93   N N   . TYR A 1 28  ? -3.382  -16.330 5.438   1.00 29.78 ? 28  TYR A N   1 
ATOM   94   C CA  . TYR A 1 28  ? -4.225  -17.136 6.311   1.00 29.48 ? 28  TYR A CA  1 
ATOM   95   C C   . TYR A 1 28  ? -4.656  -16.342 7.527   1.00 29.79 ? 28  TYR A C   1 
ATOM   96   O O   . TYR A 1 28  ? -4.455  -16.737 8.672   1.00 30.35 ? 28  TYR A O   1 
ATOM   97   C CB  . TYR A 1 28  ? -3.520  -18.435 6.684   1.00 29.25 ? 28  TYR A CB  1 
ATOM   98   C CG  . TYR A 1 28  ? -3.283  -19.316 5.475   1.00 29.11 ? 28  TYR A CG  1 
ATOM   99   C CD1 . TYR A 1 28  ? -4.366  -19.926 4.808   1.00 30.14 ? 28  TYR A CD1 1 
ATOM   100  C CD2 . TYR A 1 28  ? -2.000  -19.518 4.975   1.00 27.78 ? 28  TYR A CD2 1 
ATOM   101  C CE1 . TYR A 1 28  ? -4.166  -20.739 3.695   1.00 29.97 ? 28  TYR A CE1 1 
ATOM   102  C CE2 . TYR A 1 28  ? -1.784  -20.322 3.853   1.00 28.77 ? 28  TYR A CE2 1 
ATOM   103  C CZ  . TYR A 1 28  ? -2.875  -20.934 3.223   1.00 31.16 ? 28  TYR A CZ  1 
ATOM   104  O OH  . TYR A 1 28  ? -2.682  -21.741 2.117   1.00 34.31 ? 28  TYR A OH  1 
ATOM   105  N N   . VAL A 1 29  ? -5.316  -15.232 7.245   1.00 29.79 ? 29  VAL A N   1 
ATOM   106  C CA  . VAL A 1 29  ? -5.668  -14.260 8.238   1.00 30.08 ? 29  VAL A CA  1 
ATOM   107  C C   . VAL A 1 29  ? -6.900  -13.555 7.631   1.00 30.25 ? 29  VAL A C   1 
ATOM   108  O O   . VAL A 1 29  ? -7.034  -13.511 6.406   1.00 29.64 ? 29  VAL A O   1 
ATOM   109  C CB  . VAL A 1 29  ? -4.426  -13.326 8.479   1.00 30.12 ? 29  VAL A CB  1 
ATOM   110  C CG1 . VAL A 1 29  ? -4.597  -11.950 7.821   1.00 30.25 ? 29  VAL A CG1 1 
ATOM   111  C CG2 . VAL A 1 29  ? -4.119  -13.220 9.937   1.00 29.98 ? 29  VAL A CG2 1 
ATOM   112  N N   . PRO A 1 30  ? -7.818  -13.040 8.476   1.00 30.56 ? 30  PRO A N   1 
ATOM   113  C CA  . PRO A 1 30  ? -9.055  -12.451 7.959   1.00 30.56 ? 30  PRO A CA  1 
ATOM   114  C C   . PRO A 1 30  ? -8.846  -11.015 7.438   1.00 30.70 ? 30  PRO A C   1 
ATOM   115  O O   . PRO A 1 30  ? -7.883  -10.359 7.843   1.00 30.96 ? 30  PRO A O   1 
ATOM   116  C CB  . PRO A 1 30  ? -9.965  -12.451 9.190   1.00 30.63 ? 30  PRO A CB  1 
ATOM   117  C CG  . PRO A 1 30  ? -9.022  -12.245 10.333  1.00 30.19 ? 30  PRO A CG  1 
ATOM   118  C CD  . PRO A 1 30  ? -7.743  -12.949 9.952   1.00 30.78 ? 30  PRO A CD  1 
ATOM   119  N N   . PRO A 1 31  ? -9.757  -10.515 6.567   1.00 30.48 ? 31  PRO A N   1 
ATOM   120  C CA  . PRO A 1 31  ? -9.555  -9.221  5.871   1.00 29.43 ? 31  PRO A CA  1 
ATOM   121  C C   . PRO A 1 31  ? -9.243  -8.006  6.750   1.00 28.73 ? 31  PRO A C   1 
ATOM   122  O O   . PRO A 1 31  ? -8.400  -7.177  6.363   1.00 28.60 ? 31  PRO A O   1 
ATOM   123  C CB  . PRO A 1 31  ? -10.882 -8.996  5.132   1.00 29.38 ? 31  PRO A CB  1 
ATOM   124  C CG  . PRO A 1 31  ? -11.470 -10.364 4.978   1.00 30.88 ? 31  PRO A CG  1 
ATOM   125  C CD  . PRO A 1 31  ? -11.042 -11.148 6.195   1.00 30.19 ? 31  PRO A CD  1 
ATOM   126  N N   A GLU A 1 32  ? -9.909  -7.911  7.904   0.50 28.19 ? 32  GLU A N   1 
ATOM   127  N N   B GLU A 1 32  ? -9.906  -7.897  7.904   0.50 28.48 ? 32  GLU A N   1 
ATOM   128  C CA  A GLU A 1 32  ? -9.800  -6.743  8.796   0.50 27.57 ? 32  GLU A CA  1 
ATOM   129  C CA  B GLU A 1 32  ? -9.791  -6.710  8.772   0.50 28.15 ? 32  GLU A CA  1 
ATOM   130  C C   A GLU A 1 32  ? -8.373  -6.489  9.269   0.50 27.45 ? 32  GLU A C   1 
ATOM   131  C C   B GLU A 1 32  ? -8.368  -6.481  9.276   0.50 27.78 ? 32  GLU A C   1 
ATOM   132  O O   A GLU A 1 32  ? -7.953  -5.339  9.438   0.50 27.37 ? 32  GLU A O   1 
ATOM   133  O O   B GLU A 1 32  ? -7.943  -5.337  9.471   0.50 27.68 ? 32  GLU A O   1 
ATOM   134  C CB  A GLU A 1 32  ? -10.731 -6.887  10.003  0.50 27.56 ? 32  GLU A CB  1 
ATOM   135  C CB  B GLU A 1 32  ? -10.761 -6.814  9.950   0.50 28.40 ? 32  GLU A CB  1 
ATOM   136  C CG  A GLU A 1 32  ? -10.499 -8.139  10.853  0.50 26.97 ? 32  GLU A CG  1 
ATOM   137  C CG  B GLU A 1 32  ? -10.953 -5.540  10.769  0.50 29.51 ? 32  GLU A CG  1 
ATOM   138  C CD  A GLU A 1 32  ? -11.140 -8.025  12.216  0.50 26.00 ? 32  GLU A CD  1 
ATOM   139  C CD  B GLU A 1 32  ? -11.891 -5.776  11.943  0.50 30.82 ? 32  GLU A CD  1 
ATOM   140  O OE1 A GLU A 1 32  ? -10.947 -6.961  12.837  0.50 27.44 ? 32  GLU A OE1 1 
ATOM   141  O OE1 B GLU A 1 32  ? -12.001 -6.942  12.374  0.50 32.52 ? 32  GLU A OE1 1 
ATOM   142  O OE2 A GLU A 1 32  ? -11.833 -8.970  12.661  0.50 24.32 ? 32  GLU A OE2 1 
ATOM   143  O OE2 B GLU A 1 32  ? -12.530 -4.818  12.425  0.50 30.43 ? 32  GLU A OE2 1 
ATOM   144  N N   . VAL A 1 33  ? -7.635  -7.575  9.467   1.00 27.26 ? 33  VAL A N   1 
ATOM   145  C CA  . VAL A 1 33  ? -6.258  -7.522  9.919   1.00 26.94 ? 33  VAL A CA  1 
ATOM   146  C C   . VAL A 1 33  ? -5.357  -6.984  8.788   1.00 26.53 ? 33  VAL A C   1 
ATOM   147  O O   . VAL A 1 33  ? -4.454  -6.178  9.022   1.00 26.27 ? 33  VAL A O   1 
ATOM   148  C CB  . VAL A 1 33  ? -5.859  -8.938  10.459  1.00 27.09 ? 33  VAL A CB  1 
ATOM   149  C CG1 . VAL A 1 33  ? -4.422  -9.274  10.236  1.00 27.59 ? 33  VAL A CG1 1 
ATOM   150  C CG2 . VAL A 1 33  ? -6.197  -9.059  11.929  1.00 27.18 ? 33  VAL A CG2 1 
ATOM   151  N N   . LEU A 1 34  ? -5.616  -7.414  7.557   1.00 26.13 ? 34  LEU A N   1 
ATOM   152  C CA  . LEU A 1 34  ? -4.887  -6.864  6.412   1.00 25.98 ? 34  LEU A CA  1 
ATOM   153  C C   . LEU A 1 34  ? -5.267  -5.404  6.142   1.00 25.97 ? 34  LEU A C   1 
ATOM   154  O O   . LEU A 1 34  ? -4.389  -4.572  5.885   1.00 26.56 ? 34  LEU A O   1 
ATOM   155  C CB  . LEU A 1 34  ? -5.094  -7.713  5.170   1.00 25.88 ? 34  LEU A CB  1 
ATOM   156  C CG  . LEU A 1 34  ? -4.485  -9.107  5.236   1.00 26.01 ? 34  LEU A CG  1 
ATOM   157  C CD1 . LEU A 1 34  ? -4.796  -9.844  3.971   1.00 24.36 ? 34  LEU A CD1 1 
ATOM   158  C CD2 . LEU A 1 34  ? -2.953  -8.993  5.469   1.00 27.43 ? 34  LEU A CD2 1 
ATOM   159  N N   . PHE A 1 35  ? -6.566  -5.101  6.224   1.00 25.13 ? 35  PHE A N   1 
ATOM   160  C CA  . PHE A 1 35  ? -7.072  -3.724  6.135   1.00 24.38 ? 35  PHE A CA  1 
ATOM   161  C C   . PHE A 1 35  ? -6.402  -2.791  7.160   1.00 23.62 ? 35  PHE A C   1 
ATOM   162  O O   . PHE A 1 35  ? -5.976  -1.681  6.806   1.00 24.03 ? 35  PHE A O   1 
ATOM   163  C CB  . PHE A 1 35  ? -8.610  -3.710  6.298   1.00 24.82 ? 35  PHE A CB  1 
ATOM   164  C CG  . PHE A 1 35  ? -9.231  -2.335  6.196   1.00 24.69 ? 35  PHE A CG  1 
ATOM   165  C CD1 . PHE A 1 35  ? -9.697  -1.857  4.979   1.00 24.98 ? 35  PHE A CD1 1 
ATOM   166  C CD2 . PHE A 1 35  ? -9.361  -1.524  7.332   1.00 25.73 ? 35  PHE A CD2 1 
ATOM   167  C CE1 . PHE A 1 35  ? -10.290 -0.575  4.885   1.00 24.82 ? 35  PHE A CE1 1 
ATOM   168  C CE2 . PHE A 1 35  ? -9.922  -0.241  7.253   1.00 25.56 ? 35  PHE A CE2 1 
ATOM   169  C CZ  . PHE A 1 35  ? -10.396 0.229   6.021   1.00 26.02 ? 35  PHE A CZ  1 
ATOM   170  N N   A ASN A 1 36  ? -6.331  -3.240  8.416   0.50 22.83 ? 36  ASN A N   1 
ATOM   171  N N   B ASN A 1 36  ? -6.308  -3.237  8.406   0.50 23.19 ? 36  ASN A N   1 
ATOM   172  C CA  A ASN A 1 36  ? -5.601  -2.526  9.477   0.50 21.87 ? 36  ASN A CA  1 
ATOM   173  C CA  B ASN A 1 36  ? -5.664  -2.440  9.445   0.50 22.51 ? 36  ASN A CA  1 
ATOM   174  C C   A ASN A 1 36  ? -4.186  -2.206  9.039   0.50 21.68 ? 36  ASN A C   1 
ATOM   175  C C   B ASN A 1 36  ? -4.126  -2.327  9.282   0.50 22.16 ? 36  ASN A C   1 
ATOM   176  O O   A ASN A 1 36  ? -3.720  -1.077  9.167   0.50 21.67 ? 36  ASN A O   1 
ATOM   177  O O   B ASN A 1 36  ? -3.510  -1.426  9.834   0.50 22.31 ? 36  ASN A O   1 
ATOM   178  C CB  A ASN A 1 36  ? -5.542  -3.337  10.784  0.50 20.94 ? 36  ASN A CB  1 
ATOM   179  C CB  B ASN A 1 36  ? -6.122  -2.888  10.855  0.50 22.08 ? 36  ASN A CB  1 
ATOM   180  C CG  A ASN A 1 36  ? -4.618  -2.699  11.834  0.50 19.81 ? 36  ASN A CG  1 
ATOM   181  C CG  B ASN A 1 36  ? -7.625  -2.583  11.114  0.50 21.58 ? 36  ASN A CG  1 
ATOM   182  O OD1 A ASN A 1 36  ? -3.462  -3.107  12.000  0.50 17.54 ? 36  ASN A OD1 1 
ATOM   183  O OD1 B ASN A 1 36  ? -7.990  -1.488  11.540  0.50 17.26 ? 36  ASN A OD1 1 
ATOM   184  N ND2 A ASN A 1 36  ? -5.131  -1.699  12.547  0.50 15.93 ? 36  ASN A ND2 1 
ATOM   185  N ND2 B ASN A 1 36  ? -8.490  -3.564  10.843  0.50 21.22 ? 36  ASN A ND2 1 
ATOM   186  N N   . ALA A 1 37  ? -3.515  -3.207  8.497   1.00 21.59 ? 37  ALA A N   1 
ATOM   187  C CA  . ALA A 1 37  ? -2.102  -3.072  8.170   1.00 21.76 ? 37  ALA A CA  1 
ATOM   188  C C   . ALA A 1 37  ? -1.845  -1.938  7.156   1.00 22.39 ? 37  ALA A C   1 
ATOM   189  O O   . ALA A 1 37  ? -0.741  -1.335  7.153   1.00 22.73 ? 37  ALA A O   1 
ATOM   190  C CB  . ALA A 1 37  ? -1.543  -4.397  7.643   1.00 21.42 ? 37  ALA A CB  1 
ATOM   191  N N   . PHE A 1 38  ? -2.836  -1.662  6.293   1.00 21.76 ? 38  PHE A N   1 
ATOM   192  C CA  . PHE A 1 38  ? -2.687  -0.628  5.288   1.00 21.80 ? 38  PHE A CA  1 
ATOM   193  C C   . PHE A 1 38  ? -3.101  0.764   5.769   1.00 22.70 ? 38  PHE A C   1 
ATOM   194  O O   . PHE A 1 38  ? -2.759  1.769   5.111   1.00 22.93 ? 38  PHE A O   1 
ATOM   195  C CB  . PHE A 1 38  ? -3.458  -0.976  4.019   1.00 21.70 ? 38  PHE A CB  1 
ATOM   196  C CG  . PHE A 1 38  ? -2.718  -1.902  3.099   1.00 20.98 ? 38  PHE A CG  1 
ATOM   197  C CD1 . PHE A 1 38  ? -2.021  -1.402  2.007   1.00 17.62 ? 38  PHE A CD1 1 
ATOM   198  C CD2 . PHE A 1 38  ? -2.721  -3.282  3.327   1.00 19.06 ? 38  PHE A CD2 1 
ATOM   199  C CE1 . PHE A 1 38  ? -1.323  -2.255  1.171   1.00 18.31 ? 38  PHE A CE1 1 
ATOM   200  C CE2 . PHE A 1 38  ? -2.036  -4.139  2.491   1.00 18.50 ? 38  PHE A CE2 1 
ATOM   201  C CZ  . PHE A 1 38  ? -1.341  -3.634  1.407   1.00 17.97 ? 38  PHE A CZ  1 
ATOM   202  N N   . THR A 1 39  ? -3.814  0.834   6.896   1.00 22.52 ? 39  THR A N   1 
ATOM   203  C CA  . THR A 1 39  ? -4.475  2.076   7.288   1.00 23.31 ? 39  THR A CA  1 
ATOM   204  C C   . THR A 1 39  ? -4.171  2.561   8.716   1.00 23.83 ? 39  THR A C   1 
ATOM   205  O O   . THR A 1 39  ? -4.711  3.580   9.174   1.00 23.66 ? 39  THR A O   1 
ATOM   206  C CB  . THR A 1 39  ? -6.003  1.926   7.178   1.00 23.64 ? 39  THR A CB  1 
ATOM   207  O OG1 . THR A 1 39  ? -6.421  0.833   8.004   1.00 24.34 ? 39  THR A OG1 1 
ATOM   208  C CG2 . THR A 1 39  ? -6.443  1.672   5.740   1.00 23.08 ? 39  THR A CG2 1 
ATOM   209  N N   . ASP A 1 40  ? -3.336  1.820   9.428   1.00 24.47 ? 40  ASP A N   1 
ATOM   210  C CA  . ASP A 1 40  ? -3.056  2.101   10.825  1.00 25.14 ? 40  ASP A CA  1 
ATOM   211  C C   . ASP A 1 40  ? -1.599  2.542   10.974  1.00 25.48 ? 40  ASP A C   1 
ATOM   212  O O   . ASP A 1 40  ? -0.659  1.778   10.669  1.00 25.50 ? 40  ASP A O   1 
ATOM   213  C CB  . ASP A 1 40  ? -3.347  0.855   11.645  1.00 25.05 ? 40  ASP A CB  1 
ATOM   214  C CG  . ASP A 1 40  ? -3.036  1.016   13.117  1.00 28.24 ? 40  ASP A CG  1 
ATOM   215  O OD1 . ASP A 1 40  ? -2.060  1.717   13.490  1.00 30.27 ? 40  ASP A OD1 1 
ATOM   216  O OD2 . ASP A 1 40  ? -3.771  0.385   13.913  1.00 32.56 ? 40  ASP A OD2 1 
ATOM   217  N N   . ALA A 1 41  ? -1.427  3.772   11.458  1.00 25.66 ? 41  ALA A N   1 
ATOM   218  C CA  . ALA A 1 41  ? -0.114  4.395   11.563  1.00 26.44 ? 41  ALA A CA  1 
ATOM   219  C C   . ALA A 1 41  ? 0.900   3.526   12.318  1.00 27.08 ? 41  ALA A C   1 
ATOM   220  O O   . ALA A 1 41  ? 2.068   3.420   11.894  1.00 26.64 ? 41  ALA A O   1 
ATOM   221  C CB  . ALA A 1 41  ? -0.223  5.783   12.187  1.00 25.87 ? 41  ALA A CB  1 
ATOM   222  N N   A TYR A 1 42  ? 0.463   2.885   13.399  0.50 27.52 ? 42  TYR A N   1 
ATOM   223  N N   B TYR A 1 42  ? 0.453   2.913   13.418  0.50 27.05 ? 42  TYR A N   1 
ATOM   224  C CA  A TYR A 1 42  ? 1.392   2.106   14.208  0.50 28.44 ? 42  TYR A CA  1 
ATOM   225  C CA  B TYR A 1 42  ? 1.309   2.053   14.235  0.50 27.56 ? 42  TYR A CA  1 
ATOM   226  C C   A TYR A 1 42  ? 1.795   0.778   13.549  0.50 28.58 ? 42  TYR A C   1 
ATOM   227  C C   B TYR A 1 42  ? 1.818   0.872   13.422  0.50 28.02 ? 42  TYR A C   1 
ATOM   228  O O   A TYR A 1 42  ? 2.929   0.338   13.708  0.50 28.74 ? 42  TYR A O   1 
ATOM   229  O O   B TYR A 1 42  ? 3.022   0.616   13.363  0.50 28.09 ? 42  TYR A O   1 
ATOM   230  C CB  A TYR A 1 42  ? 0.885   1.966   15.650  0.50 28.90 ? 42  TYR A CB  1 
ATOM   231  C CB  B TYR A 1 42  ? 0.552   1.559   15.471  0.50 27.43 ? 42  TYR A CB  1 
ATOM   232  C CG  A TYR A 1 42  ? 0.568   3.324   16.273  0.50 30.29 ? 42  TYR A CG  1 
ATOM   233  C CG  B TYR A 1 42  ? 1.244   0.433   16.208  0.50 27.19 ? 42  TYR A CG  1 
ATOM   234  C CD1 A TYR A 1 42  ? 1.311   4.449   15.943  0.50 31.59 ? 42  TYR A CD1 1 
ATOM   235  C CD1 B TYR A 1 42  ? 2.254   0.694   17.127  0.50 26.84 ? 42  TYR A CD1 1 
ATOM   236  C CD2 A TYR A 1 42  ? -0.467  3.475   17.177  0.50 32.01 ? 42  TYR A CD2 1 
ATOM   237  C CD2 B TYR A 1 42  ? 0.878   -0.896  15.989  0.50 26.69 ? 42  TYR A CD2 1 
ATOM   238  C CE1 A TYR A 1 42  ? 1.019   5.686   16.491  0.50 33.36 ? 42  TYR A CE1 1 
ATOM   239  C CE1 B TYR A 1 42  ? 2.889   -0.337  17.799  0.50 26.87 ? 42  TYR A CE1 1 
ATOM   240  C CE2 A TYR A 1 42  ? -0.762  4.699   17.732  0.50 33.03 ? 42  TYR A CE2 1 
ATOM   241  C CE2 B TYR A 1 42  ? 1.505   -1.930  16.658  0.50 26.64 ? 42  TYR A CE2 1 
ATOM   242  C CZ  A TYR A 1 42  ? -0.015  5.801   17.391  0.50 33.76 ? 42  TYR A CZ  1 
ATOM   243  C CZ  B TYR A 1 42  ? 2.507   -1.645  17.561  0.50 27.46 ? 42  TYR A CZ  1 
ATOM   244  O OH  A TYR A 1 42  ? -0.320  7.024   17.948  0.50 34.70 ? 42  TYR A OH  1 
ATOM   245  O OH  B TYR A 1 42  ? 3.122   -2.672  18.228  0.50 28.87 ? 42  TYR A OH  1 
ATOM   246  N N   . THR A 1 43  ? 0.892   0.173   12.769  1.00 28.68 ? 43  THR A N   1 
ATOM   247  C CA  . THR A 1 43  ? 1.249   -1.000  11.972  1.00 28.77 ? 43  THR A CA  1 
ATOM   248  C C   . THR A 1 43  ? 2.120   -0.585  10.786  1.00 29.06 ? 43  THR A C   1 
ATOM   249  O O   . THR A 1 43  ? 3.162   -1.221  10.515  1.00 29.69 ? 43  THR A O   1 
ATOM   250  C CB  . THR A 1 43  ? 0.021   -1.819  11.544  1.00 28.56 ? 43  THR A CB  1 
ATOM   251  O OG1 . THR A 1 43  ? -0.714  -2.169  12.714  1.00 30.04 ? 43  THR A OG1 1 
ATOM   252  C CG2 . THR A 1 43  ? 0.448   -3.112  10.887  1.00 28.70 ? 43  THR A CG2 1 
ATOM   253  N N   . LEU A 1 44  ? 1.718   0.490   10.101  1.00 28.13 ? 44  LEU A N   1 
ATOM   254  C CA  . LEU A 1 44  ? 2.510   1.009   8.981   1.00 27.58 ? 44  LEU A CA  1 
ATOM   255  C C   . LEU A 1 44  ? 3.970   1.307   9.358   1.00 27.31 ? 44  LEU A C   1 
ATOM   256  O O   . LEU A 1 44  ? 4.891   0.969   8.606   1.00 26.22 ? 44  LEU A O   1 
ATOM   257  C CB  . LEU A 1 44  ? 1.844   2.241   8.356   1.00 27.43 ? 44  LEU A CB  1 
ATOM   258  C CG  . LEU A 1 44  ? 0.598   1.966   7.502   1.00 27.28 ? 44  LEU A CG  1 
ATOM   259  C CD1 . LEU A 1 44  ? -0.202  3.243   7.383   1.00 25.77 ? 44  LEU A CD1 1 
ATOM   260  C CD2 . LEU A 1 44  ? 0.938   1.377   6.133   1.00 25.38 ? 44  LEU A CD2 1 
ATOM   261  N N   . THR A 1 45  ? 4.157   1.939   10.518  1.00 27.46 ? 45  THR A N   1 
ATOM   262  C CA  . THR A 1 45  ? 5.482   2.214   11.071  1.00 27.91 ? 45  THR A CA  1 
ATOM   263  C C   . THR A 1 45  ? 6.291   0.916   11.286  1.00 27.89 ? 45  THR A C   1 
ATOM   264  O O   . THR A 1 45  ? 7.461   0.874   10.940  1.00 27.66 ? 45  THR A O   1 
ATOM   265  C CB  . THR A 1 45  ? 5.378   3.024   12.375  1.00 28.26 ? 45  THR A CB  1 
ATOM   266  O OG1 . THR A 1 45  ? 4.766   4.291   12.101  1.00 28.61 ? 45  THR A OG1 1 
ATOM   267  C CG2 . THR A 1 45  ? 6.765   3.268   13.002  1.00 28.87 ? 45  THR A CG2 1 
ATOM   268  N N   . ARG A 1 46  ? 5.658   -0.138  11.822  1.00 27.73 ? 46  ARG A N   1 
ATOM   269  C CA  . ARG A 1 46  ? 6.319   -1.427  11.977  1.00 27.32 ? 46  ARG A CA  1 
ATOM   270  C C   . ARG A 1 46  ? 6.667   -1.995  10.620  1.00 27.83 ? 46  ARG A C   1 
ATOM   271  O O   . ARG A 1 46  ? 7.700   -2.620  10.464  1.00 28.98 ? 46  ARG A O   1 
ATOM   272  C CB  . ARG A 1 46  ? 5.422   -2.454  12.670  1.00 27.73 ? 46  ARG A CB  1 
ATOM   273  C CG  . ARG A 1 46  ? 5.074   -2.234  14.121  1.00 27.20 ? 46  ARG A CG  1 
ATOM   274  C CD  . ARG A 1 46  ? 4.248   -3.437  14.610  1.00 29.32 ? 46  ARG A CD  1 
ATOM   275  N NE  . ARG A 1 46  ? 5.058   -4.663  14.772  1.00 30.30 ? 46  ARG A NE  1 
ATOM   276  C CZ  . ARG A 1 46  ? 4.563   -5.900  14.943  1.00 28.96 ? 46  ARG A CZ  1 
ATOM   277  N NH1 . ARG A 1 46  ? 3.256   -6.123  14.961  1.00 25.92 ? 46  ARG A NH1 1 
ATOM   278  N NH2 . ARG A 1 46  ? 5.390   -6.932  15.094  1.00 29.98 ? 46  ARG A NH2 1 
ATOM   279  N N   . LEU A 1 47  ? 5.791   -1.823  9.636   1.00 27.86 ? 47  LEU A N   1 
ATOM   280  C CA  . LEU A 1 47  ? 6.065   -2.307  8.282   1.00 27.60 ? 47  LEU A CA  1 
ATOM   281  C C   . LEU A 1 47  ? 7.170   -1.498  7.600   1.00 27.51 ? 47  LEU A C   1 
ATOM   282  O O   . LEU A 1 47  ? 7.767   -1.955  6.617   1.00 26.61 ? 47  LEU A O   1 
ATOM   283  C CB  . LEU A 1 47  ? 4.787   -2.289  7.430   1.00 27.66 ? 47  LEU A CB  1 
ATOM   284  C CG  . LEU A 1 47  ? 3.696   -3.323  7.733   1.00 27.23 ? 47  LEU A CG  1 
ATOM   285  C CD1 . LEU A 1 47  ? 2.415   -2.983  6.990   1.00 27.42 ? 47  LEU A CD1 1 
ATOM   286  C CD2 . LEU A 1 47  ? 4.162   -4.693  7.365   1.00 25.20 ? 47  LEU A CD2 1 
ATOM   287  N N   . SER A 1 48  ? 7.410   -0.296  8.132   1.00 27.95 ? 48  SER A N   1 
ATOM   288  C CA  . SER A 1 48  ? 8.454   0.633   7.671   1.00 28.69 ? 48  SER A CA  1 
ATOM   289  C C   . SER A 1 48  ? 9.707   0.510   8.534   1.00 29.46 ? 48  SER A C   1 
ATOM   290  O O   . SER A 1 48  ? 10.551  1.413   8.574   1.00 29.43 ? 48  SER A O   1 
ATOM   291  C CB  . SER A 1 48  ? 7.951   2.071   7.765   1.00 28.77 ? 48  SER A CB  1 
ATOM   292  O OG  . SER A 1 48  ? 6.800   2.285   6.957   1.00 28.02 ? 48  SER A OG  1 
ATOM   293  N N   . ARG A 1 49  ? 9.811   -0.608  9.249   1.00 30.42 ? 49  ARG A N   1 
ATOM   294  C CA  . ARG A 1 49  ? 10.938  -0.852  10.144  1.00 30.90 ? 49  ARG A CA  1 
ATOM   295  C C   . ARG A 1 49  ? 11.295  0.348   10.999  1.00 31.06 ? 49  ARG A C   1 
ATOM   296  O O   . ARG A 1 49  ? 12.485  0.684   11.124  1.00 31.63 ? 49  ARG A O   1 
ATOM   297  C CB  . ARG A 1 49  ? 12.166  -1.300  9.342   1.00 30.98 ? 49  ARG A CB  1 
ATOM   298  C CG  . ARG A 1 49  ? 12.045  -2.732  8.793   1.00 32.13 ? 49  ARG A CG  1 
ATOM   299  C CD  . ARG A 1 49  ? 11.633  -3.677  9.906   1.00 33.19 ? 49  ARG A CD  1 
ATOM   300  N NE  . ARG A 1 49  ? 12.664  -3.877  10.932  1.00 35.54 ? 49  ARG A NE  1 
ATOM   301  C CZ  . ARG A 1 49  ? 12.404  -4.130  12.216  1.00 36.37 ? 49  ARG A CZ  1 
ATOM   302  N NH1 . ARG A 1 49  ? 13.390  -4.325  13.087  1.00 33.58 ? 49  ARG A NH1 1 
ATOM   303  N NH2 . ARG A 1 49  ? 11.143  -4.176  12.631  1.00 39.30 ? 49  ARG A NH2 1 
ATOM   304  N N   . GLY A 1 50  ? 10.283  0.998   11.576  1.00 30.60 ? 50  GLY A N   1 
ATOM   305  C CA  . GLY A 1 50  ? 10.523  2.151   12.456  1.00 30.62 ? 50  GLY A CA  1 
ATOM   306  C C   . GLY A 1 50  ? 10.381  3.593   11.967  1.00 30.56 ? 50  GLY A C   1 
ATOM   307  O O   . GLY A 1 50  ? 10.234  4.477   12.791  1.00 30.27 ? 50  GLY A O   1 
ATOM   308  N N   . SER A 1 51  ? 10.461  3.865   10.664  1.00 31.42 ? 51  SER A N   1 
ATOM   309  C CA  . SER A 1 51  ? 10.176  5.236   10.156  1.00 33.03 ? 51  SER A CA  1 
ATOM   310  C C   . SER A 1 51  ? 8.720   5.631   10.388  1.00 33.66 ? 51  SER A C   1 
ATOM   311  O O   . SER A 1 51  ? 7.820   4.839   10.109  1.00 34.18 ? 51  SER A O   1 
ATOM   312  C CB  . SER A 1 51  ? 10.454  5.364   8.667   1.00 32.65 ? 51  SER A CB  1 
ATOM   313  O OG  . SER A 1 51  ? 11.765  4.964   8.353   1.00 34.83 ? 51  SER A OG  1 
ATOM   314  N N   . LEU A 1 52  ? 8.482   6.848   10.877  1.00 34.62 ? 52  LEU A N   1 
ATOM   315  C CA  . LEU A 1 52  ? 7.120   7.254   11.218  1.00 35.60 ? 52  LEU A CA  1 
ATOM   316  C C   . LEU A 1 52  ? 6.245   7.302   9.984   1.00 35.56 ? 52  LEU A C   1 
ATOM   317  O O   . LEU A 1 52  ? 6.581   7.967   8.999   1.00 35.67 ? 52  LEU A O   1 
ATOM   318  C CB  . LEU A 1 52  ? 7.060   8.588   11.984  1.00 36.11 ? 52  LEU A CB  1 
ATOM   319  C CG  . LEU A 1 52  ? 5.753   8.925   12.759  1.00 37.77 ? 52  LEU A CG  1 
ATOM   320  C CD1 . LEU A 1 52  ? 5.197   7.780   13.662  1.00 38.52 ? 52  LEU A CD1 1 
ATOM   321  C CD2 . LEU A 1 52  ? 5.901   10.196  13.584  1.00 38.51 ? 52  LEU A CD2 1 
ATOM   322  N N   . ALA A 1 53  ? 5.157   6.529   10.043  1.00 35.43 ? 53  ALA A N   1 
ATOM   323  C CA  . ALA A 1 53  ? 4.026   6.650   9.127   1.00 34.62 ? 53  ALA A CA  1 
ATOM   324  C C   . ALA A 1 53  ? 3.029   7.579   9.792   1.00 34.45 ? 53  ALA A C   1 
ATOM   325  O O   . ALA A 1 53  ? 2.782   7.450   10.986  1.00 34.77 ? 53  ALA A O   1 
ATOM   326  C CB  . ALA A 1 53  ? 3.401   5.317   8.912   1.00 34.19 ? 53  ALA A CB  1 
ATOM   327  N N   . GLU A 1 54  ? 2.490   8.530   9.036   1.00 34.22 ? 54  GLU A N   1 
ATOM   328  C CA  . GLU A 1 54  ? 1.415   9.396   9.514   1.00 34.35 ? 54  GLU A CA  1 
ATOM   329  C C   . GLU A 1 54  ? 0.147   9.131   8.686   1.00 33.72 ? 54  GLU A C   1 
ATOM   330  O O   . GLU A 1 54  ? 0.210   8.983   7.454   1.00 33.31 ? 54  GLU A O   1 
ATOM   331  C CB  . GLU A 1 54  ? 1.817   10.883  9.464   1.00 34.78 ? 54  GLU A CB  1 
ATOM   332  C CG  . GLU A 1 54  ? 2.895   11.298  10.499  1.00 37.73 ? 54  GLU A CG  1 
ATOM   333  C CD  . GLU A 1 54  ? 3.424   12.743  10.309  1.00 42.54 ? 54  GLU A CD  1 
ATOM   334  O OE1 . GLU A 1 54  ? 3.245   13.356  9.227   1.00 43.20 ? 54  GLU A OE1 1 
ATOM   335  O OE2 . GLU A 1 54  ? 4.044   13.269  11.260  1.00 44.50 ? 54  GLU A OE2 1 
ATOM   336  N N   . VAL A 1 55  ? -0.989  9.065   9.378   1.00 32.72 ? 55  VAL A N   1 
ATOM   337  C CA  . VAL A 1 55  ? -2.245  8.610   8.796   1.00 31.86 ? 55  VAL A CA  1 
ATOM   338  C C   . VAL A 1 55  ? -3.399  9.417   9.360   1.00 31.31 ? 55  VAL A C   1 
ATOM   339  O O   . VAL A 1 55  ? -3.641  9.406   10.571  1.00 30.86 ? 55  VAL A O   1 
ATOM   340  C CB  . VAL A 1 55  ? -2.503  7.076   9.082   1.00 31.99 ? 55  VAL A CB  1 
ATOM   341  C CG1 . VAL A 1 55  ? -3.964  6.709   8.878   1.00 32.51 ? 55  VAL A CG1 1 
ATOM   342  C CG2 . VAL A 1 55  ? -1.645  6.198   8.212   1.00 30.68 ? 55  VAL A CG2 1 
ATOM   343  N N   . ASP A 1 56  ? -4.102  10.125  8.480   1.00 31.00 ? 56  ASP A N   1 
ATOM   344  C CA  . ASP A 1 56  ? -5.384  10.722  8.819   1.00 30.63 ? 56  ASP A CA  1 
ATOM   345  C C   . ASP A 1 56  ? -6.421  9.900   8.059   1.00 30.41 ? 56  ASP A C   1 
ATOM   346  O O   . ASP A 1 56  ? -6.700  10.163  6.877   1.00 30.42 ? 56  ASP A O   1 
ATOM   347  C CB  . ASP A 1 56  ? -5.412  12.199  8.431   1.00 30.61 ? 56  ASP A CB  1 
ATOM   348  C CG  . ASP A 1 56  ? -6.743  12.872  8.733   1.00 33.27 ? 56  ASP A CG  1 
ATOM   349  O OD1 . ASP A 1 56  ? -7.553  12.365  9.557   1.00 37.68 ? 56  ASP A OD1 1 
ATOM   350  O OD2 . ASP A 1 56  ? -6.996  13.934  8.128   1.00 34.56 ? 56  ASP A OD2 1 
ATOM   351  N N   . LEU A 1 57  ? -6.966  8.881   8.732   1.00 29.60 ? 57  LEU A N   1 
ATOM   352  C CA  . LEU A 1 57  ? -7.824  7.892   8.063   1.00 29.09 ? 57  LEU A CA  1 
ATOM   353  C C   . LEU A 1 57  ? -9.256  8.363   7.796   1.00 29.48 ? 57  LEU A C   1 
ATOM   354  O O   . LEU A 1 57  ? -10.197 8.054   8.551   1.00 29.45 ? 57  LEU A O   1 
ATOM   355  C CB  . LEU A 1 57  ? -7.793  6.551   8.788   1.00 28.15 ? 57  LEU A CB  1 
ATOM   356  C CG  . LEU A 1 57  ? -8.492  5.376   8.118   1.00 26.87 ? 57  LEU A CG  1 
ATOM   357  C CD1 . LEU A 1 57  ? -7.736  4.999   6.869   1.00 23.53 ? 57  LEU A CD1 1 
ATOM   358  C CD2 . LEU A 1 57  ? -8.617  4.196   9.118   1.00 22.56 ? 57  LEU A CD2 1 
ATOM   359  N N   . LYS A 1 58  ? -9.407  9.108   6.701   1.00 29.44 ? 58  LYS A N   1 
ATOM   360  C CA  . LYS A 1 58  ? -10.723 9.597   6.249   1.00 29.91 ? 58  LYS A CA  1 
ATOM   361  C C   . LYS A 1 58  ? -10.657 9.931   4.745   1.00 29.22 ? 58  LYS A C   1 
ATOM   362  O O   . LYS A 1 58  ? -9.565  10.121  4.201   1.00 29.19 ? 58  LYS A O   1 
ATOM   363  C CB  . LYS A 1 58  ? -11.189 10.806  7.088   1.00 29.93 ? 58  LYS A CB  1 
ATOM   364  C CG  . LYS A 1 58  ? -10.533 12.147  6.709   1.00 32.31 ? 58  LYS A CG  1 
ATOM   365  C CD  . LYS A 1 58  ? -10.871 13.223  7.725   1.00 36.61 ? 58  LYS A CD  1 
ATOM   366  C CE  . LYS A 1 58  ? -10.181 14.540  7.406   1.00 38.85 ? 58  LYS A CE  1 
ATOM   367  N NZ  . LYS A 1 58  ? -11.127 15.460  6.745   1.00 42.01 ? 58  LYS A NZ  1 
ATOM   368  N N   . VAL A 1 59  ? -11.806 9.960   4.072   1.00 28.67 ? 59  VAL A N   1 
ATOM   369  C CA  . VAL A 1 59  ? -11.833 10.295  2.649   1.00 28.07 ? 59  VAL A CA  1 
ATOM   370  C C   . VAL A 1 59  ? -11.299 11.724  2.514   1.00 27.91 ? 59  VAL A C   1 
ATOM   371  O O   . VAL A 1 59  ? -11.798 12.634  3.175   1.00 28.00 ? 59  VAL A O   1 
ATOM   372  C CB  . VAL A 1 59  ? -13.259 10.125  2.042   1.00 28.41 ? 59  VAL A CB  1 
ATOM   373  C CG1 . VAL A 1 59  ? -13.363 10.766  0.628   1.00 27.68 ? 59  VAL A CG1 1 
ATOM   374  C CG2 . VAL A 1 59  ? -13.668 8.631   2.018   1.00 27.23 ? 59  VAL A CG2 1 
ATOM   375  N N   . GLY A 1 60  ? -10.255 11.906  1.705   1.00 27.23 ? 60  GLY A N   1 
ATOM   376  C CA  . GLY A 1 60  ? -9.563  13.191  1.621   1.00 26.80 ? 60  GLY A CA  1 
ATOM   377  C C   . GLY A 1 60  ? -8.438  13.352  2.645   1.00 27.07 ? 60  GLY A C   1 
ATOM   378  O O   . GLY A 1 60  ? -7.734  14.382  2.656   1.00 26.96 ? 60  GLY A O   1 
ATOM   379  N N   . GLY A 1 61  ? -8.270  12.348  3.515   1.00 26.15 ? 61  GLY A N   1 
ATOM   380  C CA  . GLY A 1 61  ? -7.255  12.395  4.563   1.00 25.53 ? 61  GLY A CA  1 
ATOM   381  C C   . GLY A 1 61  ? -5.894  12.057  3.981   1.00 25.75 ? 61  GLY A C   1 
ATOM   382  O O   . GLY A 1 61  ? -5.771  11.189  3.106   1.00 25.41 ? 61  GLY A O   1 
ATOM   383  N N   . LYS A 1 62  ? -4.870  12.746  4.467   1.00 25.36 ? 62  LYS A N   1 
ATOM   384  C CA  . LYS A 1 62  ? -3.523  12.527  3.987   1.00 26.08 ? 62  LYS A CA  1 
ATOM   385  C C   . LYS A 1 62  ? -2.844  11.366  4.695   1.00 25.37 ? 62  LYS A C   1 
ATOM   386  O O   . LYS A 1 62  ? -3.282  10.905  5.756   1.00 24.44 ? 62  LYS A O   1 
ATOM   387  C CB  . LYS A 1 62  ? -2.685  13.806  4.109   1.00 26.72 ? 62  LYS A CB  1 
ATOM   388  C CG  . LYS A 1 62  ? -2.983  14.819  3.007   1.00 30.67 ? 62  LYS A CG  1 
ATOM   389  C CD  . LYS A 1 62  ? -2.471  16.190  3.396   1.00 37.30 ? 62  LYS A CD  1 
ATOM   390  C CE  . LYS A 1 62  ? -2.527  17.197  2.231   1.00 40.47 ? 62  LYS A CE  1 
ATOM   391  N NZ  . LYS A 1 62  ? -2.098  18.547  2.767   1.00 41.72 ? 62  LYS A NZ  1 
ATOM   392  N N   . PHE A 1 63  ? -1.798  10.874  4.047   1.00 25.02 ? 63  PHE A N   1 
ATOM   393  C CA  . PHE A 1 63  ? -0.877  9.947   4.652   1.00 25.73 ? 63  PHE A CA  1 
ATOM   394  C C   . PHE A 1 63  ? 0.522   10.200  4.154   1.00 26.11 ? 63  PHE A C   1 
ATOM   395  O O   . PHE A 1 63  ? 0.726   10.767  3.087   1.00 25.15 ? 63  PHE A O   1 
ATOM   396  C CB  . PHE A 1 63  ? -1.302  8.472   4.494   1.00 25.69 ? 63  PHE A CB  1 
ATOM   397  C CG  . PHE A 1 63  ? -1.263  7.949   3.079   1.00 24.76 ? 63  PHE A CG  1 
ATOM   398  C CD1 . PHE A 1 63  ? -0.087  7.418   2.549   1.00 25.27 ? 63  PHE A CD1 1 
ATOM   399  C CD2 . PHE A 1 63  ? -2.411  7.944   2.294   1.00 21.96 ? 63  PHE A CD2 1 
ATOM   400  C CE1 . PHE A 1 63  ? -0.051  6.917   1.240   1.00 24.34 ? 63  PHE A CE1 1 
ATOM   401  C CE2 . PHE A 1 63  ? -2.385  7.438   1.003   1.00 22.59 ? 63  PHE A CE2 1 
ATOM   402  C CZ  . PHE A 1 63  ? -1.207  6.929   0.470   1.00 22.83 ? 63  PHE A CZ  1 
ATOM   403  N N   A SER A 1 64  ? 1.479   9.742   4.951   0.50 26.97 ? 64  SER A N   1 
ATOM   404  N N   B SER A 1 64  ? 1.495   9.824   4.976   0.50 26.84 ? 64  SER A N   1 
ATOM   405  C CA  A SER A 1 64  ? 2.898   9.920   4.685   0.50 27.66 ? 64  SER A CA  1 
ATOM   406  C CA  B SER A 1 64  ? 2.909   9.912   4.614   0.50 27.36 ? 64  SER A CA  1 
ATOM   407  C C   A SER A 1 64  ? 3.643   8.721   5.255   0.50 28.30 ? 64  SER A C   1 
ATOM   408  C C   B SER A 1 64  ? 3.651   8.746   5.242   0.50 28.15 ? 64  SER A C   1 
ATOM   409  O O   A SER A 1 64  ? 3.377   8.301   6.389   0.50 28.63 ? 64  SER A O   1 
ATOM   410  O O   B SER A 1 64  ? 3.391   8.372   6.394   0.50 28.50 ? 64  SER A O   1 
ATOM   411  C CB  A SER A 1 64  ? 3.386   11.203  5.347   0.50 27.49 ? 64  SER A CB  1 
ATOM   412  C CB  B SER A 1 64  ? 3.522   11.244  5.053   0.50 27.18 ? 64  SER A CB  1 
ATOM   413  O OG  A SER A 1 64  ? 4.733   11.076  5.733   0.50 27.46 ? 64  SER A OG  1 
ATOM   414  O OG  B SER A 1 64  ? 3.343   11.480  6.437   0.50 25.97 ? 64  SER A OG  1 
ATOM   415  N N   . LEU A 1 65  ? 4.548   8.160   4.459   1.00 28.72 ? 65  LEU A N   1 
ATOM   416  C CA  . LEU A 1 65  ? 5.424   7.085   4.899   1.00 29.35 ? 65  LEU A CA  1 
ATOM   417  C C   . LEU A 1 65  ? 6.883   7.535   4.758   1.00 29.90 ? 65  LEU A C   1 
ATOM   418  O O   . LEU A 1 65  ? 7.204   8.347   3.868   1.00 29.75 ? 65  LEU A O   1 
ATOM   419  C CB  . LEU A 1 65  ? 5.197   5.861   4.022   1.00 29.75 ? 65  LEU A CB  1 
ATOM   420  C CG  . LEU A 1 65  ? 4.211   4.747   4.396   1.00 31.26 ? 65  LEU A CG  1 
ATOM   421  C CD1 . LEU A 1 65  ? 3.021   5.222   5.219   1.00 32.32 ? 65  LEU A CD1 1 
ATOM   422  C CD2 . LEU A 1 65  ? 3.738   4.063   3.126   1.00 32.02 ? 65  LEU A CD2 1 
ATOM   423  N N   . PHE A 1 66  ? 7.757   6.977   5.608   1.00 30.06 ? 66  PHE A N   1 
ATOM   424  C CA  . PHE A 1 66  ? 9.200   7.248   5.595   1.00 30.15 ? 66  PHE A CA  1 
ATOM   425  C C   . PHE A 1 66  ? 9.510   8.759   5.622   1.00 30.37 ? 66  PHE A C   1 
ATOM   426  O O   . PHE A 1 66  ? 10.201  9.268   4.742   1.00 30.26 ? 66  PHE A O   1 
ATOM   427  C CB  . PHE A 1 66  ? 9.905   6.582   4.384   1.00 30.45 ? 66  PHE A CB  1 
ATOM   428  C CG  . PHE A 1 66  ? 9.853   5.065   4.370   1.00 30.00 ? 66  PHE A CG  1 
ATOM   429  C CD1 . PHE A 1 66  ? 10.700  4.305   5.184   1.00 29.75 ? 66  PHE A CD1 1 
ATOM   430  C CD2 . PHE A 1 66  ? 8.981   4.392   3.515   1.00 30.18 ? 66  PHE A CD2 1 
ATOM   431  C CE1 . PHE A 1 66  ? 10.657  2.898   5.163   1.00 28.36 ? 66  PHE A CE1 1 
ATOM   432  C CE2 . PHE A 1 66  ? 8.933   2.967   3.488   1.00 28.75 ? 66  PHE A CE2 1 
ATOM   433  C CZ  . PHE A 1 66  ? 9.781   2.235   4.311   1.00 28.44 ? 66  PHE A CZ  1 
ATOM   434  N N   . SER A 1 67  ? 8.984   9.458   6.626   1.00 30.63 ? 67  SER A N   1 
ATOM   435  C CA  . SER A 1 67  ? 9.145   10.914  6.773   1.00 31.08 ? 67  SER A CA  1 
ATOM   436  C C   . SER A 1 67  ? 8.792   11.762  5.527   1.00 30.75 ? 67  SER A C   1 
ATOM   437  O O   . SER A 1 67  ? 9.461   12.774  5.226   1.00 30.53 ? 67  SER A O   1 
ATOM   438  C CB  . SER A 1 67  ? 10.550  11.245  7.275   1.00 31.61 ? 67  SER A CB  1 
ATOM   439  O OG  . SER A 1 67  ? 10.813  10.537  8.473   1.00 34.10 ? 67  SER A OG  1 
ATOM   440  N N   . GLY A 1 68  ? 7.736   11.351  4.821   1.00 29.73 ? 68  GLY A N   1 
ATOM   441  C CA  . GLY A 1 68  ? 7.225   12.122  3.699   1.00 28.47 ? 68  GLY A CA  1 
ATOM   442  C C   . GLY A 1 68  ? 7.867   11.773  2.369   1.00 27.97 ? 68  GLY A C   1 
ATOM   443  O O   . GLY A 1 68  ? 7.701   12.500  1.397   1.00 27.35 ? 68  GLY A O   1 
ATOM   444  N N   . SER A 1 69  ? 8.606   10.666  2.335   1.00 27.36 ? 69  SER A N   1 
ATOM   445  C CA  . SER A 1 69  ? 9.207   10.156  1.108   1.00 27.65 ? 69  SER A CA  1 
ATOM   446  C C   . SER A 1 69  ? 8.161   9.535   0.170   1.00 27.31 ? 69  SER A C   1 
ATOM   447  O O   . SER A 1 69  ? 8.332   9.511   -1.055  1.00 27.45 ? 69  SER A O   1 
ATOM   448  C CB  . SER A 1 69  ? 10.286  9.121   1.440   1.00 27.34 ? 69  SER A CB  1 
ATOM   449  O OG  . SER A 1 69  ? 11.439  9.778   1.969   1.00 30.49 ? 69  SER A OG  1 
ATOM   450  N N   . ILE A 1 70  ? 7.118   8.990   0.777   1.00 26.63 ? 70  ILE A N   1 
ATOM   451  C CA  . ILE A 1 70  ? 5.945   8.500   0.093   1.00 26.62 ? 70  ILE A CA  1 
ATOM   452  C C   . ILE A 1 70  ? 4.770   9.284   0.706   1.00 25.95 ? 70  ILE A C   1 
ATOM   453  O O   . ILE A 1 70  ? 4.616   9.324   1.931   1.00 25.95 ? 70  ILE A O   1 
ATOM   454  C CB  . ILE A 1 70  ? 5.777   6.975   0.306   1.00 26.45 ? 70  ILE A CB  1 
ATOM   455  C CG1 . ILE A 1 70  ? 6.903   6.204   -0.395  1.00 27.45 ? 70  ILE A CG1 1 
ATOM   456  C CG2 . ILE A 1 70  ? 4.409   6.486   -0.175  1.00 27.43 ? 70  ILE A CG2 1 
ATOM   457  C CD1 . ILE A 1 70  ? 6.785   4.653   -0.295  1.00 26.03 ? 70  ILE A CD1 1 
ATOM   458  N N   . LEU A 1 71  ? 3.989   9.948   -0.137  1.00 24.90 ? 71  LEU A N   1 
ATOM   459  C CA  . LEU A 1 71  ? 2.774   10.614  0.328   1.00 24.82 ? 71  LEU A CA  1 
ATOM   460  C C   . LEU A 1 71  ? 1.564   10.291  -0.526  1.00 24.47 ? 71  LEU A C   1 
ATOM   461  O O   . LEU A 1 71  ? 1.680   9.775   -1.641  1.00 24.72 ? 71  LEU A O   1 
ATOM   462  C CB  . LEU A 1 71  ? 2.947   12.122  0.497   1.00 24.78 ? 71  LEU A CB  1 
ATOM   463  C CG  . LEU A 1 71  ? 3.309   13.067  -0.648  1.00 26.48 ? 71  LEU A CG  1 
ATOM   464  C CD1 . LEU A 1 71  ? 2.948   14.531  -0.243  1.00 27.51 ? 71  LEU A CD1 1 
ATOM   465  C CD2 . LEU A 1 71  ? 4.787   12.943  -0.970  1.00 25.77 ? 71  LEU A CD2 1 
ATOM   466  N N   . GLY A 1 72  ? 0.400   10.554  0.033   1.00 23.73 ? 72  GLY A N   1 
ATOM   467  C CA  . GLY A 1 72  ? -0.821  10.223  -0.618  1.00 23.58 ? 72  GLY A CA  1 
ATOM   468  C C   . GLY A 1 72  ? -2.003  10.758  0.145   1.00 23.67 ? 72  GLY A C   1 
ATOM   469  O O   . GLY A 1 72  ? -1.871  11.620  1.004   1.00 23.70 ? 72  GLY A O   1 
ATOM   470  N N   . GLU A 1 73  ? -3.161  10.232  -0.208  1.00 24.30 ? 73  GLU A N   1 
ATOM   471  C CA  . GLU A 1 73  ? -4.446  10.700  0.249   1.00 24.85 ? 73  GLU A CA  1 
ATOM   472  C C   . GLU A 1 73  ? -5.461  9.577   0.006   1.00 24.53 ? 73  GLU A C   1 
ATOM   473  O O   . GLU A 1 73  ? -5.508  8.979   -1.074  1.00 24.90 ? 73  GLU A O   1 
ATOM   474  C CB  . GLU A 1 73  ? -4.822  11.954  -0.523  1.00 25.19 ? 73  GLU A CB  1 
ATOM   475  C CG  . GLU A 1 73  ? -6.289  12.382  -0.413  1.00 29.56 ? 73  GLU A CG  1 
ATOM   476  C CD  . GLU A 1 73  ? -6.598  13.638  -1.229  1.00 34.32 ? 73  GLU A CD  1 
ATOM   477  O OE1 . GLU A 1 73  ? -7.811  13.912  -1.476  1.00 37.82 ? 73  GLU A OE1 1 
ATOM   478  O OE2 . GLU A 1 73  ? -5.632  14.342  -1.624  1.00 34.77 ? 73  GLU A OE2 1 
ATOM   479  N N   . PHE A 1 74  ? -6.220  9.255   1.043   1.00 24.19 ? 74  PHE A N   1 
ATOM   480  C CA  . PHE A 1 74  ? -7.296  8.270   0.950   1.00 24.27 ? 74  PHE A CA  1 
ATOM   481  C C   . PHE A 1 74  ? -8.467  8.846   0.177   1.00 24.01 ? 74  PHE A C   1 
ATOM   482  O O   . PHE A 1 74  ? -8.921  9.953   0.469   1.00 24.02 ? 74  PHE A O   1 
ATOM   483  C CB  . PHE A 1 74  ? -7.764  7.843   2.350   1.00 24.06 ? 74  PHE A CB  1 
ATOM   484  C CG  . PHE A 1 74  ? -6.676  7.229   3.206   1.00 23.79 ? 74  PHE A CG  1 
ATOM   485  C CD1 . PHE A 1 74  ? -6.169  5.972   2.913   1.00 22.49 ? 74  PHE A CD1 1 
ATOM   486  C CD2 . PHE A 1 74  ? -6.183  7.907   4.330   1.00 24.56 ? 74  PHE A CD2 1 
ATOM   487  C CE1 . PHE A 1 74  ? -5.171  5.388   3.714   1.00 22.35 ? 74  PHE A CE1 1 
ATOM   488  C CE2 . PHE A 1 74  ? -5.174  7.334   5.148   1.00 23.84 ? 74  PHE A CE2 1 
ATOM   489  C CZ  . PHE A 1 74  ? -4.676  6.069   4.838   1.00 22.87 ? 74  PHE A CZ  1 
ATOM   490  N N   . THR A 1 75  ? -8.949  8.101   -0.813  1.00 24.58 ? 75  THR A N   1 
ATOM   491  C CA  . THR A 1 75  ? -10.049 8.584   -1.670  1.00 24.83 ? 75  THR A CA  1 
ATOM   492  C C   . THR A 1 75  ? -11.265 7.676   -1.589  1.00 25.81 ? 75  THR A C   1 
ATOM   493  O O   . THR A 1 75  ? -12.352 8.059   -2.019  1.00 27.15 ? 75  THR A O   1 
ATOM   494  C CB  . THR A 1 75  ? -9.624  8.816   -3.149  1.00 24.38 ? 75  THR A CB  1 
ATOM   495  O OG1 . THR A 1 75  ? -9.317  7.573   -3.779  1.00 23.09 ? 75  THR A OG1 1 
ATOM   496  C CG2 . THR A 1 75  ? -8.399  9.725   -3.246  1.00 23.48 ? 75  THR A CG2 1 
ATOM   497  N N   . GLU A 1 76  ? -11.084 6.489   -1.009  1.00 26.19 ? 76  GLU A N   1 
ATOM   498  C CA  . GLU A 1 76  ? -12.183 5.557   -0.743  1.00 26.17 ? 76  GLU A CA  1 
ATOM   499  C C   . GLU A 1 76  ? -11.811 4.591   0.384   1.00 25.75 ? 76  GLU A C   1 
ATOM   500  O O   . GLU A 1 76  ? -10.802 3.871   0.324   1.00 25.58 ? 76  GLU A O   1 
ATOM   501  C CB  . GLU A 1 76  ? -12.566 4.767   -2.002  1.00 26.10 ? 76  GLU A CB  1 
ATOM   502  C CG  . GLU A 1 76  ? -13.934 4.032   -1.875  1.00 28.49 ? 76  GLU A CG  1 
ATOM   503  C CD  . GLU A 1 76  ? -14.164 2.937   -2.928  1.00 29.20 ? 76  GLU A CD  1 
ATOM   504  O OE1 . GLU A 1 76  ? -13.873 3.141   -4.130  1.00 28.59 ? 76  GLU A OE1 1 
ATOM   505  O OE2 . GLU A 1 76  ? -14.644 1.853   -2.536  1.00 31.29 ? 76  GLU A OE2 1 
ATOM   506  N N   . ILE A 1 77  ? -12.632 4.587   1.420   1.00 25.80 ? 77  ILE A N   1 
ATOM   507  C CA  . ILE A 1 77  ? -12.435 3.679   2.552   1.00 25.30 ? 77  ILE A CA  1 
ATOM   508  C C   . ILE A 1 77  ? -13.686 2.866   2.781   1.00 25.31 ? 77  ILE A C   1 
ATOM   509  O O   . ILE A 1 77  ? -14.626 3.342   3.428   1.00 24.63 ? 77  ILE A O   1 
ATOM   510  C CB  . ILE A 1 77  ? -12.042 4.409   3.860   1.00 25.03 ? 77  ILE A CB  1 
ATOM   511  C CG1 . ILE A 1 77  ? -10.710 5.146   3.686   1.00 23.69 ? 77  ILE A CG1 1 
ATOM   512  C CG2 . ILE A 1 77  ? -11.906 3.388   4.984   1.00 24.60 ? 77  ILE A CG2 1 
ATOM   513  C CD1 . ILE A 1 77  ? -10.535 6.289   4.615   1.00 20.68 ? 77  ILE A CD1 1 
ATOM   514  N N   . THR A 1 78  ? -13.675 1.648   2.230   1.00 25.90 ? 78  THR A N   1 
ATOM   515  C CA  . THR A 1 78  ? -14.756 0.675   2.395   1.00 26.69 ? 78  THR A CA  1 
ATOM   516  C C   . THR A 1 78  ? -14.267 -0.474  3.285   1.00 26.98 ? 78  THR A C   1 
ATOM   517  O O   . THR A 1 78  ? -13.797 -1.499  2.790   1.00 27.29 ? 78  THR A O   1 
ATOM   518  C CB  . THR A 1 78  ? -15.226 0.114   1.028   1.00 27.31 ? 78  THR A CB  1 
ATOM   519  O OG1 . THR A 1 78  ? -15.273 1.167   0.048   1.00 27.90 ? 78  THR A OG1 1 
ATOM   520  C CG2 . THR A 1 78  ? -16.624 -0.544  1.147   1.00 27.41 ? 78  THR A CG2 1 
ATOM   521  N N   . LYS A 1 79  ? -14.350 -0.278  4.595   1.00 27.54 ? 79  LYS A N   1 
ATOM   522  C CA  . LYS A 1 79  ? -13.868 -1.246  5.592   1.00 28.39 ? 79  LYS A CA  1 
ATOM   523  C C   . LYS A 1 79  ? -14.740 -2.496  5.673   1.00 28.49 ? 79  LYS A C   1 
ATOM   524  O O   . LYS A 1 79  ? -15.972 -2.354  5.755   1.00 28.91 ? 79  LYS A O   1 
ATOM   525  C CB  . LYS A 1 79  ? -13.843 -0.590  6.982   1.00 28.58 ? 79  LYS A CB  1 
ATOM   526  C CG  . LYS A 1 79  ? -13.211 -1.455  8.102   1.00 29.28 ? 79  LYS A CG  1 
ATOM   527  C CD  . LYS A 1 79  ? -12.810 -0.595  9.301   1.00 29.59 ? 79  LYS A CD  1 
ATOM   528  C CE  . LYS A 1 79  ? -12.436 -1.436  10.526  1.00 29.86 ? 79  LYS A CE  1 
ATOM   529  N NZ  . LYS A 1 79  ? -11.851 -0.523  11.565  1.00 29.40 ? 79  LYS A NZ  1 
ATOM   530  N N   . PRO A 1 80  ? -14.125 -3.714  5.681   1.00 28.53 ? 80  PRO A N   1 
ATOM   531  C CA  . PRO A 1 80  ? -12.687 -4.050  5.546   1.00 28.70 ? 80  PRO A CA  1 
ATOM   532  C C   . PRO A 1 80  ? -12.233 -4.588  4.153   1.00 28.82 ? 80  PRO A C   1 
ATOM   533  O O   . PRO A 1 80  ? -11.212 -5.298  4.049   1.00 28.89 ? 80  PRO A O   1 
ATOM   534  C CB  . PRO A 1 80  ? -12.510 -5.151  6.610   1.00 28.54 ? 80  PRO A CB  1 
ATOM   535  C CG  . PRO A 1 80  ? -13.826 -5.913  6.568   1.00 28.83 ? 80  PRO A CG  1 
ATOM   536  C CD  . PRO A 1 80  ? -14.903 -4.908  6.095   1.00 28.61 ? 80  PRO A CD  1 
ATOM   537  N N   A HIS A 1 81  ? -12.979 -4.218  3.111   0.50 28.82 ? 81  HIS A N   1 
ATOM   538  N N   B HIS A 1 81  ? -12.949 -4.239  3.090   0.50 28.79 ? 81  HIS A N   1 
ATOM   539  C CA  A HIS A 1 81  ? -12.868 -4.841  1.791   0.50 28.72 ? 81  HIS A CA  1 
ATOM   540  C CA  B HIS A 1 81  ? -12.701 -4.912  1.818   0.50 28.64 ? 81  HIS A CA  1 
ATOM   541  C C   A HIS A 1 81  ? -11.981 -4.112  0.771   0.50 28.34 ? 81  HIS A C   1 
ATOM   542  C C   B HIS A 1 81  ? -12.032 -4.109  0.692   0.50 28.33 ? 81  HIS A C   1 
ATOM   543  O O   A HIS A 1 81  ? -11.309 -4.758  -0.038  0.50 28.20 ? 81  HIS A O   1 
ATOM   544  O O   B HIS A 1 81  ? -11.538 -4.704  -0.269  0.50 28.26 ? 81  HIS A O   1 
ATOM   545  C CB  A HIS A 1 81  ? -14.266 -5.063  1.205   0.50 28.68 ? 81  HIS A CB  1 
ATOM   546  C CB  B HIS A 1 81  ? -13.960 -5.646  1.353   0.50 28.62 ? 81  HIS A CB  1 
ATOM   547  C CG  A HIS A 1 81  ? -15.058 -6.107  1.929   0.50 29.71 ? 81  HIS A CG  1 
ATOM   548  C CG  B HIS A 1 81  ? -14.357 -6.768  2.265   0.50 29.14 ? 81  HIS A CG  1 
ATOM   549  N ND1 A HIS A 1 81  ? -16.256 -5.837  2.556   0.50 29.96 ? 81  HIS A ND1 1 
ATOM   550  N ND1 B HIS A 1 81  ? -13.649 -7.948  2.346   0.50 28.47 ? 81  HIS A ND1 1 
ATOM   551  C CD2 A HIS A 1 81  ? -14.811 -7.423  2.140   0.50 30.10 ? 81  HIS A CD2 1 
ATOM   552  C CD2 B HIS A 1 81  ? -15.378 -6.883  3.148   0.50 29.25 ? 81  HIS A CD2 1 
ATOM   553  C CE1 A HIS A 1 81  ? -16.720 -6.944  3.110   0.50 30.48 ? 81  HIS A CE1 1 
ATOM   554  C CE1 B HIS A 1 81  ? -14.222 -8.745  3.229   0.50 28.64 ? 81  HIS A CE1 1 
ATOM   555  N NE2 A HIS A 1 81  ? -15.858 -7.919  2.876   0.50 30.22 ? 81  HIS A NE2 1 
ATOM   556  N NE2 B HIS A 1 81  ? -15.272 -8.123  3.733   0.50 28.50 ? 81  HIS A NE2 1 
ATOM   557  N N   . LYS A 1 82  ? -11.982 -2.783  0.817   1.00 27.86 ? 82  LYS A N   1 
ATOM   558  C CA  . LYS A 1 82  ? -11.314 -1.958  -0.210  1.00 27.68 ? 82  LYS A CA  1 
ATOM   559  C C   . LYS A 1 82  ? -10.826 -0.621  0.342   1.00 27.12 ? 82  LYS A C   1 
ATOM   560  O O   . LYS A 1 82  ? -11.482 0.017   1.199   1.00 27.27 ? 82  LYS A O   1 
ATOM   561  C CB  . LYS A 1 82  ? -12.281 -1.669  -1.375  1.00 27.60 ? 82  LYS A CB  1 
ATOM   562  C CG  . LYS A 1 82  ? -11.728 -1.748  -2.786  1.00 29.49 ? 82  LYS A CG  1 
ATOM   563  C CD  . LYS A 1 82  ? -12.617 -0.955  -3.758  1.00 33.68 ? 82  LYS A CD  1 
ATOM   564  C CE  . LYS A 1 82  ? -12.781 -1.611  -5.138  1.00 37.24 ? 82  LYS A CE  1 
ATOM   565  N NZ  . LYS A 1 82  ? -12.655 -0.629  -6.328  1.00 38.47 ? 82  LYS A NZ  1 
ATOM   566  N N   . ILE A 1 83  ? -9.671  -0.203  -0.161  1.00 26.08 ? 83  ILE A N   1 
ATOM   567  C CA  . ILE A 1 83  ? -9.210  1.175   -0.052  1.00 25.14 ? 83  ILE A CA  1 
ATOM   568  C C   . ILE A 1 83  ? -8.701  1.630   -1.421  1.00 23.42 ? 83  ILE A C   1 
ATOM   569  O O   . ILE A 1 83  ? -8.309  0.820   -2.234  1.00 22.67 ? 83  ILE A O   1 
ATOM   570  C CB  . ILE A 1 83  ? -8.137  1.389   1.061   1.00 25.54 ? 83  ILE A CB  1 
ATOM   571  C CG1 . ILE A 1 83  ? -7.083  0.289   1.035   1.00 27.94 ? 83  ILE A CG1 1 
ATOM   572  C CG2 . ILE A 1 83  ? -8.778  1.426   2.418   1.00 25.56 ? 83  ILE A CG2 1 
ATOM   573  C CD1 . ILE A 1 83  ? -5.916  0.541   1.971   1.00 30.30 ? 83  ILE A CD1 1 
ATOM   574  N N   . VAL A 1 84  ? -8.785  2.932   -1.671  1.00 22.57 ? 84  VAL A N   1 
ATOM   575  C CA  . VAL A 1 84  ? -8.246  3.572   -2.876  1.00 21.47 ? 84  VAL A CA  1 
ATOM   576  C C   . VAL A 1 84  ? -7.482  4.817   -2.431  1.00 21.48 ? 84  VAL A C   1 
ATOM   577  O O   . VAL A 1 84  ? -7.919  5.540   -1.528  1.00 20.81 ? 84  VAL A O   1 
ATOM   578  C CB  . VAL A 1 84  ? -9.358  3.981   -3.887  1.00 21.46 ? 84  VAL A CB  1 
ATOM   579  C CG1 . VAL A 1 84  ? -8.727  4.521   -5.188  1.00 21.35 ? 84  VAL A CG1 1 
ATOM   580  C CG2 . VAL A 1 84  ? -10.300 2.808   -4.179  1.00 18.12 ? 84  VAL A CG2 1 
ATOM   581  N N   . GLU A 1 85  ? -6.352  5.071   -3.076  1.00 21.88 ? 85  GLU A N   1 
ATOM   582  C CA  . GLU A 1 85  ? -5.458  6.169   -2.676  1.00 22.45 ? 85  GLU A CA  1 
ATOM   583  C C   . GLU A 1 85  ? -4.937  6.915   -3.880  1.00 22.45 ? 85  GLU A C   1 
ATOM   584  O O   . GLU A 1 85  ? -4.718  6.300   -4.918  1.00 22.28 ? 85  GLU A O   1 
ATOM   585  C CB  . GLU A 1 85  ? -4.238  5.612   -1.921  1.00 22.12 ? 85  GLU A CB  1 
ATOM   586  C CG  . GLU A 1 85  ? -4.612  4.818   -0.672  1.00 22.69 ? 85  GLU A CG  1 
ATOM   587  C CD  . GLU A 1 85  ? -3.449  4.067   -0.071  1.00 23.12 ? 85  GLU A CD  1 
ATOM   588  O OE1 . GLU A 1 85  ? -2.337  4.043   -0.647  1.00 22.72 ? 85  GLU A OE1 1 
ATOM   589  O OE2 . GLU A 1 85  ? -3.662  3.474   0.993   1.00 24.26 ? 85  GLU A OE2 1 
ATOM   590  N N   . LYS A 1 86  ? -4.749  8.231   -3.732  1.00 23.14 ? 86  LYS A N   1 
ATOM   591  C CA  . LYS A 1 86  ? -3.696  8.951   -4.479  1.00 24.25 ? 86  LYS A CA  1 
ATOM   592  C C   . LYS A 1 86  ? -2.377  8.637   -3.754  1.00 24.09 ? 86  LYS A C   1 
ATOM   593  O O   . LYS A 1 86  ? -2.355  8.528   -2.532  1.00 24.83 ? 86  LYS A O   1 
ATOM   594  C CB  . LYS A 1 86  ? -3.919  10.462  -4.474  1.00 24.30 ? 86  LYS A CB  1 
ATOM   595  C CG  . LYS A 1 86  ? -5.319  10.931  -4.895  1.00 27.73 ? 86  LYS A CG  1 
ATOM   596  C CD  . LYS A 1 86  ? -5.250  12.106  -5.890  1.00 32.89 ? 86  LYS A CD  1 
ATOM   597  C CE  . LYS A 1 86  ? -4.766  13.398  -5.239  1.00 35.52 ? 86  LYS A CE  1 
ATOM   598  N NZ  . LYS A 1 86  ? -5.757  13.813  -4.205  1.00 39.54 ? 86  LYS A NZ  1 
ATOM   599  N N   . TRP A 1 87  ? -1.288  8.509   -4.494  1.00 24.22 ? 87  TRP A N   1 
ATOM   600  C CA  . TRP A 1 87  ? -0.048  7.936   -3.973  1.00 24.27 ? 87  TRP A CA  1 
ATOM   601  C C   . TRP A 1 87  ? 1.116   8.381   -4.847  1.00 24.72 ? 87  TRP A C   1 
ATOM   602  O O   . TRP A 1 87  ? 1.110   8.158   -6.063  1.00 24.73 ? 87  TRP A O   1 
ATOM   603  C CB  . TRP A 1 87  ? -0.168  6.407   -4.031  1.00 23.95 ? 87  TRP A CB  1 
ATOM   604  C CG  . TRP A 1 87  ? 0.885   5.580   -3.293  1.00 23.02 ? 87  TRP A CG  1 
ATOM   605  C CD1 . TRP A 1 87  ? 0.713   4.918   -2.096  1.00 22.62 ? 87  TRP A CD1 1 
ATOM   606  C CD2 . TRP A 1 87  ? 2.227   5.280   -3.724  1.00 21.38 ? 87  TRP A CD2 1 
ATOM   607  N NE1 . TRP A 1 87  ? 1.864   4.234   -1.759  1.00 22.61 ? 87  TRP A NE1 1 
ATOM   608  C CE2 . TRP A 1 87  ? 2.807   4.432   -2.734  1.00 22.59 ? 87  TRP A CE2 1 
ATOM   609  C CE3 . TRP A 1 87  ? 2.996   5.638   -4.840  1.00 20.33 ? 87  TRP A CE3 1 
ATOM   610  C CZ2 . TRP A 1 87  ? 4.130   3.945   -2.830  1.00 21.83 ? 87  TRP A CZ2 1 
ATOM   611  C CZ3 . TRP A 1 87  ? 4.307   5.156   -4.944  1.00 21.35 ? 87  TRP A CZ3 1 
ATOM   612  C CH2 . TRP A 1 87  ? 4.861   4.309   -3.939  1.00 21.78 ? 87  TRP A CH2 1 
ATOM   613  N N   . LYS A 1 88  ? 2.124   8.990   -4.231  1.00 25.39 ? 88  LYS A N   1 
ATOM   614  C CA  . LYS A 1 88  ? 3.353   9.347   -4.951  1.00 26.23 ? 88  LYS A CA  1 
ATOM   615  C C   . LYS A 1 88  ? 4.589   9.204   -4.058  1.00 26.20 ? 88  LYS A C   1 
ATOM   616  O O   . LYS A 1 88  ? 4.467   9.195   -2.834  1.00 26.50 ? 88  LYS A O   1 
ATOM   617  C CB  . LYS A 1 88  ? 3.267   10.773  -5.533  1.00 26.06 ? 88  LYS A CB  1 
ATOM   618  C CG  . LYS A 1 88  ? 3.261   11.874  -4.462  1.00 27.54 ? 88  LYS A CG  1 
ATOM   619  C CD  . LYS A 1 88  ? 2.924   13.271  -5.000  1.00 29.18 ? 88  LYS A CD  1 
ATOM   620  C CE  . LYS A 1 88  ? 4.040   13.832  -5.859  1.00 29.58 ? 88  LYS A CE  1 
ATOM   621  N NZ  . LYS A 1 88  ? 3.444   14.656  -6.946  1.00 31.59 ? 88  LYS A NZ  1 
ATOM   622  N N   . PHE A 1 89  ? 5.757   9.041   -4.680  1.00 26.81 ? 89  PHE A N   1 
ATOM   623  C CA  . PHE A 1 89  ? 7.033   9.346   -4.041  1.00 27.47 ? 89  PHE A CA  1 
ATOM   624  C C   . PHE A 1 89  ? 7.195   10.859  -4.159  1.00 28.67 ? 89  PHE A C   1 
ATOM   625  O O   . PHE A 1 89  ? 6.755   11.456  -5.152  1.00 28.64 ? 89  PHE A O   1 
ATOM   626  C CB  . PHE A 1 89  ? 8.188   8.680   -4.771  1.00 27.12 ? 89  PHE A CB  1 
ATOM   627  C CG  . PHE A 1 89  ? 8.328   7.205   -4.518  1.00 25.68 ? 89  PHE A CG  1 
ATOM   628  C CD1 . PHE A 1 89  ? 8.949   6.734   -3.355  1.00 25.89 ? 89  PHE A CD1 1 
ATOM   629  C CD2 . PHE A 1 89  ? 7.912   6.286   -5.474  1.00 24.38 ? 89  PHE A CD2 1 
ATOM   630  C CE1 . PHE A 1 89  ? 9.102   5.366   -3.129  1.00 24.08 ? 89  PHE A CE1 1 
ATOM   631  C CE2 . PHE A 1 89  ? 8.061   4.903   -5.265  1.00 24.66 ? 89  PHE A CE2 1 
ATOM   632  C CZ  . PHE A 1 89  ? 8.647   4.440   -4.098  1.00 23.33 ? 89  PHE A CZ  1 
ATOM   633  N N   . ARG A 1 90  ? 7.815   11.496  -3.167  1.00 29.63 ? 90  ARG A N   1 
ATOM   634  C CA  . ARG A 1 90  ? 7.897   12.950  -3.195  1.00 30.68 ? 90  ARG A CA  1 
ATOM   635  C C   . ARG A 1 90  ? 8.767   13.497  -4.317  1.00 30.37 ? 90  ARG A C   1 
ATOM   636  O O   . ARG A 1 90  ? 8.732   14.680  -4.596  1.00 30.67 ? 90  ARG A O   1 
ATOM   637  C CB  . ARG A 1 90  ? 8.293   13.532  -1.837  1.00 31.25 ? 90  ARG A CB  1 
ATOM   638  C CG  . ARG A 1 90  ? 9.722   13.371  -1.439  1.00 34.84 ? 90  ARG A CG  1 
ATOM   639  C CD  . ARG A 1 90  ? 9.886   13.950  -0.040  1.00 42.17 ? 90  ARG A CD  1 
ATOM   640  N NE  . ARG A 1 90  ? 11.289  14.051  0.350   1.00 48.38 ? 90  ARG A NE  1 
ATOM   641  C CZ  . ARG A 1 90  ? 11.861  15.162  0.813   1.00 51.42 ? 90  ARG A CZ  1 
ATOM   642  N NH1 . ARG A 1 90  ? 11.139  16.276  0.974   1.00 52.59 ? 90  ARG A NH1 1 
ATOM   643  N NH2 . ARG A 1 90  ? 13.153  15.153  1.130   1.00 51.97 ? 90  ARG A NH2 1 
ATOM   644  N N   . ASP A 1 91  ? 9.529   12.626  -4.968  1.00 30.53 ? 91  ASP A N   1 
ATOM   645  C CA  . ASP A 1 91  ? 10.444  13.048  -6.010  1.00 30.43 ? 91  ASP A CA  1 
ATOM   646  C C   . ASP A 1 91  ? 9.821   13.013  -7.413  1.00 30.63 ? 91  ASP A C   1 
ATOM   647  O O   . ASP A 1 91  ? 10.475  13.395  -8.390  1.00 30.39 ? 91  ASP A O   1 
ATOM   648  C CB  . ASP A 1 91  ? 11.728  12.228  -5.959  1.00 29.94 ? 91  ASP A CB  1 
ATOM   649  C CG  . ASP A 1 91  ? 11.510  10.801  -6.351  1.00 31.13 ? 91  ASP A CG  1 
ATOM   650  O OD1 . ASP A 1 91  ? 10.821  10.076  -5.612  1.00 33.69 ? 91  ASP A OD1 1 
ATOM   651  O OD2 . ASP A 1 91  ? 12.035  10.386  -7.399  1.00 32.19 ? 91  ASP A OD2 1 
ATOM   652  N N   . TRP A 1 92  ? 8.569   12.562  -7.504  1.00 30.69 ? 92  TRP A N   1 
ATOM   653  C CA  . TRP A 1 92  ? 7.789   12.681  -8.731  1.00 31.43 ? 92  TRP A CA  1 
ATOM   654  C C   . TRP A 1 92  ? 7.420   14.150  -8.973  1.00 32.52 ? 92  TRP A C   1 
ATOM   655  O O   . TRP A 1 92  ? 7.490   14.980  -8.057  1.00 32.92 ? 92  TRP A O   1 
ATOM   656  C CB  . TRP A 1 92  ? 6.500   11.861  -8.630  1.00 30.83 ? 92  TRP A CB  1 
ATOM   657  C CG  . TRP A 1 92  ? 6.683   10.400  -8.640  1.00 29.39 ? 92  TRP A CG  1 
ATOM   658  C CD1 . TRP A 1 92  ? 7.861   9.715   -8.709  1.00 28.82 ? 92  TRP A CD1 1 
ATOM   659  C CD2 . TRP A 1 92  ? 5.653   9.416   -8.522  1.00 28.88 ? 92  TRP A CD2 1 
ATOM   660  N NE1 . TRP A 1 92  ? 7.631   8.360   -8.657  1.00 28.58 ? 92  TRP A NE1 1 
ATOM   661  C CE2 . TRP A 1 92  ? 6.280   8.149   -8.543  1.00 28.96 ? 92  TRP A CE2 1 
ATOM   662  C CE3 . TRP A 1 92  ? 4.262   9.475   -8.410  1.00 27.74 ? 92  TRP A CE3 1 
ATOM   663  C CZ2 . TRP A 1 92  ? 5.552   6.950   -8.470  1.00 27.03 ? 92  TRP A CZ2 1 
ATOM   664  C CZ3 . TRP A 1 92  ? 3.543   8.278   -8.322  1.00 26.61 ? 92  TRP A CZ3 1 
ATOM   665  C CH2 . TRP A 1 92  ? 4.190   7.039   -8.360  1.00 25.24 ? 92  TRP A CH2 1 
ATOM   666  N N   . ASN A 1 93  ? 6.998   14.462  -10.195 1.00 33.68 ? 93  ASN A N   1 
ATOM   667  C CA  . ASN A 1 93  ? 6.503   15.795  -10.512 1.00 34.79 ? 93  ASN A CA  1 
ATOM   668  C C   . ASN A 1 93  ? 5.440   16.201  -9.534  1.00 35.96 ? 93  ASN A C   1 
ATOM   669  O O   . ASN A 1 93  ? 4.652   15.360  -9.091  1.00 36.36 ? 93  ASN A O   1 
ATOM   670  C CB  . ASN A 1 93  ? 5.933   15.839  -11.923 1.00 34.37 ? 93  ASN A CB  1 
ATOM   671  C CG  . ASN A 1 93  ? 7.006   15.907  -12.966 1.00 34.38 ? 93  ASN A CG  1 
ATOM   672  O OD1 . ASN A 1 93  ? 7.843   16.827  -12.959 1.00 33.87 ? 93  ASN A OD1 1 
ATOM   673  N ND2 . ASN A 1 93  ? 7.005   14.933  -13.878 1.00 33.04 ? 93  ASN A ND2 1 
ATOM   674  N N   . GLU A 1 94  ? 5.417   17.489  -9.203  1.00 37.73 ? 94  GLU A N   1 
ATOM   675  C CA  . GLU A 1 94  ? 4.455   18.035  -8.250  1.00 39.42 ? 94  GLU A CA  1 
ATOM   676  C C   . GLU A 1 94  ? 3.025   17.579  -8.602  1.00 39.83 ? 94  GLU A C   1 
ATOM   677  O O   . GLU A 1 94  ? 2.269   17.160  -7.715  1.00 39.66 ? 94  GLU A O   1 
ATOM   678  C CB  . GLU A 1 94  ? 4.615   19.567  -8.164  1.00 39.91 ? 94  GLU A CB  1 
ATOM   679  C CG  . GLU A 1 94  ? 3.368   20.387  -7.729  1.00 43.91 ? 94  GLU A CG  1 
ATOM   680  C CD  . GLU A 1 94  ? 3.230   20.612  -6.208  1.00 47.78 ? 94  GLU A CD  1 
ATOM   681  O OE1 . GLU A 1 94  ? 3.314   19.636  -5.417  1.00 48.21 ? 94  GLU A OE1 1 
ATOM   682  O OE2 . GLU A 1 94  ? 2.987   21.780  -5.812  1.00 48.67 ? 94  GLU A OE2 1 
ATOM   683  N N   . CYS A 1 95  ? 2.698   17.625  -9.900  1.00 40.19 ? 95  CYS A N   1 
ATOM   684  C CA  . CYS A 1 95  ? 1.392   17.231  -10.428 1.00 40.81 ? 95  CYS A CA  1 
ATOM   685  C C   . CYS A 1 95  ? 1.102   15.723  -10.383 1.00 39.73 ? 95  CYS A C   1 
ATOM   686  O O   . CYS A 1 95  ? -0.047  15.320  -10.167 1.00 39.96 ? 95  CYS A O   1 
ATOM   687  C CB  . CYS A 1 95  ? 1.220   17.734  -11.882 1.00 41.71 ? 95  CYS A CB  1 
ATOM   688  S SG  . CYS A 1 95  ? 0.160   19.243  -12.102 1.00 46.84 ? 95  CYS A SG  1 
ATOM   689  N N   . ASP A 1 96  ? 2.124   14.898  -10.604 1.00 38.22 ? 96  ASP A N   1 
ATOM   690  C CA  . ASP A 1 96  ? 1.921   13.447  -10.773 1.00 36.62 ? 96  ASP A CA  1 
ATOM   691  C C   . ASP A 1 96  ? 1.492   12.704  -9.494  1.00 35.69 ? 96  ASP A C   1 
ATOM   692  O O   . ASP A 1 96  ? 2.064   12.889  -8.422  1.00 35.95 ? 96  ASP A O   1 
ATOM   693  C CB  . ASP A 1 96  ? 3.139   12.806  -11.432 1.00 36.24 ? 96  ASP A CB  1 
ATOM   694  C CG  . ASP A 1 96  ? 3.333   13.267  -12.875 1.00 37.33 ? 96  ASP A CG  1 
ATOM   695  O OD1 . ASP A 1 96  ? 2.440   13.962  -13.418 1.00 37.47 ? 96  ASP A OD1 1 
ATOM   696  O OD2 . ASP A 1 96  ? 4.375   12.932  -13.484 1.00 39.14 ? 96  ASP A OD2 1 
ATOM   697  N N   . TYR A 1 97  ? 0.432   11.912  -9.621  1.00 34.22 ? 97  TYR A N   1 
ATOM   698  C CA  . TYR A 1 97  ? -0.087  11.069  -8.547  1.00 32.39 ? 97  TYR A CA  1 
ATOM   699  C C   . TYR A 1 97  ? -0.515  9.743   -9.158  1.00 30.45 ? 97  TYR A C   1 
ATOM   700  O O   . TYR A 1 97  ? -1.288  9.725   -10.114 1.00 30.19 ? 97  TYR A O   1 
ATOM   701  C CB  . TYR A 1 97  ? -1.305  11.721  -7.895  1.00 32.71 ? 97  TYR A CB  1 
ATOM   702  C CG  . TYR A 1 97  ? -1.019  12.495  -6.629  1.00 35.54 ? 97  TYR A CG  1 
ATOM   703  C CD1 . TYR A 1 97  ? -0.802  11.829  -5.409  1.00 37.32 ? 97  TYR A CD1 1 
ATOM   704  C CD2 . TYR A 1 97  ? -0.964  13.899  -6.638  1.00 39.17 ? 97  TYR A CD2 1 
ATOM   705  C CE1 . TYR A 1 97  ? -0.537  12.543  -4.220  1.00 38.57 ? 97  TYR A CE1 1 
ATOM   706  C CE2 . TYR A 1 97  ? -0.692  14.628  -5.449  1.00 39.99 ? 97  TYR A CE2 1 
ATOM   707  C CZ  . TYR A 1 97  ? -0.492  13.936  -4.250  1.00 40.44 ? 97  TYR A CZ  1 
ATOM   708  O OH  . TYR A 1 97  ? -0.239  14.635  -3.088  1.00 42.74 ? 97  TYR A OH  1 
ATOM   709  N N   . SER A 1 98  ? -0.027  8.633   -8.619  1.00 27.80 ? 98  SER A N   1 
ATOM   710  C CA  . SER A 1 98  ? -0.516  7.341   -9.066  1.00 25.63 ? 98  SER A CA  1 
ATOM   711  C C   . SER A 1 98  ? -1.791  6.972   -8.288  1.00 24.39 ? 98  SER A C   1 
ATOM   712  O O   . SER A 1 98  ? -2.217  7.705   -7.382  1.00 24.02 ? 98  SER A O   1 
ATOM   713  C CB  . SER A 1 98  ? 0.576   6.277   -8.917  1.00 25.30 ? 98  SER A CB  1 
ATOM   714  O OG  . SER A 1 98  ? 0.775   5.968   -7.552  1.00 25.32 ? 98  SER A OG  1 
ATOM   715  N N   . THR A 1 99  ? -2.393  5.842   -8.644  1.00 22.93 ? 99  THR A N   1 
ATOM   716  C CA  . THR A 1 99  ? -3.567  5.344   -7.953  1.00 22.05 ? 99  THR A CA  1 
ATOM   717  C C   . THR A 1 99  ? -3.258  3.964   -7.429  1.00 22.33 ? 99  THR A C   1 
ATOM   718  O O   . THR A 1 99  ? -2.843  3.071   -8.194  1.00 22.92 ? 99  THR A O   1 
ATOM   719  C CB  . THR A 1 99  ? -4.762  5.236   -8.910  1.00 21.98 ? 99  THR A CB  1 
ATOM   720  O OG1 . THR A 1 99  ? -5.031  6.519   -9.473  1.00 21.29 ? 99  THR A OG1 1 
ATOM   721  C CG2 . THR A 1 99  ? -6.003  4.735   -8.212  1.00 20.02 ? 99  THR A CG2 1 
ATOM   722  N N   . VAL A 1 100 ? -3.441  3.789   -6.123  1.00 21.41 ? 100 VAL A N   1 
ATOM   723  C CA  . VAL A 1 100 ? -3.324  2.478   -5.517  1.00 19.92 ? 100 VAL A CA  1 
ATOM   724  C C   . VAL A 1 100 ? -4.707  2.011   -5.053  1.00 19.76 ? 100 VAL A C   1 
ATOM   725  O O   . VAL A 1 100 ? -5.425  2.728   -4.360  1.00 19.43 ? 100 VAL A O   1 
ATOM   726  C CB  . VAL A 1 100 ? -2.296  2.462   -4.345  1.00 20.13 ? 100 VAL A CB  1 
ATOM   727  C CG1 . VAL A 1 100 ? -2.325  1.093   -3.608  1.00 18.28 ? 100 VAL A CG1 1 
ATOM   728  C CG2 . VAL A 1 100 ? -0.885  2.767   -4.852  1.00 17.68 ? 100 VAL A CG2 1 
ATOM   729  N N   . THR A 1 101 ? -5.081  0.812   -5.467  1.00 19.39 ? 101 THR A N   1 
ATOM   730  C CA  . THR A 1 101 ? -6.329  0.198   -5.027  1.00 19.76 ? 101 THR A CA  1 
ATOM   731  C C   . THR A 1 101 ? -5.959  -1.106  -4.345  1.00 20.60 ? 101 THR A C   1 
ATOM   732  O O   . THR A 1 101 ? -5.153  -1.877  -4.884  1.00 21.44 ? 101 THR A O   1 
ATOM   733  C CB  . THR A 1 101 ? -7.236  -0.119  -6.236  1.00 19.36 ? 101 THR A CB  1 
ATOM   734  O OG1 . THR A 1 101 ? -7.502  1.094   -6.962  1.00 18.83 ? 101 THR A OG1 1 
ATOM   735  C CG2 . THR A 1 101 ? -8.529  -0.771  -5.790  1.00 16.89 ? 101 THR A CG2 1 
ATOM   736  N N   . VAL A 1 102 ? -6.511  -1.362  -3.170  1.00 21.06 ? 102 VAL A N   1 
ATOM   737  C CA  . VAL A 1 102 ? -6.176  -2.587  -2.459  1.00 21.92 ? 102 VAL A CA  1 
ATOM   738  C C   . VAL A 1 102 ? -7.471  -3.261  -2.064  1.00 22.88 ? 102 VAL A C   1 
ATOM   739  O O   . VAL A 1 102 ? -8.321  -2.660  -1.401  1.00 23.01 ? 102 VAL A O   1 
ATOM   740  C CB  . VAL A 1 102 ? -5.281  -2.351  -1.192  1.00 22.88 ? 102 VAL A CB  1 
ATOM   741  C CG1 . VAL A 1 102 ? -4.578  -3.681  -0.750  1.00 22.19 ? 102 VAL A CG1 1 
ATOM   742  C CG2 . VAL A 1 102 ? -4.236  -1.246  -1.412  1.00 20.79 ? 102 VAL A CG2 1 
ATOM   743  N N   . GLU A 1 103 ? -7.636  -4.497  -2.516  1.00 23.72 ? 103 GLU A N   1 
ATOM   744  C CA  . GLU A 1 103 ? -8.795  -5.293  -2.183  1.00 24.98 ? 103 GLU A CA  1 
ATOM   745  C C   . GLU A 1 103 ? -8.395  -6.420  -1.235  1.00 25.53 ? 103 GLU A C   1 
ATOM   746  O O   . GLU A 1 103 ? -7.335  -7.063  -1.405  1.00 25.43 ? 103 GLU A O   1 
ATOM   747  C CB  . GLU A 1 103 ? -9.445  -5.860  -3.448  1.00 25.27 ? 103 GLU A CB  1 
ATOM   748  C CG  . GLU A 1 103 ? -10.040 -4.805  -4.375  1.00 28.23 ? 103 GLU A CG  1 
ATOM   749  C CD  . GLU A 1 103 ? -10.319 -5.350  -5.777  1.00 32.90 ? 103 GLU A CD  1 
ATOM   750  O OE1 . GLU A 1 103 ? -9.503  -5.057  -6.683  1.00 33.70 ? 103 GLU A OE1 1 
ATOM   751  O OE2 . GLU A 1 103 ? -11.321 -6.097  -5.962  1.00 33.32 ? 103 GLU A OE2 1 
ATOM   752  N N   . PHE A 1 104 ? -9.253  -6.626  -0.233  1.00 25.95 ? 104 PHE A N   1 
ATOM   753  C CA  . PHE A 1 104 ? -9.132  -7.688  0.750   1.00 26.38 ? 104 PHE A CA  1 
ATOM   754  C C   . PHE A 1 104 ? -10.355 -8.568  0.643   1.00 27.61 ? 104 PHE A C   1 
ATOM   755  O O   . PHE A 1 104 ? -11.413 -8.250  1.201   1.00 28.07 ? 104 PHE A O   1 
ATOM   756  C CB  . PHE A 1 104 ? -9.060  -7.081  2.136   1.00 25.86 ? 104 PHE A CB  1 
ATOM   757  C CG  . PHE A 1 104 ? -8.079  -5.950  2.238   1.00 25.18 ? 104 PHE A CG  1 
ATOM   758  C CD1 . PHE A 1 104 ? -6.726  -6.207  2.386   1.00 23.17 ? 104 PHE A CD1 1 
ATOM   759  C CD2 . PHE A 1 104 ? -8.510  -4.633  2.170   1.00 22.65 ? 104 PHE A CD2 1 
ATOM   760  C CE1 . PHE A 1 104 ? -5.827  -5.177  2.485   1.00 22.93 ? 104 PHE A CE1 1 
ATOM   761  C CE2 . PHE A 1 104 ? -7.622  -3.610  2.252   1.00 22.83 ? 104 PHE A CE2 1 
ATOM   762  C CZ  . PHE A 1 104 ? -6.267  -3.880  2.418   1.00 23.32 ? 104 PHE A CZ  1 
ATOM   763  N N   . ILE A 1 105 ? -10.214 -9.672  -0.083  1.00 28.73 ? 105 ILE A N   1 
ATOM   764  C CA  . ILE A 1 105 ? -11.341 -10.522 -0.438  1.00 29.90 ? 105 ILE A CA  1 
ATOM   765  C C   . ILE A 1 105 ? -11.343 -11.792 0.401   1.00 30.95 ? 105 ILE A C   1 
ATOM   766  O O   . ILE A 1 105 ? -10.369 -12.546 0.414   1.00 31.16 ? 105 ILE A O   1 
ATOM   767  C CB  . ILE A 1 105 ? -11.263 -10.905 -1.948  1.00 30.28 ? 105 ILE A CB  1 
ATOM   768  C CG1 . ILE A 1 105 ? -11.305 -9.643  -2.848  1.00 29.69 ? 105 ILE A CG1 1 
ATOM   769  C CG2 . ILE A 1 105 ? -12.349 -11.949 -2.327  1.00 29.78 ? 105 ILE A CG2 1 
ATOM   770  C CD1 . ILE A 1 105 ? -10.476 -9.781  -4.149  1.00 28.51 ? 105 ILE A CD1 1 
ATOM   771  N N   A SER A 1 106 ? -12.447 -12.051 1.097   0.50 31.99 ? 106 SER A N   1 
ATOM   772  N N   B SER A 1 106 ? -12.442 -12.013 1.106   0.50 31.76 ? 106 SER A N   1 
ATOM   773  C CA  A SER A 1 106 ? -12.567 -13.257 1.933   0.50 32.95 ? 106 SER A CA  1 
ATOM   774  C CA  B SER A 1 106 ? -12.642 -13.259 1.822   0.50 32.50 ? 106 SER A CA  1 
ATOM   775  C C   A SER A 1 106 ? -12.740 -14.543 1.112   0.50 33.80 ? 106 SER A C   1 
ATOM   776  C C   B SER A 1 106 ? -12.597 -14.412 0.820   0.50 33.47 ? 106 SER A C   1 
ATOM   777  O O   A SER A 1 106 ? -13.815 -14.795 0.556   0.50 34.17 ? 106 SER A O   1 
ATOM   778  O O   B SER A 1 106 ? -13.350 -14.426 -0.168  0.50 33.50 ? 106 SER A O   1 
ATOM   779  C CB  A SER A 1 106 ? -13.725 -13.109 2.915   0.50 32.81 ? 106 SER A CB  1 
ATOM   780  C CB  B SER A 1 106 ? -13.983 -13.228 2.541   0.50 32.21 ? 106 SER A CB  1 
ATOM   781  O OG  A SER A 1 106 ? -13.769 -14.213 3.805   0.50 33.36 ? 106 SER A OG  1 
ATOM   782  O OG  B SER A 1 106 ? -14.175 -11.983 3.189   0.50 31.81 ? 106 SER A OG  1 
ATOM   783  N N   . VAL A 1 107 ? -11.677 -15.344 1.043   1.00 34.25 ? 107 VAL A N   1 
ATOM   784  C CA  . VAL A 1 107 ? -11.677 -16.596 0.289   1.00 35.24 ? 107 VAL A CA  1 
ATOM   785  C C   . VAL A 1 107 ? -12.522 -17.598 1.086   1.00 35.83 ? 107 VAL A C   1 
ATOM   786  O O   . VAL A 1 107 ? -13.477 -18.197 0.565   1.00 36.49 ? 107 VAL A O   1 
ATOM   787  C CB  . VAL A 1 107 ? -10.240 -17.129 0.040   1.00 35.42 ? 107 VAL A CB  1 
ATOM   788  C CG1 . VAL A 1 107 ? -10.262 -18.601 -0.397  1.00 36.37 ? 107 VAL A CG1 1 
ATOM   789  C CG2 . VAL A 1 107 ? -9.530  -16.289 -1.016  1.00 36.08 ? 107 VAL A CG2 1 
ATOM   790  N N   . LYS A 1 108 ? -12.150 -17.765 2.348   1.00 35.65 ? 108 LYS A N   1 
ATOM   791  C CA  . LYS A 1 108 ? -12.933 -18.510 3.321   1.00 35.66 ? 108 LYS A CA  1 
ATOM   792  C C   . LYS A 1 108 ? -12.603 -17.911 4.694   1.00 35.74 ? 108 LYS A C   1 
ATOM   793  O O   . LYS A 1 108 ? -11.985 -16.836 4.769   1.00 35.50 ? 108 LYS A O   1 
ATOM   794  C CB  . LYS A 1 108 ? -12.650 -20.016 3.241   1.00 35.73 ? 108 LYS A CB  1 
ATOM   795  C CG  . LYS A 1 108 ? -11.170 -20.408 3.079   1.00 35.55 ? 108 LYS A CG  1 
ATOM   796  C CD  . LYS A 1 108 ? -11.018 -21.928 2.979   1.00 35.26 ? 108 LYS A CD  1 
ATOM   797  C CE  . LYS A 1 108 ? -9.597  -22.353 2.608   1.00 36.44 ? 108 LYS A CE  1 
ATOM   798  N NZ  . LYS A 1 108 ? -8.566  -21.918 3.607   1.00 36.76 ? 108 LYS A NZ  1 
ATOM   799  N N   . GLU A 1 109 ? -13.037 -18.563 5.770   1.00 35.83 ? 109 GLU A N   1 
ATOM   800  C CA  . GLU A 1 109 ? -12.698 -18.090 7.111   1.00 36.01 ? 109 GLU A CA  1 
ATOM   801  C C   . GLU A 1 109 ? -11.188 -18.123 7.388   1.00 34.73 ? 109 GLU A C   1 
ATOM   802  O O   . GLU A 1 109 ? -10.497 -19.123 7.113   1.00 34.05 ? 109 GLU A O   1 
ATOM   803  C CB  . GLU A 1 109 ? -13.518 -18.792 8.205   1.00 36.89 ? 109 GLU A CB  1 
ATOM   804  C CG  . GLU A 1 109 ? -13.416 -20.303 8.260   1.00 40.92 ? 109 GLU A CG  1 
ATOM   805  C CD  . GLU A 1 109 ? -14.695 -20.953 8.810   1.00 46.48 ? 109 GLU A CD  1 
ATOM   806  O OE1 . GLU A 1 109 ? -14.850 -22.185 8.627   1.00 47.79 ? 109 GLU A OE1 1 
ATOM   807  O OE2 . GLU A 1 109 ? -15.547 -20.239 9.409   1.00 48.41 ? 109 GLU A OE2 1 
ATOM   808  N N   . ASN A 1 110 ? -10.703 -16.983 7.890   1.00 33.68 ? 110 ASN A N   1 
ATOM   809  C CA  . ASN A 1 110 ? -9.288  -16.736 8.167   1.00 32.98 ? 110 ASN A CA  1 
ATOM   810  C C   . ASN A 1 110 ? -8.381  -17.029 6.977   1.00 32.83 ? 110 ASN A C   1 
ATOM   811  O O   . ASN A 1 110 ? -7.342  -17.657 7.118   1.00 32.97 ? 110 ASN A O   1 
ATOM   812  C CB  . ASN A 1 110 ? -8.838  -17.492 9.425   1.00 32.61 ? 110 ASN A CB  1 
ATOM   813  C CG  . ASN A 1 110 ? -9.594  -17.060 10.657  1.00 32.27 ? 110 ASN A CG  1 
ATOM   814  O OD1 . ASN A 1 110 ? -10.140 -15.962 10.703  1.00 34.30 ? 110 ASN A OD1 1 
ATOM   815  N ND2 . ASN A 1 110 ? -9.642  -17.916 11.658  1.00 31.05 ? 110 ASN A ND2 1 
ATOM   816  N N   . HIS A 1 111 ? -8.801  -16.568 5.807   1.00 32.96 ? 111 HIS A N   1 
ATOM   817  C CA  . HIS A 1 111 ? -8.071  -16.743 4.545   1.00 33.51 ? 111 HIS A CA  1 
ATOM   818  C C   . HIS A 1 111 ? -8.507  -15.573 3.664   1.00 33.06 ? 111 HIS A C   1 
ATOM   819  O O   . HIS A 1 111 ? -9.662  -15.520 3.245   1.00 33.68 ? 111 HIS A O   1 
ATOM   820  C CB  . HIS A 1 111 ? -8.429  -18.089 3.873   1.00 33.22 ? 111 HIS A CB  1 
ATOM   821  C CG  . HIS A 1 111 ? -7.765  -18.319 2.542   1.00 35.49 ? 111 HIS A CG  1 
ATOM   822  N ND1 . HIS A 1 111 ? -7.562  -19.581 2.020   1.00 36.98 ? 111 HIS A ND1 1 
ATOM   823  C CD2 . HIS A 1 111 ? -7.256  -17.456 1.628   1.00 37.15 ? 111 HIS A CD2 1 
ATOM   824  C CE1 . HIS A 1 111 ? -6.963  -19.486 0.844   1.00 36.04 ? 111 HIS A CE1 1 
ATOM   825  N NE2 . HIS A 1 111 ? -6.760  -18.208 0.586   1.00 36.93 ? 111 HIS A NE2 1 
ATOM   826  N N   . THR A 1 112 ? -7.604  -14.630 3.414   1.00 32.23 ? 112 THR A N   1 
ATOM   827  C CA  . THR A 1 112 ? -7.938  -13.431 2.639   1.00 31.79 ? 112 THR A CA  1 
ATOM   828  C C   . THR A 1 112 ? -7.104  -13.324 1.373   1.00 30.95 ? 112 THR A C   1 
ATOM   829  O O   . THR A 1 112 ? -5.902  -13.591 1.383   1.00 31.08 ? 112 THR A O   1 
ATOM   830  C CB  . THR A 1 112 ? -7.771  -12.164 3.488   1.00 31.75 ? 112 THR A CB  1 
ATOM   831  O OG1 . THR A 1 112 ? -8.651  -12.253 4.615   1.00 34.26 ? 112 THR A OG1 1 
ATOM   832  C CG2 . THR A 1 112 ? -8.106  -10.897 2.697   1.00 31.61 ? 112 THR A CG2 1 
ATOM   833  N N   . LYS A 1 113 ? -7.750  -12.937 0.286   1.00 30.15 ? 113 LYS A N   1 
ATOM   834  C CA  . LYS A 1 113 ? -7.051  -12.706 -0.966  1.00 29.90 ? 113 LYS A CA  1 
ATOM   835  C C   . LYS A 1 113 ? -6.735  -11.233 -1.106  1.00 28.84 ? 113 LYS A C   1 
ATOM   836  O O   . LYS A 1 113 ? -7.635  -10.404 -1.235  1.00 28.58 ? 113 LYS A O   1 
ATOM   837  C CB  . LYS A 1 113 ? -7.891  -13.189 -2.137  1.00 30.52 ? 113 LYS A CB  1 
ATOM   838  C CG  . LYS A 1 113 ? -7.112  -13.428 -3.396  1.00 33.15 ? 113 LYS A CG  1 
ATOM   839  C CD  . LYS A 1 113 ? -8.036  -13.964 -4.473  1.00 38.54 ? 113 LYS A CD  1 
ATOM   840  C CE  . LYS A 1 113 ? -7.413  -13.774 -5.842  1.00 42.13 ? 113 LYS A CE  1 
ATOM   841  N NZ  . LYS A 1 113 ? -6.923  -12.365 -6.001  1.00 43.72 ? 113 LYS A NZ  1 
ATOM   842  N N   . LEU A 1 114 ? -5.447  -10.917 -1.036  1.00 28.05 ? 114 LEU A N   1 
ATOM   843  C CA  . LEU A 1 114 ? -4.962  -9.551  -1.207  1.00 27.12 ? 114 LEU A CA  1 
ATOM   844  C C   . LEU A 1 114 ? -4.626  -9.275  -2.681  1.00 26.26 ? 114 LEU A C   1 
ATOM   845  O O   . LEU A 1 114 ? -3.779  -9.925  -3.278  1.00 25.28 ? 114 LEU A O   1 
ATOM   846  C CB  . LEU A 1 114 ? -3.757  -9.306  -0.294  1.00 27.24 ? 114 LEU A CB  1 
ATOM   847  C CG  . LEU A 1 114 ? -3.038  -7.950  -0.224  1.00 28.34 ? 114 LEU A CG  1 
ATOM   848  C CD1 . LEU A 1 114 ? -4.022  -6.843  -0.049  1.00 29.46 ? 114 LEU A CD1 1 
ATOM   849  C CD2 . LEU A 1 114 ? -2.029  -7.932  0.936   1.00 28.82 ? 114 LEU A CD2 1 
ATOM   850  N N   . LYS A 1 115 ? -5.310  -8.293  -3.251  1.00 25.91 ? 115 LYS A N   1 
ATOM   851  C CA  . LYS A 1 115 ? -5.079  -7.892  -4.626  1.00 25.69 ? 115 LYS A CA  1 
ATOM   852  C C   . LYS A 1 115 ? -4.740  -6.407  -4.657  1.00 24.66 ? 115 LYS A C   1 
ATOM   853  O O   . LYS A 1 115 ? -5.610  -5.546  -4.438  1.00 24.88 ? 115 LYS A O   1 
ATOM   854  C CB  . LYS A 1 115 ? -6.307  -8.234  -5.494  1.00 26.06 ? 115 LYS A CB  1 
ATOM   855  C CG  . LYS A 1 115 ? -6.263  -7.706  -6.913  1.00 29.47 ? 115 LYS A CG  1 
ATOM   856  C CD  . LYS A 1 115 ? -7.390  -8.329  -7.771  1.00 35.55 ? 115 LYS A CD  1 
ATOM   857  C CE  . LYS A 1 115 ? -7.974  -7.302  -8.766  1.00 37.92 ? 115 LYS A CE  1 
ATOM   858  N NZ  . LYS A 1 115 ? -8.948  -7.888  -9.745  1.00 39.76 ? 115 LYS A NZ  1 
ATOM   859  N N   . LEU A 1 116 ? -3.466  -6.108  -4.900  1.00 22.96 ? 116 LEU A N   1 
ATOM   860  C CA  . LEU A 1 116 ? -3.039  -4.730  -5.043  1.00 22.08 ? 116 LEU A CA  1 
ATOM   861  C C   . LEU A 1 116 ? -2.862  -4.302  -6.523  1.00 21.48 ? 116 LEU A C   1 
ATOM   862  O O   . LEU A 1 116 ? -2.104  -4.931  -7.281  1.00 20.60 ? 116 LEU A O   1 
ATOM   863  C CB  . LEU A 1 116 ? -1.770  -4.467  -4.221  1.00 21.88 ? 116 LEU A CB  1 
ATOM   864  C CG  . LEU A 1 116 ? -1.339  -2.996  -4.077  1.00 23.07 ? 116 LEU A CG  1 
ATOM   865  C CD1 . LEU A 1 116 ? -0.519  -2.832  -2.828  1.00 23.44 ? 116 LEU A CD1 1 
ATOM   866  C CD2 . LEU A 1 116 ? -0.553  -2.468  -5.288  1.00 22.78 ? 116 LEU A CD2 1 
ATOM   867  N N   . THR A 1 117 ? -3.564  -3.227  -6.907  1.00 20.78 ? 117 THR A N   1 
ATOM   868  C CA  . THR A 1 117 ? -3.431  -2.625  -8.239  1.00 20.58 ? 117 THR A CA  1 
ATOM   869  C C   . THR A 1 117 ? -2.807  -1.231  -8.168  1.00 20.85 ? 117 THR A C   1 
ATOM   870  O O   . THR A 1 117 ? -3.321  -0.339  -7.487  1.00 21.33 ? 117 THR A O   1 
ATOM   871  C CB  . THR A 1 117 ? -4.791  -2.510  -9.008  1.00 20.14 ? 117 THR A CB  1 
ATOM   872  O OG1 . THR A 1 117 ? -5.549  -3.706  -8.842  1.00 20.45 ? 117 THR A OG1 1 
ATOM   873  C CG2 . THR A 1 117 ? -4.548  -2.302  -10.482 1.00 18.45 ? 117 THR A CG2 1 
ATOM   874  N N   . HIS A 1 118 ? -1.716  -1.044  -8.903  1.00 20.86 ? 118 HIS A N   1 
ATOM   875  C CA  . HIS A 1 118 ? -1.030  0.239   -8.933  1.00 21.05 ? 118 HIS A CA  1 
ATOM   876  C C   . HIS A 1 118 ? -1.083  0.760   -10.378 1.00 21.17 ? 118 HIS A C   1 
ATOM   877  O O   . HIS A 1 118 ? -0.444  0.182   -11.264 1.00 20.61 ? 118 HIS A O   1 
ATOM   878  C CB  . HIS A 1 118 ? 0.413   0.050   -8.436  1.00 20.83 ? 118 HIS A CB  1 
ATOM   879  C CG  . HIS A 1 118 ? 1.042   1.282   -7.867  1.00 21.41 ? 118 HIS A CG  1 
ATOM   880  N ND1 . HIS A 1 118 ? 2.019   1.229   -6.897  1.00 20.84 ? 118 HIS A ND1 1 
ATOM   881  C CD2 . HIS A 1 118 ? 0.832   2.601   -8.118  1.00 22.81 ? 118 HIS A CD2 1 
ATOM   882  C CE1 . HIS A 1 118 ? 2.387   2.459   -6.576  1.00 22.32 ? 118 HIS A CE1 1 
ATOM   883  N NE2 . HIS A 1 118 ? 1.677   3.309   -7.297  1.00 22.86 ? 118 HIS A NE2 1 
ATOM   884  N N   . ASN A 1 119 ? -1.882  1.813   -10.603 1.00 21.67 ? 119 ASN A N   1 
ATOM   885  C CA  . ASN A 1 119 ? -2.110  2.420   -11.938 1.00 22.24 ? 119 ASN A CA  1 
ATOM   886  C C   . ASN A 1 119 ? -1.498  3.807   -12.008 1.00 22.87 ? 119 ASN A C   1 
ATOM   887  O O   . ASN A 1 119 ? -1.187  4.404   -10.979 1.00 22.52 ? 119 ASN A O   1 
ATOM   888  C CB  . ASN A 1 119 ? -3.612  2.629   -12.235 1.00 21.95 ? 119 ASN A CB  1 
ATOM   889  C CG  . ASN A 1 119 ? -4.410  1.341   -12.276 1.00 22.25 ? 119 ASN A CG  1 
ATOM   890  O OD1 . ASN A 1 119 ? -5.377  1.194   -11.527 1.00 24.13 ? 119 ASN A OD1 1 
ATOM   891  N ND2 . ASN A 1 119 ? -4.025  0.408   -13.141 1.00 20.57 ? 119 ASN A ND2 1 
ATOM   892  N N   . ASN A 1 120 ? -1.393  4.337   -13.225 1.00 23.58 ? 120 ASN A N   1 
ATOM   893  C CA  . ASN A 1 120 ? -1.107  5.757   -13.450 1.00 24.17 ? 120 ASN A CA  1 
ATOM   894  C C   . ASN A 1 120 ? 0.221   6.148   -12.855 1.00 24.36 ? 120 ASN A C   1 
ATOM   895  O O   . ASN A 1 120 ? 0.353   7.239   -12.280 1.00 24.40 ? 120 ASN A O   1 
ATOM   896  C CB  . ASN A 1 120 ? -2.212  6.664   -12.865 1.00 24.75 ? 120 ASN A CB  1 
ATOM   897  C CG  . ASN A 1 120 ? -3.536  6.584   -13.642 1.00 25.48 ? 120 ASN A CG  1 
ATOM   898  O OD1 . ASN A 1 120 ? -3.644  5.907   -14.662 1.00 23.51 ? 120 ASN A OD1 1 
ATOM   899  N ND2 . ASN A 1 120 ? -4.548  7.289   -13.141 1.00 26.50 ? 120 ASN A ND2 1 
ATOM   900  N N   . ILE A 1 121 ? 1.185   5.237   -12.980 1.00 24.30 ? 121 ILE A N   1 
ATOM   901  C CA  . ILE A 1 121 ? 2.570   5.459   -12.579 1.00 24.64 ? 121 ILE A CA  1 
ATOM   902  C C   . ILE A 1 121 ? 3.287   6.249   -13.685 1.00 25.65 ? 121 ILE A C   1 
ATOM   903  O O   . ILE A 1 121 ? 3.344   5.796   -14.832 1.00 25.67 ? 121 ILE A O   1 
ATOM   904  C CB  . ILE A 1 121 ? 3.308   4.083   -12.331 1.00 24.27 ? 121 ILE A CB  1 
ATOM   905  C CG1 . ILE A 1 121 ? 2.632   3.288   -11.202 1.00 24.08 ? 121 ILE A CG1 1 
ATOM   906  C CG2 . ILE A 1 121 ? 4.780   4.291   -12.015 1.00 22.44 ? 121 ILE A CG2 1 
ATOM   907  C CD1 . ILE A 1 121 ? 2.898   1.793   -11.238 1.00 20.60 ? 121 ILE A CD1 1 
ATOM   908  N N   . PRO A 1 122 ? 3.856   7.419   -13.348 1.00 26.62 ? 122 PRO A N   1 
ATOM   909  C CA  . PRO A 1 122 ? 4.585   8.223   -14.348 1.00 27.40 ? 122 PRO A CA  1 
ATOM   910  C C   . PRO A 1 122 ? 5.822   7.516   -14.910 1.00 28.67 ? 122 PRO A C   1 
ATOM   911  O O   . PRO A 1 122 ? 6.382   6.606   -14.275 1.00 29.41 ? 122 PRO A O   1 
ATOM   912  C CB  . PRO A 1 122 ? 4.997   9.492   -13.576 1.00 27.43 ? 122 PRO A CB  1 
ATOM   913  C CG  . PRO A 1 122 ? 4.862   9.138   -12.106 1.00 27.82 ? 122 PRO A CG  1 
ATOM   914  C CD  . PRO A 1 122 ? 3.762   8.092   -12.037 1.00 26.93 ? 122 PRO A CD  1 
ATOM   915  N N   . ALA A 1 123 ? 6.241   7.942   -16.099 1.00 29.74 ? 123 ALA A N   1 
ATOM   916  C CA  . ALA A 1 123 ? 7.378   7.354   -16.814 1.00 30.26 ? 123 ALA A CA  1 
ATOM   917  C C   . ALA A 1 123 ? 8.685   7.744   -16.150 1.00 30.76 ? 123 ALA A C   1 
ATOM   918  O O   . ALA A 1 123 ? 9.685   7.022   -16.245 1.00 32.03 ? 123 ALA A O   1 
ATOM   919  C CB  . ALA A 1 123 ? 7.374   7.808   -18.297 1.00 30.37 ? 123 ALA A CB  1 
ATOM   920  N N   . SER A 1 124 ? 8.684   8.894   -15.484 1.00 30.56 ? 124 SER A N   1 
ATOM   921  C CA  . SER A 1 124 ? 9.867   9.357   -14.778 1.00 30.44 ? 124 SER A CA  1 
ATOM   922  C C   . SER A 1 124 ? 9.520   10.370  -13.687 1.00 30.10 ? 124 SER A C   1 
ATOM   923  O O   . SER A 1 124 ? 8.409   10.916  -13.636 1.00 29.51 ? 124 SER A O   1 
ATOM   924  C CB  . SER A 1 124 ? 10.882  9.946   -15.777 1.00 30.97 ? 124 SER A CB  1 
ATOM   925  O OG  . SER A 1 124 ? 10.344  11.087  -16.405 1.00 31.89 ? 124 SER A OG  1 
ATOM   926  N N   . ASN A 1 125 ? 10.482  10.615  -12.811 1.00 29.94 ? 125 ASN A N   1 
ATOM   927  C CA  . ASN A 1 125 ? 10.304  11.588  -11.746 1.00 30.66 ? 125 ASN A CA  1 
ATOM   928  C C   . ASN A 1 125 ? 10.584  13.004  -12.260 1.00 31.44 ? 125 ASN A C   1 
ATOM   929  O O   . ASN A 1 125 ? 10.816  13.197  -13.448 1.00 31.61 ? 125 ASN A O   1 
ATOM   930  C CB  . ASN A 1 125 ? 11.177  11.211  -10.545 1.00 30.08 ? 125 ASN A CB  1 
ATOM   931  C CG  . ASN A 1 125 ? 12.684  11.368  -10.819 1.00 30.22 ? 125 ASN A CG  1 
ATOM   932  O OD1 . ASN A 1 125 ? 13.128  11.682  -11.950 1.00 28.49 ? 125 ASN A OD1 1 
ATOM   933  N ND2 . ASN A 1 125 ? 13.485  11.144  -9.764  1.00 28.56 ? 125 ASN A ND2 1 
ATOM   934  N N   . LYS A 1 126 ? 10.577  13.986  -11.374 1.00 32.87 ? 126 LYS A N   1 
ATOM   935  C CA  . LYS A 1 126 ? 10.836  15.363  -11.770 1.00 34.73 ? 126 LYS A CA  1 
ATOM   936  C C   . LYS A 1 126 ? 12.283  15.726  -12.189 1.00 35.74 ? 126 LYS A C   1 
ATOM   937  O O   . LYS A 1 126 ? 12.525  16.853  -12.619 1.00 36.29 ? 126 LYS A O   1 
ATOM   938  C CB  . LYS A 1 126 ? 10.299  16.336  -10.722 1.00 34.64 ? 126 LYS A CB  1 
ATOM   939  C CG  . LYS A 1 126 ? 11.096  16.472  -9.469  1.00 36.03 ? 126 LYS A CG  1 
ATOM   940  C CD  . LYS A 1 126 ? 10.163  17.056  -8.411  1.00 39.46 ? 126 LYS A CD  1 
ATOM   941  C CE  . LYS A 1 126 ? 10.905  17.759  -7.299  1.00 40.97 ? 126 LYS A CE  1 
ATOM   942  N NZ  . LYS A 1 126 ? 9.994   17.908  -6.119  1.00 40.79 ? 126 LYS A NZ  1 
ATOM   943  N N   . TYR A 1 127 ? 13.223  14.786  -12.091 1.00 36.66 ? 127 TYR A N   1 
ATOM   944  C CA  . TYR A 1 127 ? 14.599  15.012  -12.555 1.00 37.40 ? 127 TYR A CA  1 
ATOM   945  C C   . TYR A 1 127 ? 14.856  14.136  -13.765 1.00 38.05 ? 127 TYR A C   1 
ATOM   946  O O   . TYR A 1 127 ? 16.012  13.868  -14.131 1.00 38.17 ? 127 TYR A O   1 
ATOM   947  C CB  . TYR A 1 127 ? 15.624  14.689  -11.469 1.00 37.33 ? 127 TYR A CB  1 
ATOM   948  C CG  . TYR A 1 127 ? 15.321  15.311  -10.122 1.00 38.76 ? 127 TYR A CG  1 
ATOM   949  C CD1 . TYR A 1 127 ? 15.647  16.649  -9.847  1.00 37.90 ? 127 TYR A CD1 1 
ATOM   950  C CD2 . TYR A 1 127 ? 14.702  14.556  -9.116  1.00 38.67 ? 127 TYR A CD2 1 
ATOM   951  C CE1 . TYR A 1 127 ? 15.364  17.210  -8.606  1.00 39.23 ? 127 TYR A CE1 1 
ATOM   952  C CE2 . TYR A 1 127 ? 14.419  15.109  -7.881  1.00 39.80 ? 127 TYR A CE2 1 
ATOM   953  C CZ  . TYR A 1 127 ? 14.750  16.429  -7.627  1.00 40.15 ? 127 TYR A CZ  1 
ATOM   954  O OH  . TYR A 1 127 ? 14.462  16.949  -6.384  1.00 41.96 ? 127 TYR A OH  1 
ATOM   955  N N   . ASN A 1 128 ? 13.755  13.681  -14.363 1.00 38.46 ? 128 ASN A N   1 
ATOM   956  C CA  . ASN A 1 128 ? 13.766  12.919  -15.613 1.00 38.87 ? 128 ASN A CA  1 
ATOM   957  C C   . ASN A 1 128 ? 14.480  11.579  -15.532 1.00 38.70 ? 128 ASN A C   1 
ATOM   958  O O   . ASN A 1 128 ? 14.985  11.062  -16.544 1.00 38.63 ? 128 ASN A O   1 
ATOM   959  C CB  . ASN A 1 128 ? 14.261  13.781  -16.779 1.00 39.15 ? 128 ASN A CB  1 
ATOM   960  C CG  . ASN A 1 128 ? 13.351  14.984  -17.029 1.00 41.27 ? 128 ASN A CG  1 
ATOM   961  O OD1 . ASN A 1 128 ? 12.123  14.844  -17.127 1.00 43.26 ? 128 ASN A OD1 1 
ATOM   962  N ND2 . ASN A 1 128 ? 13.945  16.170  -17.101 1.00 41.42 ? 128 ASN A ND2 1 
ATOM   963  N N   . GLU A 1 129 ? 14.500  11.017  -14.320 1.00 38.05 ? 129 GLU A N   1 
ATOM   964  C CA  . GLU A 1 129 ? 15.046  9.678   -14.111 1.00 37.41 ? 129 GLU A CA  1 
ATOM   965  C C   . GLU A 1 129 ? 13.927  8.674   -14.295 1.00 36.35 ? 129 GLU A C   1 
ATOM   966  O O   . GLU A 1 129 ? 12.813  8.900   -13.820 1.00 36.30 ? 129 GLU A O   1 
ATOM   967  C CB  . GLU A 1 129 ? 15.676  9.558   -12.727 1.00 37.50 ? 129 GLU A CB  1 
ATOM   968  C CG  . GLU A 1 129 ? 16.875  10.486  -12.543 1.00 38.89 ? 129 GLU A CG  1 
ATOM   969  C CD  . GLU A 1 129 ? 17.120  10.870  -11.082 1.00 41.21 ? 129 GLU A CD  1 
ATOM   970  O OE1 . GLU A 1 129 ? 16.213  10.662  -10.229 1.00 39.62 ? 129 GLU A OE1 1 
ATOM   971  O OE2 . GLU A 1 129 ? 18.231  11.384  -10.796 1.00 41.10 ? 129 GLU A OE2 1 
ATOM   972  N N   . GLY A 1 130 ? 14.224  7.582   -14.998 1.00 35.01 ? 130 GLY A N   1 
ATOM   973  C CA  . GLY A 1 130 ? 13.243  6.540   -15.267 1.00 33.11 ? 130 GLY A CA  1 
ATOM   974  C C   . GLY A 1 130 ? 13.244  5.440   -14.212 1.00 32.22 ? 130 GLY A C   1 
ATOM   975  O O   . GLY A 1 130 ? 13.681  5.652   -13.078 1.00 31.92 ? 130 GLY A O   1 
ATOM   976  N N   . GLY A 1 131 ? 12.728  4.269   -14.597 1.00 31.05 ? 131 GLY A N   1 
ATOM   977  C CA  . GLY A 1 131 ? 12.607  3.118   -13.716 1.00 29.55 ? 131 GLY A CA  1 
ATOM   978  C C   . GLY A 1 131 ? 11.665  3.267   -12.535 1.00 28.73 ? 131 GLY A C   1 
ATOM   979  O O   . GLY A 1 131 ? 11.842  2.594   -11.501 1.00 28.11 ? 131 GLY A O   1 
ATOM   980  N N   . VAL A 1 132 ? 10.649  4.115   -12.695 1.00 27.52 ? 132 VAL A N   1 
ATOM   981  C CA  . VAL A 1 132 ? 9.694   4.384   -11.622 1.00 26.95 ? 132 VAL A CA  1 
ATOM   982  C C   . VAL A 1 132 ? 8.818   3.180   -11.306 1.00 27.52 ? 132 VAL A C   1 
ATOM   983  O O   . VAL A 1 132 ? 8.519   2.914   -10.130 1.00 27.94 ? 132 VAL A O   1 
ATOM   984  C CB  . VAL A 1 132 ? 8.805   5.613   -11.917 1.00 26.80 ? 132 VAL A CB  1 
ATOM   985  C CG1 . VAL A 1 132 ? 7.846   5.856   -10.778 1.00 25.60 ? 132 VAL A CG1 1 
ATOM   986  C CG2 . VAL A 1 132 ? 9.669   6.862   -12.159 1.00 25.17 ? 132 VAL A CG2 1 
ATOM   987  N N   . LEU A 1 133 ? 8.398   2.465   -12.346 1.00 27.59 ? 133 LEU A N   1 
ATOM   988  C CA  . LEU A 1 133 ? 7.506   1.327   -12.165 1.00 28.23 ? 133 LEU A CA  1 
ATOM   989  C C   . LEU A 1 133 ? 8.170   0.242   -11.313 1.00 28.13 ? 133 LEU A C   1 
ATOM   990  O O   . LEU A 1 133 ? 7.580   -0.213  -10.351 1.00 27.98 ? 133 LEU A O   1 
ATOM   991  C CB  . LEU A 1 133 ? 6.966   0.768   -13.503 1.00 28.32 ? 133 LEU A CB  1 
ATOM   992  C CG  . LEU A 1 133 ? 5.980   -0.428  -13.413 1.00 29.93 ? 133 LEU A CG  1 
ATOM   993  C CD1 . LEU A 1 133 ? 5.116   -0.544  -14.658 1.00 32.19 ? 133 LEU A CD1 1 
ATOM   994  C CD2 . LEU A 1 133 ? 6.636   -1.792  -13.140 1.00 28.60 ? 133 LEU A CD2 1 
ATOM   995  N N   A GLU A 1 134 ? 9.383   -0.197  -11.656 0.50 28.76 ? 134 GLU A N   1 
ATOM   996  N N   B GLU A 1 134 ? 9.390   -0.125  -11.697 0.50 28.53 ? 134 GLU A N   1 
ATOM   997  C CA  A GLU A 1 134 ? 10.061  -1.216  -10.822 0.50 28.98 ? 134 GLU A CA  1 
ATOM   998  C CA  B GLU A 1 134 ? 10.234  -1.081  -10.983 0.50 28.50 ? 134 GLU A CA  1 
ATOM   999  C C   A GLU A 1 134 ? 10.274  -0.721  -9.384  0.50 28.69 ? 134 GLU A C   1 
ATOM   1000 C C   B GLU A 1 134 ? 10.384  -0.721  -9.488  0.50 28.46 ? 134 GLU A C   1 
ATOM   1001 O O   A GLU A 1 134 ? 10.130  -1.494  -8.430  0.50 28.99 ? 134 GLU A O   1 
ATOM   1002 O O   B GLU A 1 134 ? 10.287  -1.584  -8.611  0.50 28.90 ? 134 GLU A O   1 
ATOM   1003 C CB  A GLU A 1 134 ? 11.376  -1.726  -11.431 0.50 29.05 ? 134 GLU A CB  1 
ATOM   1004 C CB  B GLU A 1 134 ? 11.595  -1.144  -11.682 0.50 28.38 ? 134 GLU A CB  1 
ATOM   1005 C CG  A GLU A 1 134 ? 11.221  -2.854  -12.479 0.50 30.80 ? 134 GLU A CG  1 
ATOM   1006 C CG  B GLU A 1 134 ? 11.534  -1.611  -13.162 0.50 28.64 ? 134 GLU A CG  1 
ATOM   1007 C CD  A GLU A 1 134 ? 10.580  -4.152  -11.934 0.50 32.36 ? 134 GLU A CD  1 
ATOM   1008 C CD  B GLU A 1 134 ? 10.679  -0.722  -14.087 0.50 28.16 ? 134 GLU A CD  1 
ATOM   1009 O OE1 A GLU A 1 134 ? 9.792   -4.784  -12.687 0.50 31.81 ? 134 GLU A OE1 1 
ATOM   1010 O OE1 B GLU A 1 134 ? 10.762  0.518   -14.004 0.50 25.96 ? 134 GLU A OE1 1 
ATOM   1011 O OE2 A GLU A 1 134 ? 10.865  -4.542  -10.774 0.50 31.00 ? 134 GLU A OE2 1 
ATOM   1012 O OE2 B GLU A 1 134 ? 9.938   -1.278  -14.928 0.50 29.17 ? 134 GLU A OE2 1 
ATOM   1013 N N   . ARG A 1 135 ? 10.577  0.563   -9.226  1.00 28.13 ? 135 ARG A N   1 
ATOM   1014 C CA  . ARG A 1 135 ? 10.757  1.123   -7.891  1.00 28.01 ? 135 ARG A CA  1 
ATOM   1015 C C   . ARG A 1 135 ? 9.490   0.983   -7.037  1.00 27.71 ? 135 ARG A C   1 
ATOM   1016 O O   . ARG A 1 135 ? 9.568   0.580   -5.876  1.00 28.08 ? 135 ARG A O   1 
ATOM   1017 C CB  . ARG A 1 135 ? 11.233  2.590   -8.004  1.00 28.03 ? 135 ARG A CB  1 
ATOM   1018 C CG  . ARG A 1 135 ? 11.325  3.341   -6.699  1.00 29.74 ? 135 ARG A CG  1 
ATOM   1019 C CD  . ARG A 1 135 ? 12.335  4.471   -6.759  1.00 32.17 ? 135 ARG A CD  1 
ATOM   1020 N NE  . ARG A 1 135 ? 11.880  5.584   -7.580  1.00 32.83 ? 135 ARG A NE  1 
ATOM   1021 C CZ  . ARG A 1 135 ? 11.522  6.778   -7.114  1.00 32.73 ? 135 ARG A CZ  1 
ATOM   1022 N NH1 . ARG A 1 135 ? 11.115  7.709   -7.988  1.00 32.67 ? 135 ARG A NH1 1 
ATOM   1023 N NH2 . ARG A 1 135 ? 11.569  7.049   -5.802  1.00 28.16 ? 135 ARG A NH2 1 
ATOM   1024 N N   . CYS A 1 136 ? 8.325   1.285   -7.617  1.00 27.51 ? 136 CYS A N   1 
ATOM   1025 C CA  . CYS A 1 136 ? 7.032   1.020   -6.968  1.00 26.81 ? 136 CYS A CA  1 
ATOM   1026 C C   . CYS A 1 136 ? 6.796   -0.466  -6.669  1.00 26.47 ? 136 CYS A C   1 
ATOM   1027 O O   . CYS A 1 136 ? 6.325   -0.815  -5.579  1.00 26.64 ? 136 CYS A O   1 
ATOM   1028 C CB  . CYS A 1 136 ? 5.873   1.542   -7.818  1.00 27.07 ? 136 CYS A CB  1 
ATOM   1029 S SG  . CYS A 1 136 ? 5.881   3.310   -8.137  1.00 27.20 ? 136 CYS A SG  1 
ATOM   1030 N N   . LYS A 1 137 ? 7.121   -1.321  -7.634  1.00 25.85 ? 137 LYS A N   1 
ATOM   1031 C CA  . LYS A 1 137 ? 6.907   -2.766  -7.521  1.00 26.35 ? 137 LYS A CA  1 
ATOM   1032 C C   . LYS A 1 137 ? 7.866   -3.450  -6.507  1.00 26.49 ? 137 LYS A C   1 
ATOM   1033 O O   . LYS A 1 137 ? 7.407   -4.241  -5.675  1.00 26.31 ? 137 LYS A O   1 
ATOM   1034 C CB  . LYS A 1 137 ? 7.008   -3.413  -8.905  1.00 26.34 ? 137 LYS A CB  1 
ATOM   1035 C CG  . LYS A 1 137 ? 6.589   -4.868  -8.951  1.00 28.54 ? 137 LYS A CG  1 
ATOM   1036 C CD  . LYS A 1 137 ? 6.560   -5.389  -10.366 1.00 31.24 ? 137 LYS A CD  1 
ATOM   1037 C CE  . LYS A 1 137 ? 5.684   -6.642  -10.439 1.00 35.39 ? 137 LYS A CE  1 
ATOM   1038 N NZ  . LYS A 1 137 ? 5.095   -6.889  -11.812 1.00 36.34 ? 137 LYS A NZ  1 
ATOM   1039 N N   . ASN A 1 138 ? 9.172   -3.151  -6.573  1.00 25.96 ? 138 ASN A N   1 
ATOM   1040 C CA  . ASN A 1 138 ? 10.112  -3.604  -5.547  1.00 26.12 ? 138 ASN A CA  1 
ATOM   1041 C C   . ASN A 1 138 ? 9.731   -3.096  -4.156  1.00 25.79 ? 138 ASN A C   1 
ATOM   1042 O O   . ASN A 1 138 ? 9.829   -3.833  -3.190  1.00 25.62 ? 138 ASN A O   1 
ATOM   1043 C CB  . ASN A 1 138 ? 11.562  -3.196  -5.860  1.00 26.71 ? 138 ASN A CB  1 
ATOM   1044 C CG  . ASN A 1 138 ? 12.123  -3.868  -7.118  1.00 27.32 ? 138 ASN A CG  1 
ATOM   1045 O OD1 . ASN A 1 138 ? 11.521  -4.780  -7.686  1.00 26.47 ? 138 ASN A OD1 1 
ATOM   1046 N ND2 . ASN A 1 138 ? 13.285  -3.396  -7.559  1.00 26.68 ? 138 ASN A ND2 1 
ATOM   1047 N N   . GLY A 1 139 ? 9.282   -1.842  -4.058  1.00 25.78 ? 139 GLY A N   1 
ATOM   1048 C CA  . GLY A 1 139 ? 8.728   -1.308  -2.796  1.00 25.41 ? 139 GLY A CA  1 
ATOM   1049 C C   . GLY A 1 139 ? 7.637   -2.181  -2.164  1.00 25.43 ? 139 GLY A C   1 
ATOM   1050 O O   . GLY A 1 139 ? 7.623   -2.401  -0.950  1.00 25.92 ? 139 GLY A O   1 
ATOM   1051 N N   . TRP A 1 140 ? 6.713   -2.682  -2.981  1.00 24.90 ? 140 TRP A N   1 
ATOM   1052 C CA  . TRP A 1 140 ? 5.646   -3.526  -2.461  1.00 24.53 ? 140 TRP A CA  1 
ATOM   1053 C C   . TRP A 1 140 ? 6.128   -4.946  -2.164  1.00 25.00 ? 140 TRP A C   1 
ATOM   1054 O O   . TRP A 1 140 ? 5.900   -5.444  -1.072  1.00 24.94 ? 140 TRP A O   1 
ATOM   1055 C CB  . TRP A 1 140 ? 4.433   -3.562  -3.399  1.00 23.77 ? 140 TRP A CB  1 
ATOM   1056 C CG  . TRP A 1 140 ? 3.711   -2.244  -3.569  1.00 21.22 ? 140 TRP A CG  1 
ATOM   1057 C CD1 . TRP A 1 140 ? 3.653   -1.490  -4.707  1.00 19.69 ? 140 TRP A CD1 1 
ATOM   1058 C CD2 . TRP A 1 140 ? 2.923   -1.547  -2.583  1.00 18.75 ? 140 TRP A CD2 1 
ATOM   1059 N NE1 . TRP A 1 140 ? 2.881   -0.361  -4.492  1.00 20.21 ? 140 TRP A NE1 1 
ATOM   1060 C CE2 . TRP A 1 140 ? 2.416   -0.372  -3.206  1.00 18.25 ? 140 TRP A CE2 1 
ATOM   1061 C CE3 . TRP A 1 140 ? 2.590   -1.805  -1.250  1.00 17.36 ? 140 TRP A CE3 1 
ATOM   1062 C CZ2 . TRP A 1 140 ? 1.598   0.545   -2.540  1.00 17.54 ? 140 TRP A CZ2 1 
ATOM   1063 C CZ3 . TRP A 1 140 ? 1.777   -0.894  -0.579  1.00 18.39 ? 140 TRP A CZ3 1 
ATOM   1064 C CH2 . TRP A 1 140 ? 1.280   0.270   -1.232  1.00 18.98 ? 140 TRP A CH2 1 
ATOM   1065 N N   . THR A 1 141 ? 6.790   -5.585  -3.125  1.00 25.50 ? 141 THR A N   1 
ATOM   1066 C CA  . THR A 1 141 ? 7.172   -6.983  -2.963  1.00 27.05 ? 141 THR A CA  1 
ATOM   1067 C C   . THR A 1 141 ? 8.264   -7.154  -1.881  1.00 27.54 ? 141 THR A C   1 
ATOM   1068 O O   . THR A 1 141 ? 8.143   -8.017  -1.019  1.00 27.25 ? 141 THR A O   1 
ATOM   1069 C CB  . THR A 1 141 ? 7.600   -7.643  -4.322  1.00 27.32 ? 141 THR A CB  1 
ATOM   1070 O OG1 . THR A 1 141 ? 8.818   -7.036  -4.802  1.00 29.15 ? 141 THR A OG1 1 
ATOM   1071 C CG2 . THR A 1 141 ? 6.483   -7.505  -5.399  1.00 26.77 ? 141 THR A CG2 1 
ATOM   1072 N N   . GLN A 1 142 ? 9.276   -6.282  -1.904  1.00 28.44 ? 142 GLN A N   1 
ATOM   1073 C CA  . GLN A 1 142 ? 10.523  -6.469  -1.144  1.00 29.12 ? 142 GLN A CA  1 
ATOM   1074 C C   . GLN A 1 142 ? 10.471  -5.894  0.258   1.00 29.80 ? 142 GLN A C   1 
ATOM   1075 O O   . GLN A 1 142 ? 11.179  -6.370  1.146   1.00 30.61 ? 142 GLN A O   1 
ATOM   1076 C CB  . GLN A 1 142 ? 11.760  -5.909  -1.906  1.00 29.24 ? 142 GLN A CB  1 
ATOM   1077 C CG  . GLN A 1 142 ? 12.037  -6.510  -3.318  1.00 28.70 ? 142 GLN A CG  1 
ATOM   1078 C CD  . GLN A 1 142 ? 11.876  -8.028  -3.355  1.00 31.86 ? 142 GLN A CD  1 
ATOM   1079 O OE1 . GLN A 1 142 ? 12.572  -8.762  -2.641  1.00 34.17 ? 142 GLN A OE1 1 
ATOM   1080 N NE2 . GLN A 1 142 ? 10.951  -8.506  -4.178  1.00 32.36 ? 142 GLN A NE2 1 
ATOM   1081 N N   . ASN A 1 143 ? 9.653   -4.871  0.467   1.00 30.36 ? 143 ASN A N   1 
ATOM   1082 C CA  . ASN A 1 143 ? 9.581   -4.223  1.777   1.00 30.89 ? 143 ASN A CA  1 
ATOM   1083 C C   . ASN A 1 143 ? 8.203   -4.411  2.403   1.00 30.12 ? 143 ASN A C   1 
ATOM   1084 O O   . ASN A 1 143 ? 8.026   -5.202  3.329   1.00 29.65 ? 143 ASN A O   1 
ATOM   1085 C CB  . ASN A 1 143 ? 9.882   -2.701  1.721   1.00 31.79 ? 143 ASN A CB  1 
ATOM   1086 C CG  . ASN A 1 143 ? 11.134  -2.325  0.889   1.00 34.73 ? 143 ASN A CG  1 
ATOM   1087 O OD1 . ASN A 1 143 ? 11.215  -1.183  0.360   1.00 39.70 ? 143 ASN A OD1 1 
ATOM   1088 N ND2 . ASN A 1 143 ? 12.109  -3.238  0.790   1.00 32.68 ? 143 ASN A ND2 1 
ATOM   1089 N N   . PHE A 1 144 ? 7.232   -3.676  1.872   1.00 29.06 ? 144 PHE A N   1 
ATOM   1090 C CA  . PHE A 1 144 ? 5.898   -3.616  2.443   1.00 28.49 ? 144 PHE A CA  1 
ATOM   1091 C C   . PHE A 1 144 ? 5.173   -4.956  2.544   1.00 27.99 ? 144 PHE A C   1 
ATOM   1092 O O   . PHE A 1 144 ? 4.770   -5.370  3.637   1.00 28.40 ? 144 PHE A O   1 
ATOM   1093 C CB  . PHE A 1 144 ? 5.052   -2.638  1.650   1.00 28.63 ? 144 PHE A CB  1 
ATOM   1094 C CG  . PHE A 1 144 ? 3.845   -2.154  2.382   1.00 27.92 ? 144 PHE A CG  1 
ATOM   1095 C CD1 . PHE A 1 144 ? 3.805   -0.862  2.884   1.00 26.40 ? 144 PHE A CD1 1 
ATOM   1096 C CD2 . PHE A 1 144 ? 2.736   -2.987  2.560   1.00 27.07 ? 144 PHE A CD2 1 
ATOM   1097 C CE1 . PHE A 1 144 ? 2.666   -0.401  3.545   1.00 27.14 ? 144 PHE A CE1 1 
ATOM   1098 C CE2 . PHE A 1 144 ? 1.596   -2.532  3.224   1.00 26.37 ? 144 PHE A CE2 1 
ATOM   1099 C CZ  . PHE A 1 144 ? 1.554   -1.234  3.707   1.00 25.73 ? 144 PHE A CZ  1 
ATOM   1100 N N   . LEU A 1 145 ? 4.970   -5.619  1.414   1.00 26.92 ? 145 LEU A N   1 
ATOM   1101 C CA  . LEU A 1 145 ? 4.250   -6.897  1.442   1.00 26.48 ? 145 LEU A CA  1 
ATOM   1102 C C   . LEU A 1 145 ? 5.061   -8.002  2.116   1.00 26.59 ? 145 LEU A C   1 
ATOM   1103 O O   . LEU A 1 145 ? 4.495   -8.899  2.730   1.00 26.89 ? 145 LEU A O   1 
ATOM   1104 C CB  . LEU A 1 145 ? 3.790   -7.324  0.041   1.00 25.79 ? 145 LEU A CB  1 
ATOM   1105 C CG  . LEU A 1 145 ? 2.756   -6.410  -0.641  1.00 25.25 ? 145 LEU A CG  1 
ATOM   1106 C CD1 . LEU A 1 145 ? 2.580   -6.792  -2.093  1.00 23.70 ? 145 LEU A CD1 1 
ATOM   1107 C CD2 . LEU A 1 145 ? 1.394   -6.397  0.090   1.00 24.37 ? 145 LEU A CD2 1 
ATOM   1108 N N   . HIS A 1 146 ? 6.386   -7.930  1.995   1.00 26.52 ? 146 HIS A N   1 
ATOM   1109 C CA  . HIS A 1 146 ? 7.281   -8.859  2.653   1.00 26.04 ? 146 HIS A CA  1 
ATOM   1110 C C   . HIS A 1 146 ? 7.136   -8.809  4.170   1.00 26.10 ? 146 HIS A C   1 
ATOM   1111 O O   . HIS A 1 146 ? 7.045   -9.856  4.825   1.00 26.74 ? 146 HIS A O   1 
ATOM   1112 C CB  . HIS A 1 146 ? 8.716   -8.547  2.264   1.00 26.34 ? 146 HIS A CB  1 
ATOM   1113 C CG  . HIS A 1 146 ? 9.701   -9.556  2.757   1.00 27.28 ? 146 HIS A CG  1 
ATOM   1114 N ND1 . HIS A 1 146 ? 10.435  -9.378  3.914   1.00 26.66 ? 146 HIS A ND1 1 
ATOM   1115 C CD2 . HIS A 1 146 ? 10.055  -10.767 2.264   1.00 26.17 ? 146 HIS A CD2 1 
ATOM   1116 C CE1 . HIS A 1 146 ? 11.213  -10.429 4.098   1.00 25.57 ? 146 HIS A CE1 1 
ATOM   1117 N NE2 . HIS A 1 146 ? 10.996  -11.288 3.116   1.00 25.25 ? 146 HIS A NE2 1 
ATOM   1118 N N   . ASN A 1 147 ? 7.084   -7.602  4.723   1.00 25.63 ? 147 ASN A N   1 
ATOM   1119 C CA  . ASN A 1 147 ? 7.042   -7.435  6.167   1.00 25.83 ? 147 ASN A CA  1 
ATOM   1120 C C   . ASN A 1 147 ? 5.709   -7.807  6.820   1.00 26.71 ? 147 ASN A C   1 
ATOM   1121 O O   . ASN A 1 147 ? 5.665   -8.118  8.010   1.00 26.43 ? 147 ASN A O   1 
ATOM   1122 C CB  . ASN A 1 147 ? 7.483   -6.029  6.563   1.00 25.15 ? 147 ASN A CB  1 
ATOM   1123 C CG  . ASN A 1 147 ? 8.915   -5.742  6.178   1.00 25.25 ? 147 ASN A CG  1 
ATOM   1124 O OD1 . ASN A 1 147 ? 9.754   -6.654  6.049   1.00 25.66 ? 147 ASN A OD1 1 
ATOM   1125 N ND2 . ASN A 1 147 ? 9.210   -4.474  5.979   1.00 23.95 ? 147 ASN A ND2 1 
ATOM   1126 N N   . ILE A 1 148 ? 4.627   -7.776  6.035   1.00 27.58 ? 148 ILE A N   1 
ATOM   1127 C CA  . ILE A 1 148 ? 3.334   -8.307  6.467   1.00 28.21 ? 148 ILE A CA  1 
ATOM   1128 C C   . ILE A 1 148 ? 3.502   -9.783  6.825   1.00 28.76 ? 148 ILE A C   1 
ATOM   1129 O O   . ILE A 1 148 ? 3.039   -10.255 7.862   1.00 28.55 ? 148 ILE A O   1 
ATOM   1130 C CB  . ILE A 1 148 ? 2.242   -8.125  5.374   1.00 28.53 ? 148 ILE A CB  1 
ATOM   1131 C CG1 . ILE A 1 148 ? 1.820   -6.656  5.300   1.00 28.63 ? 148 ILE A CG1 1 
ATOM   1132 C CG2 . ILE A 1 148 ? 1.017   -9.032  5.652   1.00 28.80 ? 148 ILE A CG2 1 
ATOM   1133 C CD1 . ILE A 1 148 ? 1.168   -6.261  4.014   1.00 30.53 ? 148 ILE A CD1 1 
ATOM   1134 N N   . GLU A 1 149 ? 4.201   -10.510 5.973   1.00 29.69 ? 149 GLU A N   1 
ATOM   1135 C CA  . GLU A 1 149 ? 4.501   -11.896 6.291   1.00 30.87 ? 149 GLU A CA  1 
ATOM   1136 C C   . GLU A 1 149 ? 5.489   -12.057 7.477   1.00 30.79 ? 149 GLU A C   1 
ATOM   1137 O O   . GLU A 1 149 ? 5.165   -12.701 8.466   1.00 30.90 ? 149 GLU A O   1 
ATOM   1138 C CB  . GLU A 1 149 ? 4.999   -12.635 5.048   1.00 31.15 ? 149 GLU A CB  1 
ATOM   1139 C CG  . GLU A 1 149 ? 4.857   -14.145 5.193   1.00 33.38 ? 149 GLU A CG  1 
ATOM   1140 C CD  . GLU A 1 149 ? 5.742   -14.921 4.254   1.00 36.56 ? 149 GLU A CD  1 
ATOM   1141 O OE1 . GLU A 1 149 ? 6.414   -14.309 3.396   1.00 39.20 ? 149 GLU A OE1 1 
ATOM   1142 O OE2 . GLU A 1 149 ? 5.776   -16.157 4.382   1.00 40.43 ? 149 GLU A OE2 1 
ATOM   1143 N N   . VAL A 1 150 ? 6.666   -11.440 7.375   1.00 30.99 ? 150 VAL A N   1 
ATOM   1144 C CA  . VAL A 1 150 ? 7.801   -11.706 8.282   1.00 30.74 ? 150 VAL A CA  1 
ATOM   1145 C C   . VAL A 1 150 ? 7.815   -10.915 9.604   1.00 30.38 ? 150 VAL A C   1 
ATOM   1146 O O   . VAL A 1 150 ? 8.232   -11.452 10.634  1.00 30.93 ? 150 VAL A O   1 
ATOM   1147 C CB  . VAL A 1 150 ? 9.169   -11.516 7.538   1.00 30.96 ? 150 VAL A CB  1 
ATOM   1148 C CG1 . VAL A 1 150 ? 10.339  -11.664 8.499   1.00 31.14 ? 150 VAL A CG1 1 
ATOM   1149 C CG2 . VAL A 1 150 ? 9.299   -12.533 6.409   1.00 30.20 ? 150 VAL A CG2 1 
ATOM   1150 N N   . ILE A 1 151 ? 7.397   -9.649  9.568   1.00 29.52 ? 151 ILE A N   1 
ATOM   1151 C CA  . ILE A 1 151 ? 7.296   -8.814  10.768  1.00 28.59 ? 151 ILE A CA  1 
ATOM   1152 C C   . ILE A 1 151 ? 5.950   -9.037  11.485  1.00 28.99 ? 151 ILE A C   1 
ATOM   1153 O O   . ILE A 1 151 ? 5.903   -9.270  12.707  1.00 28.46 ? 151 ILE A O   1 
ATOM   1154 C CB  . ILE A 1 151 ? 7.412   -7.297  10.410  1.00 28.72 ? 151 ILE A CB  1 
ATOM   1155 C CG1 . ILE A 1 151 ? 8.679   -7.006  9.564   1.00 28.74 ? 151 ILE A CG1 1 
ATOM   1156 C CG2 . ILE A 1 151 ? 7.241   -6.411  11.657  1.00 25.80 ? 151 ILE A CG2 1 
ATOM   1157 C CD1 . ILE A 1 151 ? 9.899   -6.612  10.333  1.00 29.71 ? 151 ILE A CD1 1 
ATOM   1158 N N   . LEU A 1 152 ? 4.860   -8.951  10.725  1.00 28.62 ? 152 LEU A N   1 
ATOM   1159 C CA  . LEU A 1 152 ? 3.543   -9.104  11.295  1.00 29.07 ? 152 LEU A CA  1 
ATOM   1160 C C   . LEU A 1 152 ? 3.162   -10.568 11.552  1.00 29.69 ? 152 LEU A C   1 
ATOM   1161 O O   . LEU A 1 152 ? 2.173   -10.830 12.194  1.00 29.73 ? 152 LEU A O   1 
ATOM   1162 C CB  . LEU A 1 152 ? 2.490   -8.406  10.421  1.00 28.47 ? 152 LEU A CB  1 
ATOM   1163 C CG  . LEU A 1 152 ? 2.639   -6.926  10.044  1.00 27.29 ? 152 LEU A CG  1 
ATOM   1164 C CD1 . LEU A 1 152 ? 1.322   -6.461  9.441   1.00 25.52 ? 152 LEU A CD1 1 
ATOM   1165 C CD2 . LEU A 1 152 ? 3.053   -6.012  11.209  1.00 25.97 ? 152 LEU A CD2 1 
ATOM   1166 N N   . GLY A 1 153 ? 3.927   -11.513 11.028  1.00 30.75 ? 153 GLY A N   1 
ATOM   1167 C CA  . GLY A 1 153 ? 3.674   -12.917 11.273  1.00 32.42 ? 153 GLY A CA  1 
ATOM   1168 C C   . GLY A 1 153 ? 2.388   -13.435 10.650  1.00 33.96 ? 153 GLY A C   1 
ATOM   1169 O O   . GLY A 1 153 ? 1.774   -14.387 11.152  1.00 34.22 ? 153 GLY A O   1 
ATOM   1170 N N   . TYR A 1 154 ? 1.966   -12.828 9.544   1.00 34.82 ? 154 TYR A N   1 
ATOM   1171 C CA  . TYR A 1 154 ? 0.818   -13.367 8.832   1.00 35.18 ? 154 TYR A CA  1 
ATOM   1172 C C   . TYR A 1 154 ? 1.318   -14.336 7.783   1.00 35.72 ? 154 TYR A C   1 
ATOM   1173 O O   . TYR A 1 154 ? 2.060   -13.955 6.884   1.00 35.81 ? 154 TYR A O   1 
ATOM   1174 C CB  . TYR A 1 154 ? -0.029  -12.276 8.203   1.00 34.82 ? 154 TYR A CB  1 
ATOM   1175 C CG  . TYR A 1 154 ? -0.463  -11.174 9.146   1.00 34.95 ? 154 TYR A CG  1 
ATOM   1176 C CD1 . TYR A 1 154 ? -0.536  -11.374 10.527  1.00 35.53 ? 154 TYR A CD1 1 
ATOM   1177 C CD2 . TYR A 1 154 ? -0.821  -9.929  8.646   1.00 35.04 ? 154 TYR A CD2 1 
ATOM   1178 C CE1 . TYR A 1 154 ? -0.937  -10.331 11.390  1.00 37.04 ? 154 TYR A CE1 1 
ATOM   1179 C CE2 . TYR A 1 154 ? -1.226  -8.898  9.486   1.00 37.21 ? 154 TYR A CE2 1 
ATOM   1180 C CZ  . TYR A 1 154 ? -1.280  -9.098  10.853  1.00 37.10 ? 154 TYR A CZ  1 
ATOM   1181 O OH  . TYR A 1 154 ? -1.691  -8.058  11.652  1.00 37.49 ? 154 TYR A OH  1 
ATOM   1182 N N   . PRO A 1 155 ? 0.921   -15.605 7.904   1.00 36.56 ? 155 PRO A N   1 
ATOM   1183 C CA  . PRO A 1 155 ? 1.390   -16.602 6.947   1.00 36.98 ? 155 PRO A CA  1 
ATOM   1184 C C   . PRO A 1 155 ? 0.720   -16.427 5.575   1.00 37.37 ? 155 PRO A C   1 
ATOM   1185 O O   . PRO A 1 155 ? -0.469  -16.085 5.485   1.00 36.66 ? 155 PRO A O   1 
ATOM   1186 C CB  . PRO A 1 155 ? 0.989   -17.938 7.589   1.00 36.93 ? 155 PRO A CB  1 
ATOM   1187 C CG  . PRO A 1 155 ? 0.237   -17.588 8.901   1.00 36.93 ? 155 PRO A CG  1 
ATOM   1188 C CD  . PRO A 1 155 ? -0.115  -16.141 8.811   1.00 36.93 ? 155 PRO A CD  1 
ATOM   1189 N N   . LYS A 1 156 ? 1.503   -16.667 4.530   1.00 38.18 ? 156 LYS A N   1 
ATOM   1190 C CA  . LYS A 1 156 ? 1.068   -16.502 3.159   1.00 39.31 ? 156 LYS A CA  1 
ATOM   1191 C C   . LYS A 1 156 ? 1.371   -17.744 2.300   1.00 39.80 ? 156 LYS A C   1 
ATOM   1192 O O   . LYS A 1 156 ? 2.414   -18.402 2.484   1.00 39.54 ? 156 LYS A O   1 
ATOM   1193 C CB  . LYS A 1 156 ? 1.691   -15.221 2.560   1.00 39.00 ? 156 LYS A CB  1 
ATOM   1194 C CG  . LYS A 1 156 ? 2.954   -15.403 1.756   1.00 39.69 ? 156 LYS A CG  1 
ATOM   1195 C CD  . LYS A 1 156 ? 2.892   -14.599 0.456   1.00 39.05 ? 156 LYS A CD  1 
ATOM   1196 C CE  . LYS A 1 156 ? 3.899   -15.107 -0.577  1.00 39.31 ? 156 LYS A CE  1 
ATOM   1197 N NZ  . LYS A 1 156 ? 5.196   -14.382 -0.551  1.00 39.21 ? 156 LYS A NZ  1 
ATOM   1198 N N   . LYS A 1 157 ? 0.456   -18.059 1.379   1.00 40.58 ? 157 LYS A N   1 
ATOM   1199 C CA  . LYS A 1 157 ? 0.682   -19.111 0.376   1.00 41.19 ? 157 LYS A CA  1 
ATOM   1200 C C   . LYS A 1 157 ? 2.012   -18.966 -0.345  1.00 41.69 ? 157 LYS A C   1 
ATOM   1201 O O   . LYS A 1 157 ? 2.675   -19.972 -0.619  1.00 42.93 ? 157 LYS A O   1 
ATOM   1202 C CB  . LYS A 1 157 ? -0.427  -19.109 -0.664  1.00 41.25 ? 157 LYS A CB  1 
ATOM   1203 C CG  . LYS A 1 157 ? -1.522  -20.133 -0.425  1.00 41.83 ? 157 LYS A CG  1 
ATOM   1204 C CD  . LYS A 1 157 ? -2.455  -20.191 -1.621  1.00 42.05 ? 157 LYS A CD  1 
ATOM   1205 C CE  . LYS A 1 157 ? -3.130  -21.541 -1.733  1.00 41.43 ? 157 LYS A CE  1 
ATOM   1206 N NZ  . LYS A 1 157 ? -3.392  -21.863 -3.158  1.00 40.46 ? 157 LYS A NZ  1 
HETATM 1207 C C1  . IPA B 2 .   ? -0.938  3.944   3.616   1.00 28.26 ? 159 IPA A C1  1 
HETATM 1208 C C2  . IPA B 2 .   ? -1.054  3.058   2.371   1.00 28.45 ? 159 IPA A C2  1 
HETATM 1209 C C3  . IPA B 2 .   ? 0.234   2.358   1.935   1.00 26.51 ? 159 IPA A C3  1 
HETATM 1210 O O2  . IPA B 2 .   ? -2.098  2.134   2.544   1.00 29.74 ? 159 IPA A O2  1 
HETATM 1211 C C1  . IPA C 2 .   ? 2.659   -5.741  -15.946 1.00 53.04 ? 160 IPA A C1  1 
HETATM 1212 C C2  . IPA C 2 .   ? 3.173   -6.656  -14.829 1.00 54.57 ? 160 IPA A C2  1 
HETATM 1213 C C3  . IPA C 2 .   ? 2.072   -7.044  -13.826 1.00 53.02 ? 160 IPA A C3  1 
HETATM 1214 O O2  . IPA C 2 .   ? 4.260   -6.034  -14.167 1.00 53.94 ? 160 IPA A O2  1 
HETATM 1215 C C1  . GOL D 3 .   ? 13.809  -11.537 1.285   1.00 60.65 ? 161 GOL A C1  1 
HETATM 1216 O O1  . GOL D 3 .   ? 14.756  -11.725 2.324   1.00 58.39 ? 161 GOL A O1  1 
HETATM 1217 C C2  . GOL D 3 .   ? 13.526  -12.817 0.493   1.00 61.32 ? 161 GOL A C2  1 
HETATM 1218 O O2  . GOL D 3 .   ? 13.561  -12.524 -0.891  1.00 61.14 ? 161 GOL A O2  1 
HETATM 1219 C C3  . GOL D 3 .   ? 12.158  -13.385 0.875   1.00 61.73 ? 161 GOL A C3  1 
HETATM 1220 O O3  . GOL D 3 .   ? 11.583  -14.108 -0.195  1.00 62.81 ? 161 GOL A O3  1 
HETATM 1221 O O   . HOH E 4 .   ? -5.627  1.511   -8.892  1.00 17.04 ? 162 HOH A O   1 
HETATM 1222 O O   . HOH E 4 .   ? -6.765  -4.150  -6.591  1.00 20.35 ? 163 HOH A O   1 
HETATM 1223 O O   . HOH E 4 .   ? 6.706   4.801   7.087   1.00 30.71 ? 164 HOH A O   1 
HETATM 1224 O O   . HOH E 4 .   ? -12.350 -9.468  8.942   1.00 26.76 ? 165 HOH A O   1 
HETATM 1225 O O   . HOH E 4 .   ? -3.732  8.748   -10.667 1.00 20.03 ? 166 HOH A O   1 
HETATM 1226 O O   . HOH E 4 .   ? -4.664  11.221  12.381  1.00 43.69 ? 167 HOH A O   1 
HETATM 1227 O O   . HOH E 4 .   ? -5.645  14.921  6.319   1.00 16.48 ? 168 HOH A O   1 
HETATM 1228 O O   . HOH E 4 .   ? 0.709   9.991   -13.187 1.00 31.60 ? 169 HOH A O   1 
HETATM 1229 O O   . HOH E 4 .   ? 4.055   0.549   -22.050 1.00 48.10 ? 170 HOH A O   1 
HETATM 1230 O O   . HOH E 4 .   ? -2.080  2.866   -15.310 1.00 22.41 ? 171 HOH A O   1 
HETATM 1231 O O   . HOH E 4 .   ? -3.500  5.523   13.186  1.00 32.84 ? 172 HOH A O   1 
HETATM 1232 O O   . HOH E 4 .   ? 14.610  9.119   -6.843  1.00 21.27 ? 173 HOH A O   1 
HETATM 1233 O O   . HOH E 4 .   ? -1.558  12.268  -11.995 1.00 33.17 ? 174 HOH A O   1 
HETATM 1234 O O   . HOH E 4 .   ? 10.241  -1.545  14.020  1.00 33.55 ? 175 HOH A O   1 
HETATM 1235 O O   . HOH E 4 .   ? -9.972  0.987   -8.319  1.00 26.48 ? 176 HOH A O   1 
HETATM 1236 O O   . HOH E 4 .   ? 11.732  3.335   -17.406 1.00 38.02 ? 177 HOH A O   1 
HETATM 1237 O O   . HOH E 4 .   ? -11.132 15.199  4.102   1.00 38.93 ? 178 HOH A O   1 
HETATM 1238 O O   . HOH E 4 .   ? 10.858  8.508   11.733  1.00 36.98 ? 179 HOH A O   1 
HETATM 1239 O O   . HOH E 4 .   ? 9.169   13.342  -15.521 1.00 41.05 ? 180 HOH A O   1 
HETATM 1240 O O   . HOH E 4 .   ? 7.267   -18.821 4.840   1.00 35.97 ? 181 HOH A O   1 
HETATM 1241 O O   . HOH E 4 .   ? -8.636  16.528  -0.349  1.00 41.14 ? 182 HOH A O   1 
HETATM 1242 O O   . HOH E 4 .   ? 14.174  1.554   -10.730 1.00 33.15 ? 183 HOH A O   1 
HETATM 1243 O O   . HOH E 4 .   ? -18.309 -4.175  6.966   1.00 44.61 ? 184 HOH A O   1 
HETATM 1244 O O   . HOH E 4 .   ? 5.033   14.118  5.922   1.00 31.73 ? 185 HOH A O   1 
HETATM 1245 O O   . HOH E 4 .   ? 7.620   0.110   14.766  1.00 46.37 ? 186 HOH A O   1 
HETATM 1246 O O   . HOH E 4 .   ? 15.959  3.456   -10.987 1.00 31.48 ? 187 HOH A O   1 
HETATM 1247 O O   . HOH E 4 .   ? 7.910   -15.593 0.776   1.00 38.03 ? 188 HOH A O   1 
HETATM 1248 O O   . HOH E 4 .   ? 0.278   -14.886 -6.948  1.00 33.24 ? 189 HOH A O   1 
HETATM 1249 O O   . HOH E 4 .   ? 1.807   -15.203 -4.553  1.00 41.27 ? 190 HOH A O   1 
HETATM 1250 O O   . HOH E 4 .   ? -6.790  16.556  4.421   1.00 31.99 ? 191 HOH A O   1 
HETATM 1251 O O   . HOH E 4 .   ? -14.826 -10.396 0.305   1.00 40.80 ? 192 HOH A O   1 
HETATM 1252 O O   . HOH E 4 .   ? 0.173   -15.893 -1.670  1.00 29.00 ? 193 HOH A O   1 
HETATM 1253 O O   . HOH E 4 .   ? -5.978  -16.690 10.889  1.00 27.18 ? 194 HOH A O   1 
HETATM 1254 O O   . HOH E 4 .   ? -5.805  4.786   11.308  1.00 26.20 ? 195 HOH A O   1 
HETATM 1255 O O   . HOH E 4 .   ? 1.048   -7.537  14.781  1.00 44.06 ? 196 HOH A O   1 
HETATM 1256 O O   . HOH E 4 .   ? -0.713  9.378   12.267  1.00 31.14 ? 197 HOH A O   1 
HETATM 1257 O O   . HOH E 4 .   ? -17.467 -4.051  2.171   1.00 53.08 ? 198 HOH A O   1 
HETATM 1258 O O   . HOH E 4 .   ? 15.109  8.240   -9.258  1.00 22.05 ? 199 HOH A O   1 
HETATM 1259 O O   . HOH E 4 .   ? -16.252 -14.929 3.335   1.00 36.28 ? 200 HOH A O   1 
HETATM 1260 O O   . HOH E 4 .   ? -6.950  -4.686  13.531  1.00 37.25 ? 201 HOH A O   1 
HETATM 1261 O O   . HOH E 4 .   ? 11.461  -0.980  5.228   1.00 21.23 ? 202 HOH A O   1 
HETATM 1262 O O   . HOH E 4 .   ? 0.991   -11.481 -8.005  1.00 34.17 ? 203 HOH A O   1 
HETATM 1263 O O   . HOH E 4 .   ? 5.714   10.014  7.580   1.00 26.43 ? 204 HOH A O   1 
HETATM 1264 O O   . HOH E 4 .   ? 4.053   14.238  3.506   1.00 32.24 ? 205 HOH A O   1 
HETATM 1265 O O   . HOH E 4 .   ? 4.613   -9.762  -3.613  1.00 36.11 ? 206 HOH A O   1 
HETATM 1266 O O   . HOH E 4 .   ? -16.981 3.413   0.895   1.00 34.75 ? 207 HOH A O   1 
HETATM 1267 O O   . HOH E 4 .   ? -7.853  0.874   10.421  1.00 15.43 ? 208 HOH A O   1 
HETATM 1268 O O   . HOH E 4 .   ? 6.689   0.408   4.681   1.00 33.03 ? 209 HOH A O   1 
HETATM 1269 O O   . HOH E 4 .   ? 1.548   10.446  -15.711 1.00 29.38 ? 210 HOH A O   1 
HETATM 1270 O O   . HOH E 4 .   ? 10.702  -17.217 2.269   1.00 34.82 ? 211 HOH A O   1 
HETATM 1271 O O   . HOH E 4 .   ? 11.774  -3.587  5.327   1.00 31.85 ? 212 HOH A O   1 
HETATM 1272 O O   . HOH E 4 .   ? 9.962   -14.616 3.413   1.00 44.52 ? 213 HOH A O   1 
HETATM 1273 O O   . HOH E 4 .   ? -1.273  12.332  7.624   1.00 23.48 ? 214 HOH A O   1 
HETATM 1274 O O   . HOH E 4 .   ? -0.300  14.041  1.091   1.00 37.68 ? 215 HOH A O   1 
HETATM 1275 O O   . HOH E 4 .   ? -11.388 -14.330 5.033   1.00 44.40 ? 216 HOH A O   1 
HETATM 1276 O O   . HOH E 4 .   ? -15.594 -19.351 4.682   1.00 47.40 ? 217 HOH A O   1 
HETATM 1277 O O   . HOH E 4 .   ? 3.912   -10.784 1.097   1.00 27.07 ? 218 HOH A O   1 
HETATM 1278 O O   . HOH E 4 .   ? 12.471  8.035   -10.628 1.00 35.17 ? 219 HOH A O   1 
HETATM 1279 O O   . HOH E 4 .   ? 8.264   -0.027  0.904   1.00 37.77 ? 220 HOH A O   1 
# 
